data_8CS3
# 
_entry.id   8CS3 
# 
_audit_conform.dict_name       mmcif_pdbx.dic 
_audit_conform.dict_version    5.380 
_audit_conform.dict_location   http://mmcif.pdb.org/dictionaries/ascii/mmcif_pdbx.dic 
# 
loop_
_database_2.database_id 
_database_2.database_code 
_database_2.pdbx_database_accession 
_database_2.pdbx_DOI 
PDB   8CS3         pdb_00008cs3 10.2210/pdb8cs3/pdb 
WWPDB D_1000265363 ?            ?                   
# 
_pdbx_database_related.db_name        PDB 
_pdbx_database_related.details        'Different sticky end' 
_pdbx_database_related.db_id          7R96 
_pdbx_database_related.content_type   unspecified 
# 
_pdbx_database_status.status_code                     REL 
_pdbx_database_status.status_code_sf                  REL 
_pdbx_database_status.status_code_mr                  ? 
_pdbx_database_status.entry_id                        8CS3 
_pdbx_database_status.recvd_initial_deposition_date   2022-05-12 
_pdbx_database_status.SG_entry                        N 
_pdbx_database_status.deposit_site                    RCSB 
_pdbx_database_status.process_site                    RCSB 
_pdbx_database_status.status_code_cs                  ? 
_pdbx_database_status.status_code_nmr_data            ? 
_pdbx_database_status.methods_development_category    ? 
_pdbx_database_status.pdb_format_compatible           N 
# 
loop_
_audit_author.name 
_audit_author.pdbx_ordinal 
_audit_author.identifier_ORCID 
'Lu, B.'        1 0000-0001-6424-2197 
'Vecchioni, S.' 2 0000-0001-8243-650X 
'Ohayon, Y.P.'  3 0000-0001-7500-4282 
'Seeman, N.C.'  4 0000-0002-9680-4649 
'Mao, C.'       5 0000-0001-7516-8666 
'Sha, R.'       6 0000-0002-0807-734X 
# 
_citation.abstract                  ? 
_citation.abstract_id_CAS           ? 
_citation.book_id_ISBN              ? 
_citation.book_publisher            ? 
_citation.book_publisher_city       ? 
_citation.book_title                ? 
_citation.coordinate_linkage        ? 
_citation.country                   GE 
_citation.database_id_Medline       ? 
_citation.details                   ? 
_citation.id                        primary 
_citation.journal_abbrev            Angew.Chem.Int.Ed.Engl. 
_citation.journal_id_ASTM           ACIEAY 
_citation.journal_id_CSD            0179 
_citation.journal_id_ISSN           1521-3773 
_citation.journal_full              ? 
_citation.journal_issue             ? 
_citation.journal_volume            62 
_citation.language                  ? 
_citation.page_first                e202213451 
_citation.page_last                 e202213451 
_citation.title                     'Programmable 3D Hexagonal Geometry of DNA Tensegrity Triangles.' 
_citation.year                      2023 
_citation.database_id_CSD           ? 
_citation.pdbx_database_id_DOI      10.1002/anie.202213451 
_citation.pdbx_database_id_PubMed   36520622 
_citation.pdbx_database_id_patent   ? 
_citation.unpublished_flag          ? 
# 
loop_
_citation_author.citation_id 
_citation_author.name 
_citation_author.ordinal 
_citation_author.identifier_ORCID 
primary 'Lu, B.'        1 ?                   
primary 'Woloszyn, K.'  2 ?                   
primary 'Ohayon, Y.P.'  3 ?                   
primary 'Yang, B.'      4 ?                   
primary 'Zhang, C.'     5 ?                   
primary 'Mao, C.'       6 ?                   
primary 'Seeman, N.C.'  7 ?                   
primary 'Vecchioni, S.' 8 ?                   
primary 'Sha, R.'       9 0000-0002-0807-734X 
# 
_cell.angle_alpha                  90.000 
_cell.angle_alpha_esd              ? 
_cell.angle_beta                   90.000 
_cell.angle_beta_esd               ? 
_cell.angle_gamma                  120.000 
_cell.angle_gamma_esd              ? 
_cell.entry_id                     8CS3 
_cell.details                      ? 
_cell.formula_units_Z              ? 
_cell.length_a                     126.890 
_cell.length_a_esd                 ? 
_cell.length_b                     126.890 
_cell.length_b_esd                 ? 
_cell.length_c                     63.733 
_cell.length_c_esd                 ? 
_cell.volume                       888688.967 
_cell.volume_esd                   ? 
_cell.Z_PDB                        6 
_cell.reciprocal_angle_alpha       ? 
_cell.reciprocal_angle_beta        ? 
_cell.reciprocal_angle_gamma       ? 
_cell.reciprocal_angle_alpha_esd   ? 
_cell.reciprocal_angle_beta_esd    ? 
_cell.reciprocal_angle_gamma_esd   ? 
_cell.reciprocal_length_a          ? 
_cell.reciprocal_length_b          ? 
_cell.reciprocal_length_c          ? 
_cell.reciprocal_length_a_esd      ? 
_cell.reciprocal_length_b_esd      ? 
_cell.reciprocal_length_c_esd      ? 
_cell.pdbx_unique_axis             ? 
_cell.pdbx_esd_method              ? 
# 
_symmetry.entry_id                         8CS3 
_symmetry.cell_setting                     ? 
_symmetry.Int_Tables_number                173 
_symmetry.space_group_name_Hall            'P 6c' 
_symmetry.space_group_name_H-M             'P 63' 
_symmetry.pdbx_full_space_group_name_H-M   ? 
# 
loop_
_entity.id 
_entity.type 
_entity.src_method 
_entity.pdbx_description 
_entity.formula_weight 
_entity.pdbx_number_of_molecules 
_entity.pdbx_ec 
_entity.pdbx_mutation 
_entity.pdbx_fragment 
_entity.details 
1 polymer syn 
;DNA (5'-D(*CP*AP*GP*CP*AP*GP*CP*CP*TP*GP*TP*AP*CP*GP*GP*AP*CP*AP*TP*CP*A)-3')
;
6417.164 1 ? ? ? ? 
2 polymer syn 
;DNA (5'-D(P*CP*CP*GP*TP*AP*CP*A)-3')
;
2082.400 1 ? ? ? ? 
3 polymer syn 
;DNA (5'-D(P*GP*GP*CP*TP*G)-3')
;
1536.035 1 ? ? ? ? 
4 polymer syn 
;DNA (5'-D(*TP*CP*GP*TP*GP*AP*TP*GP*T)-3')
;
2761.820 1 ? ? ? ? 
# 
loop_
_entity_poly.entity_id 
_entity_poly.type 
_entity_poly.nstd_linkage 
_entity_poly.nstd_monomer 
_entity_poly.pdbx_seq_one_letter_code 
_entity_poly.pdbx_seq_one_letter_code_can 
_entity_poly.pdbx_strand_id 
_entity_poly.pdbx_target_identifier 
1 polydeoxyribonucleotide no no 
;(DC)(DA)(DG)(DC)(DA)(DG)(DC)(DC)(DT)(DG)(DT)(DA)(DC)(DG)(DG)(DA)(DC)(DA)(DT)(DC)
(DA)
;
CAGCAGCCTGTACGGACATCA A ? 
2 polydeoxyribonucleotide no no '(DC)(DC)(DG)(DT)(DA)(DC)(DA)'                                                          CCGTACA B 
? 
3 polydeoxyribonucleotide no no '(DG)(DG)(DC)(DT)(DG)'                                                                  GGCTG C ? 
4 polydeoxyribonucleotide no no '(DT)(DC)(DG)(DT)(DG)(DA)(DT)(DG)(DT)'                                                  TCGTGATGT 
D ? 
# 
loop_
_entity_poly_seq.entity_id 
_entity_poly_seq.num 
_entity_poly_seq.mon_id 
_entity_poly_seq.hetero 
1 1  DC n 
1 2  DA n 
1 3  DG n 
1 4  DC n 
1 5  DA n 
1 6  DG n 
1 7  DC n 
1 8  DC n 
1 9  DT n 
1 10 DG n 
1 11 DT n 
1 12 DA n 
1 13 DC n 
1 14 DG n 
1 15 DG n 
1 16 DA n 
1 17 DC n 
1 18 DA n 
1 19 DT n 
1 20 DC n 
1 21 DA n 
2 1  DC n 
2 2  DC n 
2 3  DG n 
2 4  DT n 
2 5  DA n 
2 6  DC n 
2 7  DA n 
3 1  DG n 
3 2  DG n 
3 3  DC n 
3 4  DT n 
3 5  DG n 
4 1  DT n 
4 2  DC n 
4 3  DG n 
4 4  DT n 
4 5  DG n 
4 6  DA n 
4 7  DT n 
4 8  DG n 
4 9  DT n 
# 
loop_
_pdbx_entity_src_syn.entity_id 
_pdbx_entity_src_syn.pdbx_src_id 
_pdbx_entity_src_syn.pdbx_alt_source_flag 
_pdbx_entity_src_syn.pdbx_beg_seq_num 
_pdbx_entity_src_syn.pdbx_end_seq_num 
_pdbx_entity_src_syn.organism_scientific 
_pdbx_entity_src_syn.organism_common_name 
_pdbx_entity_src_syn.ncbi_taxonomy_id 
_pdbx_entity_src_syn.details 
1 1 sample 1 21 'synthetic construct' ? 32630 ? 
2 1 sample 1 7  'synthetic construct' ? 32630 ? 
3 1 sample 1 5  'synthetic construct' ? 32630 ? 
4 1 sample 1 9  'synthetic construct' ? 32630 ? 
# 
loop_
_struct_ref.id 
_struct_ref.db_name 
_struct_ref.db_code 
_struct_ref.pdbx_db_accession 
_struct_ref.pdbx_db_isoform 
_struct_ref.entity_id 
_struct_ref.pdbx_seq_one_letter_code 
_struct_ref.pdbx_align_begin 
1 PDB 8CS3 8CS3 ? 1 ? 1 
2 PDB 8CS3 8CS3 ? 2 ? 1 
3 PDB 8CS3 8CS3 ? 3 ? 1 
4 PDB 8CS3 8CS3 ? 4 ? 1 
# 
loop_
_struct_ref_seq.align_id 
_struct_ref_seq.ref_id 
_struct_ref_seq.pdbx_PDB_id_code 
_struct_ref_seq.pdbx_strand_id 
_struct_ref_seq.seq_align_beg 
_struct_ref_seq.pdbx_seq_align_beg_ins_code 
_struct_ref_seq.seq_align_end 
_struct_ref_seq.pdbx_seq_align_end_ins_code 
_struct_ref_seq.pdbx_db_accession 
_struct_ref_seq.db_align_beg 
_struct_ref_seq.pdbx_db_align_beg_ins_code 
_struct_ref_seq.db_align_end 
_struct_ref_seq.pdbx_db_align_end_ins_code 
_struct_ref_seq.pdbx_auth_seq_align_beg 
_struct_ref_seq.pdbx_auth_seq_align_end 
1 1 8CS3 A 1 ? 21 ? 8CS3 101 ? 121 ? 101 121 
2 2 8CS3 B 1 ? 7  ? 8CS3 119 ? 125 ? 119 125 
3 3 8CS3 C 1 ? 5  ? 8CS3 209 ? 213 ? 209 213 
4 4 8CS3 D 1 ? 9  ? 8CS3 200 ? 208 ? 200 208 
# 
loop_
_chem_comp.id 
_chem_comp.type 
_chem_comp.mon_nstd_flag 
_chem_comp.name 
_chem_comp.pdbx_synonyms 
_chem_comp.formula 
_chem_comp.formula_weight 
DA 'DNA linking' y "2'-DEOXYADENOSINE-5'-MONOPHOSPHATE" ? 'C10 H14 N5 O6 P' 331.222 
DC 'DNA linking' y "2'-DEOXYCYTIDINE-5'-MONOPHOSPHATE"  ? 'C9 H14 N3 O7 P'  307.197 
DG 'DNA linking' y "2'-DEOXYGUANOSINE-5'-MONOPHOSPHATE" ? 'C10 H14 N5 O7 P' 347.221 
DT 'DNA linking' y "THYMIDINE-5'-MONOPHOSPHATE"         ? 'C10 H15 N2 O8 P' 322.208 
# 
_exptl.absorpt_coefficient_mu     ? 
_exptl.absorpt_correction_T_max   ? 
_exptl.absorpt_correction_T_min   ? 
_exptl.absorpt_correction_type    ? 
_exptl.absorpt_process_details    ? 
_exptl.entry_id                   8CS3 
_exptl.crystals_number            1 
_exptl.details                    ? 
_exptl.method                     'X-RAY DIFFRACTION' 
_exptl.method_details             ? 
# 
_exptl_crystal.colour                       ? 
_exptl_crystal.density_diffrn               ? 
_exptl_crystal.density_Matthews             ? 
_exptl_crystal.density_method               ? 
_exptl_crystal.density_percent_sol          ? 
_exptl_crystal.description                  ? 
_exptl_crystal.F_000                        ? 
_exptl_crystal.id                           1 
_exptl_crystal.preparation                  ? 
_exptl_crystal.size_max                     ? 
_exptl_crystal.size_mid                     ? 
_exptl_crystal.size_min                     ? 
_exptl_crystal.size_rad                     ? 
_exptl_crystal.colour_lustre                ? 
_exptl_crystal.colour_modifier              ? 
_exptl_crystal.colour_primary               ? 
_exptl_crystal.density_meas                 ? 
_exptl_crystal.density_meas_esd             ? 
_exptl_crystal.density_meas_gt              ? 
_exptl_crystal.density_meas_lt              ? 
_exptl_crystal.density_meas_temp            ? 
_exptl_crystal.density_meas_temp_esd        ? 
_exptl_crystal.density_meas_temp_gt         ? 
_exptl_crystal.density_meas_temp_lt         ? 
_exptl_crystal.pdbx_crystal_image_url       ? 
_exptl_crystal.pdbx_crystal_image_format    ? 
_exptl_crystal.pdbx_mosaicity               ? 
_exptl_crystal.pdbx_mosaicity_esd           ? 
_exptl_crystal.pdbx_mosaic_method           ? 
_exptl_crystal.pdbx_mosaic_block_size       ? 
_exptl_crystal.pdbx_mosaic_block_size_esd   ? 
# 
_exptl_crystal_grow.apparatus       ? 
_exptl_crystal_grow.atmosphere      ? 
_exptl_crystal_grow.crystal_id      1 
_exptl_crystal_grow.details         ? 
_exptl_crystal_grow.method          'VAPOR DIFFUSION, HANGING DROP' 
_exptl_crystal_grow.method_ref      ? 
_exptl_crystal_grow.pH              9.5 
_exptl_crystal_grow.pressure        ? 
_exptl_crystal_grow.pressure_esd    ? 
_exptl_crystal_grow.seeding         ? 
_exptl_crystal_grow.seeding_ref     ? 
_exptl_crystal_grow.temp            293 
_exptl_crystal_grow.temp_details    '338-293 at 0.4/hr' 
_exptl_crystal_grow.temp_esd        ? 
_exptl_crystal_grow.time            ? 
_exptl_crystal_grow.pdbx_details    '1.75 M ammonium sulfate, 120 mM Tris, 120 mM Acetic Acid, 6 mM EDTA' 
_exptl_crystal_grow.pdbx_pH_range   ? 
# 
_diffrn.ambient_environment              ? 
_diffrn.ambient_temp                     100 
_diffrn.ambient_temp_details             ? 
_diffrn.ambient_temp_esd                 ? 
_diffrn.crystal_id                       1 
_diffrn.crystal_support                  ? 
_diffrn.crystal_treatment                ? 
_diffrn.details                          ? 
_diffrn.id                               1 
_diffrn.ambient_pressure                 ? 
_diffrn.ambient_pressure_esd             ? 
_diffrn.ambient_pressure_gt              ? 
_diffrn.ambient_pressure_lt              ? 
_diffrn.ambient_temp_gt                  ? 
_diffrn.ambient_temp_lt                  ? 
_diffrn.pdbx_serial_crystal_experiment   N 
# 
_diffrn_detector.details                      ? 
_diffrn_detector.detector                     PIXEL 
_diffrn_detector.diffrn_id                    1 
_diffrn_detector.type                         'DECTRIS EIGER2 X 9M' 
_diffrn_detector.area_resol_mean              ? 
_diffrn_detector.dtime                        ? 
_diffrn_detector.pdbx_frames_total            ? 
_diffrn_detector.pdbx_collection_time_total   ? 
_diffrn_detector.pdbx_collection_date         2021-02-21 
_diffrn_detector.pdbx_frequency               ? 
# 
_diffrn_radiation.collimation                      ? 
_diffrn_radiation.diffrn_id                        1 
_diffrn_radiation.filter_edge                      ? 
_diffrn_radiation.inhomogeneity                    ? 
_diffrn_radiation.monochromator                    ? 
_diffrn_radiation.polarisn_norm                    ? 
_diffrn_radiation.polarisn_ratio                   ? 
_diffrn_radiation.probe                            ? 
_diffrn_radiation.type                             ? 
_diffrn_radiation.xray_symbol                      ? 
_diffrn_radiation.wavelength_id                    1 
_diffrn_radiation.pdbx_monochromatic_or_laue_m_l   M 
_diffrn_radiation.pdbx_wavelength_list             ? 
_diffrn_radiation.pdbx_wavelength                  ? 
_diffrn_radiation.pdbx_diffrn_protocol             'SINGLE WAVELENGTH' 
_diffrn_radiation.pdbx_analyzer                    ? 
_diffrn_radiation.pdbx_scattering_type             x-ray 
# 
_diffrn_radiation_wavelength.id           1 
_diffrn_radiation_wavelength.wavelength   1.00743 
_diffrn_radiation_wavelength.wt           1.0 
# 
_diffrn_source.current                     ? 
_diffrn_source.details                     ? 
_diffrn_source.diffrn_id                   1 
_diffrn_source.power                       ? 
_diffrn_source.size                        ? 
_diffrn_source.source                      SYNCHROTRON 
_diffrn_source.target                      ? 
_diffrn_source.type                        'APS BEAMLINE 17-ID' 
_diffrn_source.voltage                     ? 
_diffrn_source.take-off_angle              ? 
_diffrn_source.pdbx_wavelength_list        1.00743 
_diffrn_source.pdbx_wavelength             ? 
_diffrn_source.pdbx_synchrotron_beamline   17-ID 
_diffrn_source.pdbx_synchrotron_site       APS 
# 
_reflns.B_iso_Wilson_estimate                          346.93 
_reflns.entry_id                                       8CS3 
_reflns.data_reduction_details                         ? 
_reflns.data_reduction_method                          ? 
_reflns.d_resolution_high                              5.14 
_reflns.d_resolution_low                               63.45 
_reflns.details                                        ? 
_reflns.limit_h_max                                    ? 
_reflns.limit_h_min                                    ? 
_reflns.limit_k_max                                    ? 
_reflns.limit_k_min                                    ? 
_reflns.limit_l_max                                    ? 
_reflns.limit_l_min                                    ? 
_reflns.number_all                                     ? 
_reflns.number_obs                                     1910 
_reflns.observed_criterion                             ? 
_reflns.observed_criterion_F_max                       ? 
_reflns.observed_criterion_F_min                       ? 
_reflns.observed_criterion_I_max                       ? 
_reflns.observed_criterion_I_min                       ? 
_reflns.observed_criterion_sigma_F                     ? 
_reflns.observed_criterion_sigma_I                     ? 
_reflns.percent_possible_obs                           89.5 
_reflns.R_free_details                                 ? 
_reflns.Rmerge_F_all                                   ? 
_reflns.Rmerge_F_obs                                   ? 
_reflns.Friedel_coverage                               ? 
_reflns.number_gt                                      ? 
_reflns.threshold_expression                           ? 
_reflns.pdbx_redundancy                                19.5 
_reflns.pdbx_Rmerge_I_obs                              ? 
_reflns.pdbx_Rmerge_I_all                              ? 
_reflns.pdbx_Rsym_value                                ? 
_reflns.pdbx_netI_over_av_sigmaI                       ? 
_reflns.pdbx_netI_over_sigmaI                          16.0 
_reflns.pdbx_res_netI_over_av_sigmaI_2                 ? 
_reflns.pdbx_res_netI_over_sigmaI_2                    ? 
_reflns.pdbx_chi_squared                               ? 
_reflns.pdbx_scaling_rejects                           ? 
_reflns.pdbx_d_res_high_opt                            ? 
_reflns.pdbx_d_res_low_opt                             ? 
_reflns.pdbx_d_res_opt_method                          ? 
_reflns.phase_calculation_details                      ? 
_reflns.pdbx_Rrim_I_all                                ? 
_reflns.pdbx_Rpim_I_all                                ? 
_reflns.pdbx_d_opt                                     ? 
_reflns.pdbx_number_measured_all                       ? 
_reflns.pdbx_diffrn_id                                 1 
_reflns.pdbx_ordinal                                   1 
_reflns.pdbx_CC_half                                   1.000 
_reflns.pdbx_CC_star                                   ? 
_reflns.pdbx_R_split                                   ? 
_reflns.pdbx_aniso_diffraction_limit_axis_1_ortho[1]   ? 
_reflns.pdbx_aniso_diffraction_limit_axis_1_ortho[2]   ? 
_reflns.pdbx_aniso_diffraction_limit_axis_1_ortho[3]   ? 
_reflns.pdbx_aniso_diffraction_limit_axis_2_ortho[1]   ? 
_reflns.pdbx_aniso_diffraction_limit_axis_2_ortho[2]   ? 
_reflns.pdbx_aniso_diffraction_limit_axis_2_ortho[3]   ? 
_reflns.pdbx_aniso_diffraction_limit_axis_3_ortho[1]   ? 
_reflns.pdbx_aniso_diffraction_limit_axis_3_ortho[2]   ? 
_reflns.pdbx_aniso_diffraction_limit_axis_3_ortho[3]   ? 
_reflns.pdbx_aniso_diffraction_limit_1                 ? 
_reflns.pdbx_aniso_diffraction_limit_2                 ? 
_reflns.pdbx_aniso_diffraction_limit_3                 ? 
_reflns.pdbx_aniso_B_tensor_eigenvector_1_ortho[1]     ? 
_reflns.pdbx_aniso_B_tensor_eigenvector_1_ortho[2]     ? 
_reflns.pdbx_aniso_B_tensor_eigenvector_1_ortho[3]     ? 
_reflns.pdbx_aniso_B_tensor_eigenvector_2_ortho[1]     ? 
_reflns.pdbx_aniso_B_tensor_eigenvector_2_ortho[2]     ? 
_reflns.pdbx_aniso_B_tensor_eigenvector_2_ortho[3]     ? 
_reflns.pdbx_aniso_B_tensor_eigenvector_3_ortho[1]     ? 
_reflns.pdbx_aniso_B_tensor_eigenvector_3_ortho[2]     ? 
_reflns.pdbx_aniso_B_tensor_eigenvector_3_ortho[3]     ? 
_reflns.pdbx_aniso_B_tensor_eigenvalue_1               ? 
_reflns.pdbx_aniso_B_tensor_eigenvalue_2               ? 
_reflns.pdbx_aniso_B_tensor_eigenvalue_3               ? 
_reflns.pdbx_orthogonalization_convention              ? 
_reflns.pdbx_percent_possible_ellipsoidal              ? 
_reflns.pdbx_percent_possible_spherical                ? 
_reflns.pdbx_percent_possible_ellipsoidal_anomalous    ? 
_reflns.pdbx_percent_possible_spherical_anomalous      ? 
_reflns.pdbx_redundancy_anomalous                      ? 
_reflns.pdbx_CC_half_anomalous                         ? 
_reflns.pdbx_absDiff_over_sigma_anomalous              ? 
_reflns.pdbx_percent_possible_anomalous                ? 
_reflns.pdbx_observed_signal_threshold                 ? 
_reflns.pdbx_signal_type                               ? 
_reflns.pdbx_signal_details                            ? 
_reflns.pdbx_signal_software_id                        ? 
_reflns.pdbx_CC_split_method                           ? 
# 
_reflns_shell.d_res_high                                    5.14 
_reflns_shell.d_res_low                                     5.65 
_reflns_shell.meanI_over_sigI_all                           ? 
_reflns_shell.meanI_over_sigI_obs                           ? 
_reflns_shell.number_measured_all                           ? 
_reflns_shell.number_measured_obs                           ? 
_reflns_shell.number_possible                               ? 
_reflns_shell.number_unique_all                             ? 
_reflns_shell.number_unique_obs                             190 
_reflns_shell.percent_possible_all                          ? 
_reflns_shell.percent_possible_obs                          ? 
_reflns_shell.Rmerge_F_all                                  ? 
_reflns_shell.Rmerge_F_obs                                  ? 
_reflns_shell.Rmerge_I_all                                  ? 
_reflns_shell.Rmerge_I_obs                                  ? 
_reflns_shell.meanI_over_sigI_gt                            ? 
_reflns_shell.meanI_over_uI_all                             ? 
_reflns_shell.meanI_over_uI_gt                              ? 
_reflns_shell.number_measured_gt                            ? 
_reflns_shell.number_unique_gt                              ? 
_reflns_shell.percent_possible_gt                           ? 
_reflns_shell.Rmerge_F_gt                                   ? 
_reflns_shell.Rmerge_I_gt                                   ? 
_reflns_shell.pdbx_redundancy                               ? 
_reflns_shell.pdbx_Rsym_value                               ? 
_reflns_shell.pdbx_chi_squared                              ? 
_reflns_shell.pdbx_netI_over_sigmaI_all                     ? 
_reflns_shell.pdbx_netI_over_sigmaI_obs                     ? 
_reflns_shell.pdbx_Rrim_I_all                               ? 
_reflns_shell.pdbx_Rpim_I_all                               ? 
_reflns_shell.pdbx_rejects                                  ? 
_reflns_shell.pdbx_ordinal                                  1 
_reflns_shell.pdbx_diffrn_id                                1 
_reflns_shell.pdbx_CC_half                                  0.473 
_reflns_shell.pdbx_CC_star                                  ? 
_reflns_shell.pdbx_R_split                                  ? 
_reflns_shell.pdbx_percent_possible_ellipsoidal             ? 
_reflns_shell.pdbx_percent_possible_spherical               ? 
_reflns_shell.pdbx_percent_possible_ellipsoidal_anomalous   ? 
_reflns_shell.pdbx_percent_possible_spherical_anomalous     ? 
_reflns_shell.pdbx_redundancy_anomalous                     ? 
_reflns_shell.pdbx_CC_half_anomalous                        ? 
_reflns_shell.pdbx_absDiff_over_sigma_anomalous             ? 
_reflns_shell.pdbx_percent_possible_anomalous               ? 
# 
_refine.aniso_B[1][1]                            ? 
_refine.aniso_B[1][2]                            ? 
_refine.aniso_B[1][3]                            ? 
_refine.aniso_B[2][2]                            ? 
_refine.aniso_B[2][3]                            ? 
_refine.aniso_B[3][3]                            ? 
_refine.B_iso_max                                ? 
_refine.B_iso_mean                               459.41 
_refine.B_iso_min                                ? 
_refine.correlation_coeff_Fo_to_Fc               ? 
_refine.correlation_coeff_Fo_to_Fc_free          ? 
_refine.details                                  ? 
_refine.diff_density_max                         ? 
_refine.diff_density_max_esd                     ? 
_refine.diff_density_min                         ? 
_refine.diff_density_min_esd                     ? 
_refine.diff_density_rms                         ? 
_refine.diff_density_rms_esd                     ? 
_refine.entry_id                                 8CS3 
_refine.pdbx_refine_id                           'X-RAY DIFFRACTION' 
_refine.ls_abs_structure_details                 ? 
_refine.ls_abs_structure_Flack                   ? 
_refine.ls_abs_structure_Flack_esd               ? 
_refine.ls_abs_structure_Rogers                  ? 
_refine.ls_abs_structure_Rogers_esd              ? 
_refine.ls_d_res_high                            5.14 
_refine.ls_d_res_low                             63.44 
_refine.ls_extinction_coef                       ? 
_refine.ls_extinction_coef_esd                   ? 
_refine.ls_extinction_expression                 ? 
_refine.ls_extinction_method                     ? 
_refine.ls_goodness_of_fit_all                   ? 
_refine.ls_goodness_of_fit_all_esd               ? 
_refine.ls_goodness_of_fit_obs                   ? 
_refine.ls_goodness_of_fit_obs_esd               ? 
_refine.ls_hydrogen_treatment                    ? 
_refine.ls_matrix_type                           ? 
_refine.ls_number_constraints                    ? 
_refine.ls_number_parameters                     ? 
_refine.ls_number_reflns_all                     ? 
_refine.ls_number_reflns_obs                     1899 
_refine.ls_number_reflns_R_free                  117 
_refine.ls_number_reflns_R_work                  1782 
_refine.ls_number_restraints                     ? 
_refine.ls_percent_reflns_obs                    78.12 
_refine.ls_percent_reflns_R_free                 6.16 
_refine.ls_R_factor_all                          ? 
_refine.ls_R_factor_obs                          0.2546 
_refine.ls_R_factor_R_free                       0.2794 
_refine.ls_R_factor_R_free_error                 ? 
_refine.ls_R_factor_R_free_error_details         ? 
_refine.ls_R_factor_R_work                       0.2533 
_refine.ls_R_Fsqd_factor_obs                     ? 
_refine.ls_R_I_factor_obs                        ? 
_refine.ls_redundancy_reflns_all                 ? 
_refine.ls_redundancy_reflns_obs                 ? 
_refine.ls_restrained_S_all                      ? 
_refine.ls_restrained_S_obs                      ? 
_refine.ls_shift_over_esd_max                    ? 
_refine.ls_shift_over_esd_mean                   ? 
_refine.ls_structure_factor_coef                 ? 
_refine.ls_weighting_details                     ? 
_refine.ls_weighting_scheme                      ? 
_refine.ls_wR_factor_all                         ? 
_refine.ls_wR_factor_obs                         ? 
_refine.ls_wR_factor_R_free                      ? 
_refine.ls_wR_factor_R_work                      ? 
_refine.occupancy_max                            ? 
_refine.occupancy_min                            ? 
_refine.solvent_model_details                    'FLAT BULK SOLVENT MODEL' 
_refine.solvent_model_param_bsol                 ? 
_refine.solvent_model_param_ksol                 ? 
_refine.pdbx_R_complete                          ? 
_refine.ls_R_factor_gt                           ? 
_refine.ls_goodness_of_fit_gt                    ? 
_refine.ls_goodness_of_fit_ref                   ? 
_refine.ls_shift_over_su_max                     ? 
_refine.ls_shift_over_su_max_lt                  ? 
_refine.ls_shift_over_su_mean                    ? 
_refine.ls_shift_over_su_mean_lt                 ? 
_refine.pdbx_ls_sigma_I                          ? 
_refine.pdbx_ls_sigma_F                          1.38 
_refine.pdbx_ls_sigma_Fsqd                       ? 
_refine.pdbx_data_cutoff_high_absF               ? 
_refine.pdbx_data_cutoff_high_rms_absF           ? 
_refine.pdbx_data_cutoff_low_absF                ? 
_refine.pdbx_isotropic_thermal_model             ? 
_refine.pdbx_ls_cross_valid_method               'FREE R-VALUE' 
_refine.pdbx_method_to_determine_struct          'MOLECULAR REPLACEMENT' 
_refine.pdbx_starting_model                      7R96 
_refine.pdbx_stereochemistry_target_values       'GeoStd + Monomer Library + CDL v1.2' 
_refine.pdbx_R_Free_selection_details            ? 
_refine.pdbx_stereochem_target_val_spec_case     ? 
_refine.pdbx_overall_ESU_R                       ? 
_refine.pdbx_overall_ESU_R_Free                  ? 
_refine.pdbx_solvent_vdw_probe_radii             1.1100 
_refine.pdbx_solvent_ion_probe_radii             ? 
_refine.pdbx_solvent_shrinkage_radii             0.9000 
_refine.pdbx_real_space_R                        ? 
_refine.pdbx_density_correlation                 ? 
_refine.pdbx_pd_number_of_powder_patterns        ? 
_refine.pdbx_pd_number_of_points                 ? 
_refine.pdbx_pd_meas_number_of_points            ? 
_refine.pdbx_pd_proc_ls_prof_R_factor            ? 
_refine.pdbx_pd_proc_ls_prof_wR_factor           ? 
_refine.pdbx_pd_Marquardt_correlation_coeff      ? 
_refine.pdbx_pd_Fsqrd_R_factor                   ? 
_refine.pdbx_pd_ls_matrix_band_width             ? 
_refine.pdbx_overall_phase_error                 40.2073 
_refine.pdbx_overall_SU_R_free_Cruickshank_DPI   ? 
_refine.pdbx_overall_SU_R_free_Blow_DPI          ? 
_refine.pdbx_overall_SU_R_Blow_DPI               ? 
_refine.pdbx_TLS_residual_ADP_flag               ? 
_refine.pdbx_diffrn_id                           1 
_refine.overall_SU_B                             ? 
_refine.overall_SU_ML                            0.0000 
_refine.overall_SU_R_Cruickshank_DPI             ? 
_refine.overall_SU_R_free                        ? 
_refine.overall_FOM_free_R_set                   ? 
_refine.overall_FOM_work_R_set                   ? 
_refine.pdbx_average_fsc_overall                 ? 
_refine.pdbx_average_fsc_work                    ? 
_refine.pdbx_average_fsc_free                    ? 
# 
_refine_hist.pdbx_refine_id                   'X-RAY DIFFRACTION' 
_refine_hist.cycle_id                         LAST 
_refine_hist.details                          ? 
_refine_hist.d_res_high                       5.14 
_refine_hist.d_res_low                        63.44 
_refine_hist.number_atoms_solvent             0 
_refine_hist.number_atoms_total               855 
_refine_hist.number_reflns_all                ? 
_refine_hist.number_reflns_obs                ? 
_refine_hist.number_reflns_R_free             ? 
_refine_hist.number_reflns_R_work             ? 
_refine_hist.R_factor_all                     ? 
_refine_hist.R_factor_obs                     ? 
_refine_hist.R_factor_R_free                  ? 
_refine_hist.R_factor_R_work                  ? 
_refine_hist.pdbx_number_residues_total       ? 
_refine_hist.pdbx_B_iso_mean_ligand           ? 
_refine_hist.pdbx_B_iso_mean_solvent          ? 
_refine_hist.pdbx_number_atoms_protein        0 
_refine_hist.pdbx_number_atoms_nucleic_acid   855 
_refine_hist.pdbx_number_atoms_ligand         0 
_refine_hist.pdbx_number_atoms_lipid          ? 
_refine_hist.pdbx_number_atoms_carb           ? 
_refine_hist.pdbx_pseudo_atom_details         ? 
# 
loop_
_refine_ls_restr.pdbx_refine_id 
_refine_ls_restr.criterion 
_refine_ls_restr.dev_ideal 
_refine_ls_restr.dev_ideal_target 
_refine_ls_restr.number 
_refine_ls_restr.rejects 
_refine_ls_restr.type 
_refine_ls_restr.weight 
_refine_ls_restr.pdbx_restraint_function 
'X-RAY DIFFRACTION' ? 0.0104  ? 956  ? f_bond_d           ? ? 
'X-RAY DIFFRACTION' ? 1.1394  ? 1467 ? f_angle_d          ? ? 
'X-RAY DIFFRACTION' ? 0.0641  ? 166  ? f_chiral_restr     ? ? 
'X-RAY DIFFRACTION' ? 0.0064  ? 42   ? f_plane_restr      ? ? 
'X-RAY DIFFRACTION' ? 39.4702 ? 406  ? f_dihedral_angle_d ? ? 
# 
_refine_ls_shell.pdbx_refine_id                   'X-RAY DIFFRACTION' 
_refine_ls_shell.d_res_high                       5.14 
_refine_ls_shell.d_res_low                        63.44 
_refine_ls_shell.number_reflns_all                ? 
_refine_ls_shell.number_reflns_obs                ? 
_refine_ls_shell.number_reflns_R_free             117 
_refine_ls_shell.number_reflns_R_work             1782 
_refine_ls_shell.percent_reflns_obs               78.12 
_refine_ls_shell.percent_reflns_R_free            ? 
_refine_ls_shell.R_factor_all                     ? 
_refine_ls_shell.R_factor_obs                     ? 
_refine_ls_shell.R_factor_R_free                  0.2794 
_refine_ls_shell.R_factor_R_free_error            ? 
_refine_ls_shell.R_factor_R_work                  0.2533 
_refine_ls_shell.redundancy_reflns_all            ? 
_refine_ls_shell.redundancy_reflns_obs            ? 
_refine_ls_shell.wR_factor_all                    ? 
_refine_ls_shell.wR_factor_obs                    ? 
_refine_ls_shell.wR_factor_R_free                 ? 
_refine_ls_shell.wR_factor_R_work                 ? 
_refine_ls_shell.pdbx_R_complete                  ? 
_refine_ls_shell.pdbx_total_number_of_bins_used   ? 
_refine_ls_shell.pdbx_phase_error                 ? 
_refine_ls_shell.pdbx_fsc_work                    ? 
_refine_ls_shell.pdbx_fsc_free                    ? 
# 
_struct.entry_id                     8CS3 
_struct.title                        '[CAG/TCG] Self-Assembled 3D DNA Hexagonal Tensegrity Triangle' 
_struct.pdbx_model_details           ? 
_struct.pdbx_formula_weight          ? 
_struct.pdbx_formula_weight_method   ? 
_struct.pdbx_model_type_details      ? 
_struct.pdbx_CASP_flag               N 
# 
_struct_keywords.entry_id        8CS3 
_struct_keywords.text            'tensegrity triangle, synthetic construct, self-assembly, DNA' 
_struct_keywords.pdbx_keywords   DNA 
# 
loop_
_struct_asym.id 
_struct_asym.pdbx_blank_PDB_chainid_flag 
_struct_asym.pdbx_modified 
_struct_asym.entity_id 
_struct_asym.details 
A N N 1 ? 
B N N 2 ? 
C N N 3 ? 
D N N 4 ? 
# 
loop_
_struct_conn.id 
_struct_conn.conn_type_id 
_struct_conn.pdbx_leaving_atom_flag 
_struct_conn.pdbx_PDB_id 
_struct_conn.ptnr1_label_asym_id 
_struct_conn.ptnr1_label_comp_id 
_struct_conn.ptnr1_label_seq_id 
_struct_conn.ptnr1_label_atom_id 
_struct_conn.pdbx_ptnr1_label_alt_id 
_struct_conn.pdbx_ptnr1_PDB_ins_code 
_struct_conn.pdbx_ptnr1_standard_comp_id 
_struct_conn.ptnr1_symmetry 
_struct_conn.ptnr2_label_asym_id 
_struct_conn.ptnr2_label_comp_id 
_struct_conn.ptnr2_label_seq_id 
_struct_conn.ptnr2_label_atom_id 
_struct_conn.pdbx_ptnr2_label_alt_id 
_struct_conn.pdbx_ptnr2_PDB_ins_code 
_struct_conn.ptnr1_auth_asym_id 
_struct_conn.ptnr1_auth_comp_id 
_struct_conn.ptnr1_auth_seq_id 
_struct_conn.ptnr2_auth_asym_id 
_struct_conn.ptnr2_auth_comp_id 
_struct_conn.ptnr2_auth_seq_id 
_struct_conn.ptnr2_symmetry 
_struct_conn.pdbx_ptnr3_label_atom_id 
_struct_conn.pdbx_ptnr3_label_seq_id 
_struct_conn.pdbx_ptnr3_label_comp_id 
_struct_conn.pdbx_ptnr3_label_asym_id 
_struct_conn.pdbx_ptnr3_label_alt_id 
_struct_conn.pdbx_ptnr3_PDB_ins_code 
_struct_conn.details 
_struct_conn.pdbx_dist_value 
_struct_conn.pdbx_value_order 
_struct_conn.pdbx_role 
hydrog1  hydrog ? ? A DC 4  N3 ? ? ? 1_555 C DG 5 N1 ? ? A DC 104 C DG 213 1_555 ? ? ? ? ? ? WATSON-CRICK ? ? ? 
hydrog2  hydrog ? ? A DC 4  N4 ? ? ? 1_555 C DG 5 O6 ? ? A DC 104 C DG 213 1_555 ? ? ? ? ? ? WATSON-CRICK ? ? ? 
hydrog3  hydrog ? ? A DC 4  O2 ? ? ? 1_555 C DG 5 N2 ? ? A DC 104 C DG 213 1_555 ? ? ? ? ? ? WATSON-CRICK ? ? ? 
hydrog4  hydrog ? ? A DA 5  N1 ? ? ? 1_555 C DT 4 N3 ? ? A DA 105 C DT 212 1_555 ? ? ? ? ? ? WATSON-CRICK ? ? ? 
hydrog5  hydrog ? ? A DA 5  N6 ? ? ? 1_555 C DT 4 O4 ? ? A DA 105 C DT 212 1_555 ? ? ? ? ? ? WATSON-CRICK ? ? ? 
hydrog6  hydrog ? ? A DG 6  N1 ? ? ? 1_555 C DC 3 N3 ? ? A DG 106 C DC 211 1_555 ? ? ? ? ? ? WATSON-CRICK ? ? ? 
hydrog7  hydrog ? ? A DG 6  N2 ? ? ? 1_555 C DC 3 O2 ? ? A DG 106 C DC 211 1_555 ? ? ? ? ? ? WATSON-CRICK ? ? ? 
hydrog8  hydrog ? ? A DG 6  O6 ? ? ? 1_555 C DC 3 N4 ? ? A DG 106 C DC 211 1_555 ? ? ? ? ? ? WATSON-CRICK ? ? ? 
hydrog9  hydrog ? ? A DC 8  N3 ? ? ? 1_555 C DG 1 N2 ? ? A DC 108 C DG 209 1_555 ? ? ? ? ? ? 'DC-DG PAIR' ? ? ? 
hydrog10 hydrog ? ? A DT 9  N3 ? ? ? 1_555 B DA 7 N1 ? ? A DT 109 B DA 125 1_555 ? ? ? ? ? ? WATSON-CRICK ? ? ? 
hydrog11 hydrog ? ? A DT 9  O4 ? ? ? 1_555 B DA 7 N6 ? ? A DT 109 B DA 125 1_555 ? ? ? ? ? ? WATSON-CRICK ? ? ? 
hydrog12 hydrog ? ? A DG 10 N1 ? ? ? 1_555 B DC 6 N3 ? ? A DG 110 B DC 124 1_555 ? ? ? ? ? ? WATSON-CRICK ? ? ? 
hydrog13 hydrog ? ? A DG 10 N2 ? ? ? 1_555 B DC 6 O2 ? ? A DG 110 B DC 124 1_555 ? ? ? ? ? ? WATSON-CRICK ? ? ? 
hydrog14 hydrog ? ? A DG 10 O6 ? ? ? 1_555 B DC 6 N4 ? ? A DG 110 B DC 124 1_555 ? ? ? ? ? ? WATSON-CRICK ? ? ? 
hydrog15 hydrog ? ? A DT 11 N3 ? ? ? 1_555 B DA 5 N1 ? ? A DT 111 B DA 123 1_555 ? ? ? ? ? ? WATSON-CRICK ? ? ? 
hydrog16 hydrog ? ? A DT 11 O4 ? ? ? 1_555 B DA 5 N6 ? ? A DT 111 B DA 123 1_555 ? ? ? ? ? ? WATSON-CRICK ? ? ? 
hydrog17 hydrog ? ? A DA 12 N1 ? ? ? 1_555 B DT 4 N3 ? ? A DA 112 B DT 122 1_555 ? ? ? ? ? ? WATSON-CRICK ? ? ? 
hydrog18 hydrog ? ? A DA 12 N6 ? ? ? 1_555 B DT 4 O4 ? ? A DA 112 B DT 122 1_555 ? ? ? ? ? ? WATSON-CRICK ? ? ? 
hydrog19 hydrog ? ? A DC 13 N3 ? ? ? 1_555 B DG 3 N1 ? ? A DC 113 B DG 121 1_555 ? ? ? ? ? ? WATSON-CRICK ? ? ? 
hydrog20 hydrog ? ? A DC 13 N4 ? ? ? 1_555 B DG 3 O6 ? ? A DC 113 B DG 121 1_555 ? ? ? ? ? ? WATSON-CRICK ? ? ? 
hydrog21 hydrog ? ? A DC 13 O2 ? ? ? 1_555 B DG 3 N2 ? ? A DC 113 B DG 121 1_555 ? ? ? ? ? ? WATSON-CRICK ? ? ? 
hydrog22 hydrog ? ? A DG 14 N1 ? ? ? 1_555 B DC 2 N3 ? ? A DG 114 B DC 120 1_555 ? ? ? ? ? ? WATSON-CRICK ? ? ? 
hydrog23 hydrog ? ? A DG 14 N2 ? ? ? 1_555 B DC 2 O2 ? ? A DG 114 B DC 120 1_555 ? ? ? ? ? ? WATSON-CRICK ? ? ? 
hydrog24 hydrog ? ? A DG 14 O6 ? ? ? 1_555 B DC 2 N4 ? ? A DG 114 B DC 120 1_555 ? ? ? ? ? ? WATSON-CRICK ? ? ? 
hydrog25 hydrog ? ? A DG 15 N1 ? ? ? 1_555 B DC 1 N3 ? ? A DG 115 B DC 119 1_555 ? ? ? ? ? ? WATSON-CRICK ? ? ? 
hydrog26 hydrog ? ? A DG 15 N2 ? ? ? 1_555 B DC 1 O2 ? ? A DG 115 B DC 119 1_555 ? ? ? ? ? ? WATSON-CRICK ? ? ? 
hydrog27 hydrog ? ? A DG 15 O6 ? ? ? 1_555 B DC 1 N4 ? ? A DG 115 B DC 119 1_555 ? ? ? ? ? ? WATSON-CRICK ? ? ? 
hydrog28 hydrog ? ? A DA 16 N1 ? ? ? 1_555 D DT 9 N3 ? ? A DA 116 D DT 208 1_555 ? ? ? ? ? ? WATSON-CRICK ? ? ? 
hydrog29 hydrog ? ? A DA 16 N6 ? ? ? 1_555 D DT 9 O4 ? ? A DA 116 D DT 208 1_555 ? ? ? ? ? ? WATSON-CRICK ? ? ? 
hydrog30 hydrog ? ? A DC 17 N3 ? ? ? 1_555 D DG 8 N1 ? ? A DC 117 D DG 207 1_555 ? ? ? ? ? ? WATSON-CRICK ? ? ? 
hydrog31 hydrog ? ? A DC 17 N4 ? ? ? 1_555 D DG 8 O6 ? ? A DC 117 D DG 207 1_555 ? ? ? ? ? ? WATSON-CRICK ? ? ? 
hydrog32 hydrog ? ? A DC 17 O2 ? ? ? 1_555 D DG 8 N2 ? ? A DC 117 D DG 207 1_555 ? ? ? ? ? ? WATSON-CRICK ? ? ? 
hydrog33 hydrog ? ? A DA 18 N1 ? ? ? 1_555 D DT 7 N3 ? ? A DA 118 D DT 206 1_555 ? ? ? ? ? ? WATSON-CRICK ? ? ? 
hydrog34 hydrog ? ? A DA 18 N6 ? ? ? 1_555 D DT 7 O4 ? ? A DA 118 D DT 206 1_555 ? ? ? ? ? ? WATSON-CRICK ? ? ? 
hydrog35 hydrog ? ? A DT 19 N3 ? ? ? 1_555 D DA 6 N1 ? ? A DT 119 D DA 205 1_555 ? ? ? ? ? ? WATSON-CRICK ? ? ? 
hydrog36 hydrog ? ? A DT 19 O4 ? ? ? 1_555 D DA 6 N6 ? ? A DT 119 D DA 205 1_555 ? ? ? ? ? ? WATSON-CRICK ? ? ? 
hydrog37 hydrog ? ? A DC 20 N3 ? ? ? 1_555 D DG 5 N1 ? ? A DC 120 D DG 204 1_555 ? ? ? ? ? ? WATSON-CRICK ? ? ? 
hydrog38 hydrog ? ? A DC 20 N4 ? ? ? 1_555 D DG 5 O6 ? ? A DC 120 D DG 204 1_555 ? ? ? ? ? ? WATSON-CRICK ? ? ? 
hydrog39 hydrog ? ? A DC 20 O2 ? ? ? 1_555 D DG 5 N2 ? ? A DC 120 D DG 204 1_555 ? ? ? ? ? ? WATSON-CRICK ? ? ? 
hydrog40 hydrog ? ? A DA 21 N1 ? ? ? 1_555 D DT 4 N3 ? ? A DA 121 D DT 203 1_555 ? ? ? ? ? ? WATSON-CRICK ? ? ? 
hydrog41 hydrog ? ? A DA 21 N6 ? ? ? 1_555 D DT 4 O4 ? ? A DA 121 D DT 203 1_555 ? ? ? ? ? ? WATSON-CRICK ? ? ? 
# 
_struct_conn_type.id          hydrog 
_struct_conn_type.criteria    ? 
_struct_conn_type.reference   ? 
# 
_atom_sites.entry_id                    8CS3 
_atom_sites.Cartn_transf_matrix[1][1]   ? 
_atom_sites.Cartn_transf_matrix[1][2]   ? 
_atom_sites.Cartn_transf_matrix[1][3]   ? 
_atom_sites.Cartn_transf_matrix[2][1]   ? 
_atom_sites.Cartn_transf_matrix[2][2]   ? 
_atom_sites.Cartn_transf_matrix[2][3]   ? 
_atom_sites.Cartn_transf_matrix[3][1]   ? 
_atom_sites.Cartn_transf_matrix[3][2]   ? 
_atom_sites.Cartn_transf_matrix[3][3]   ? 
_atom_sites.Cartn_transf_vector[1]      ? 
_atom_sites.Cartn_transf_vector[2]      ? 
_atom_sites.Cartn_transf_vector[3]      ? 
_atom_sites.fract_transf_matrix[1][1]   0.00015740 
_atom_sites.fract_transf_matrix[1][2]   -0.00034411 
_atom_sites.fract_transf_matrix[1][3]   -0.00909228 
_atom_sites.fract_transf_matrix[2][1]   -0.00367527 
_atom_sites.fract_transf_matrix[2][2]   0.00674958 
_atom_sites.fract_transf_matrix[2][3]   -0.00487294 
_atom_sites.fract_transf_matrix[3][1]   0.01379295 
_atom_sites.fract_transf_matrix[3][2]   0.00747856 
_atom_sites.fract_transf_matrix[3][3]   -0.00004427 
_atom_sites.fract_transf_vector[1]      -0.264512 
_atom_sites.fract_transf_vector[2]      0.261912 
_atom_sites.fract_transf_vector[3]      0.224354 
_atom_sites.solution_primary            ? 
_atom_sites.solution_secondary          ? 
_atom_sites.solution_hydrogens          ? 
_atom_sites.special_details             ? 
# 
loop_
_atom_type.symbol 
_atom_type.scat_dispersion_real 
_atom_type.scat_dispersion_imag 
_atom_type.scat_Cromer_Mann_a1 
_atom_type.scat_Cromer_Mann_a2 
_atom_type.scat_Cromer_Mann_a3 
_atom_type.scat_Cromer_Mann_a4 
_atom_type.scat_Cromer_Mann_b1 
_atom_type.scat_Cromer_Mann_b2 
_atom_type.scat_Cromer_Mann_b3 
_atom_type.scat_Cromer_Mann_b4 
_atom_type.scat_Cromer_Mann_c 
_atom_type.scat_source 
_atom_type.scat_dispersion_source 
C ? ? 5.96793  ? ? ? 14.89577 ? ? ? 0.0 
;1-Gaussian fit: Grosse-Kunstleve RW, Sauter NK, Adams PD: Newsletter of the IUCr Commission on Crystallographic Computing 2004, 3, 22-31.
;
? 
N ? ? 6.96715  ? ? ? 11.43723 ? ? ? 0.0 
;1-Gaussian fit: Grosse-Kunstleve RW, Sauter NK, Adams PD: Newsletter of the IUCr Commission on Crystallographic Computing 2004, 3, 22-31.
;
? 
O ? ? 7.96527  ? ? ? 9.05267  ? ? ? 0.0 
;1-Gaussian fit: Grosse-Kunstleve RW, Sauter NK, Adams PD: Newsletter of the IUCr Commission on Crystallographic Computing 2004, 3, 22-31.
;
? 
P ? ? 14.90797 ? ? ? 11.91318 ? ? ? 0.0 
;1-Gaussian fit: Grosse-Kunstleve RW, Sauter NK, Adams PD: Newsletter of the IUCr Commission on Crystallographic Computing 2004, 3, 22-31.
;
? 
# 
loop_
_atom_site.group_PDB 
_atom_site.id 
_atom_site.type_symbol 
_atom_site.label_atom_id 
_atom_site.label_alt_id 
_atom_site.label_comp_id 
_atom_site.label_asym_id 
_atom_site.label_entity_id 
_atom_site.label_seq_id 
_atom_site.pdbx_PDB_ins_code 
_atom_site.Cartn_x 
_atom_site.Cartn_y 
_atom_site.Cartn_z 
_atom_site.occupancy 
_atom_site.B_iso_or_equiv 
_atom_site.pdbx_formal_charge 
_atom_site.auth_seq_id 
_atom_site.auth_comp_id 
_atom_site.auth_asym_id 
_atom_site.auth_atom_id 
_atom_site.pdbx_PDB_model_num 
ATOM 1   O "O5'" . DC A 1 1  ? 7.82231   20.27631  -27.15018 1.000 873.82886  ? 101 DC A "O5'" 1 
ATOM 2   C "C5'" . DC A 1 1  ? 8.16918   21.65144  -27.20853 1.000 876.32381  ? 101 DC A "C5'" 1 
ATOM 3   C "C4'" . DC A 1 1  ? 7.69301   22.27693  -28.51050 1.000 902.27131  ? 101 DC A "C4'" 1 
ATOM 4   O "O4'" . DC A 1 1  ? 8.69927   22.09344  -29.54436 1.000 915.16969  ? 101 DC A "O4'" 1 
ATOM 5   C "C3'" . DC A 1 1  ? 6.40599   21.69583  -29.08140 1.000 910.97287  ? 101 DC A "C3'" 1 
ATOM 6   O "O3'" . DC A 1 1  ? 5.27707   22.39062  -28.52100 1.000 909.57958  ? 101 DC A "O3'" 1 
ATOM 7   C "C2'" . DC A 1 1  ? 6.57581   21.97400  -30.56974 1.000 936.64269  ? 101 DC A "C2'" 1 
ATOM 8   C "C1'" . DC A 1 1  ? 8.07694   21.74399  -30.77053 1.000 936.34703  ? 101 DC A "C1'" 1 
ATOM 9   N N1    . DC A 1 1  ? 8.53639   20.31004  -31.14890 1.000 492.76071  ? 101 DC A N1    1 
ATOM 10  C C2    . DC A 1 1  ? 7.63856   19.30759  -31.62603 1.000 501.52610  ? 101 DC A C2    1 
ATOM 11  O O2    . DC A 1 1  ? 6.43222   19.54203  -31.76418 1.000 503.39324  ? 101 DC A O2    1 
ATOM 12  N N3    . DC A 1 1  ? 8.14178   18.07785  -31.92625 1.000 508.38836  ? 101 DC A N3    1 
ATOM 13  C C4    . DC A 1 1  ? 9.44268   17.81888  -31.78027 1.000 506.83393  ? 101 DC A C4    1 
ATOM 14  N N4    . DC A 1 1  ? 9.88267   16.59603  -32.10197 1.000 514.65960  ? 101 DC A N4    1 
ATOM 15  C C5    . DC A 1 1  ? 10.35310  18.80421  -31.31393 1.000 498.25812  ? 101 DC A C5    1 
ATOM 16  C C6    . DC A 1 1  ? 9.86626   20.01441  -31.01629 1.000 491.60970  ? 101 DC A C6    1 
ATOM 17  P P     . DA A 1 2  ? 3.81409   22.34618  -29.19876 1.000 993.56699  ? 102 DA A P     1 
ATOM 18  O OP1   . DA A 1 2  ? 3.82599   23.11063  -30.46519 1.000 1017.60095 ? 102 DA A OP1   1 
ATOM 19  O OP2   . DA A 1 2  ? 2.88140   22.77533  -28.13665 1.000 979.53103  ? 102 DA A OP2   1 
ATOM 20  O "O5'" . DA A 1 2  ? 3.52462   20.79457  -29.48778 1.000 989.70713  ? 102 DA A "O5'" 1 
ATOM 21  C "C5'" . DA A 1 2  ? 2.37786   20.42302  -30.26886 1.000 1000.39110 ? 102 DA A "C5'" 1 
ATOM 22  C "C4'" . DA A 1 2  ? 1.95190   18.98809  -29.99117 1.000 994.19261  ? 102 DA A "C4'" 1 
ATOM 23  O "O4'" . DA A 1 2  ? 3.00134   18.08505  -30.40196 1.000 999.82209  ? 102 DA A "O4'" 1 
ATOM 24  C "C3'" . DA A 1 2  ? 1.62167   18.68422  -28.53439 1.000 970.08981  ? 102 DA A "C3'" 1 
ATOM 25  O "O3'" . DA A 1 2  ? 0.20581   18.51904  -28.39641 1.000 966.62255  ? 102 DA A "O3'" 1 
ATOM 26  C "C2'" . DA A 1 2  ? 2.36794   17.38521  -28.20688 1.000 968.03931  ? 102 DA A "C2'" 1 
ATOM 27  C "C1'" . DA A 1 2  ? 3.28022   17.12440  -29.40538 1.000 983.06470  ? 102 DA A "C1'" 1 
ATOM 28  N N9    . DA A 1 2  ? 4.71255   17.19147  -29.10304 1.000 593.36857  ? 102 DA A N9    1 
ATOM 29  C C8    . DA A 1 2  ? 5.40460   18.28014  -28.64452 1.000 585.23415  ? 102 DA A C8    1 
ATOM 30  N N7    . DA A 1 2  ? 6.69079   18.06308  -28.48163 1.000 581.71959  ? 102 DA A N7    1 
ATOM 31  C C5    . DA A 1 2  ? 6.86201   16.74551  -28.87660 1.000 588.18607  ? 102 DA A C5    1 
ATOM 32  C C6    . DA A 1 2  ? 8.00276   15.90945  -28.93501 1.000 589.00370  ? 102 DA A C6    1 
ATOM 33  N N6    . DA A 1 2  ? 9.23084   16.30764  -28.59381 1.000 583.22882  ? 102 DA A N6    1 
ATOM 34  N N1    . DA A 1 2  ? 7.82790   14.64807  -29.36614 1.000 596.82819  ? 102 DA A N1    1 
ATOM 35  C C2    . DA A 1 2  ? 6.59918   14.24686  -29.70473 1.000 603.23621  ? 102 DA A C2    1 
ATOM 36  N N3    . DA A 1 2  ? 5.45451   14.93556  -29.69827 1.000 603.47054  ? 102 DA A N3    1 
ATOM 37  C C4    . DA A 1 2  ? 5.65801   16.19195  -29.26677 1.000 595.53227  ? 102 DA A C4    1 
ATOM 38  P P     . DG A 1 3  ? -0.46093  18.28916  -26.95123 1.000 801.20495  ? 103 DG A P     1 
ATOM 39  O OP1   . DG A 1 3  ? -1.89885  18.62937  -27.05648 1.000 800.02218  ? 103 DG A OP1   1 
ATOM 40  O OP2   . DG A 1 3  ? 0.38696   18.96479  -25.94295 1.000 785.61326  ? 103 DG A OP2   1 
ATOM 41  O "O5'" . DG A 1 3  ? -0.33747  16.71382  -26.71972 1.000 798.85106  ? 103 DG A "O5'" 1 
ATOM 42  C "C5'" . DG A 1 3  ? -0.94604  15.81837  -27.63064 1.000 811.85492  ? 103 DG A "C5'" 1 
ATOM 43  C "C4'" . DG A 1 3  ? -0.36755  14.42807  -27.47456 1.000 814.50454  ? 103 DG A "C4'" 1 
ATOM 44  O "O4'" . DG A 1 3  ? 1.07308   14.47972  -27.63254 1.000 818.55094  ? 103 DG A "O4'" 1 
ATOM 45  C "C3'" . DG A 1 3  ? -0.63382  13.76735  -26.11925 1.000 794.70782  ? 103 DG A "C3'" 1 
ATOM 46  O "O3'" . DG A 1 3  ? -1.40904  12.55014  -26.26964 1.000 795.34842  ? 103 DG A "O3'" 1 
ATOM 47  C "C2'" . DG A 1 3  ? 0.75615   13.51923  -25.51930 1.000 786.85241  ? 103 DG A "C2'" 1 
ATOM 48  C "C1'" . DG A 1 3  ? 1.67872   13.58644  -26.73026 1.000 804.68509  ? 103 DG A "C1'" 1 
ATOM 49  N N9    . DG A 1 3  ? 3.01178   14.08712  -26.40384 1.000 449.25063  ? 103 DG A N9    1 
ATOM 50  C C8    . DG A 1 3  ? 3.32232   15.33468  -25.91980 1.000 441.26202  ? 103 DG A C8    1 
ATOM 51  N N7    . DG A 1 3  ? 4.59759   15.51393  -25.71576 1.000 437.95731  ? 103 DG A N7    1 
ATOM 52  C C5    . DG A 1 3  ? 5.17507   14.30177  -26.07423 1.000 443.67475  ? 103 DG A C5    1 
ATOM 53  C C6    . DG A 1 3  ? 6.53544   13.90153  -26.06152 1.000 444.01994  ? 103 DG A C6    1 
ATOM 54  O O6    . DG A 1 3  ? 7.52564   14.56722  -25.71460 1.000 438.96735  ? 103 DG A O6    1 
ATOM 55  N N1    . DG A 1 3  ? 6.69332   12.58647  -26.51286 1.000 451.96997  ? 103 DG A N1    1 
ATOM 56  C C2    . DG A 1 3  ? 5.66078   11.76629  -26.91665 1.000 458.64692  ? 103 DG A C2    1 
ATOM 57  N N2    . DG A 1 3  ? 5.99885   10.52911  -27.31576 1.000 466.80451  ? 103 DG A N2    1 
ATOM 58  N N3    . DG A 1 3  ? 4.38202   12.13260  -26.93278 1.000 458.50128  ? 103 DG A N3    1 
ATOM 59  C C4    . DG A 1 3  ? 4.21416   13.40857  -26.49953 1.000 450.65403  ? 103 DG A C4    1 
ATOM 60  P P     . DC A 1 4  ? -0.87960  11.28279  -27.11515 1.000 454.17712  ? 104 DC A P     1 
ATOM 61  O OP1   . DC A 1 4  ? -0.27321  11.67332  -28.40490 1.000 478.77233  ? 104 DC A OP1   1 
ATOM 62  O OP2   . DC A 1 4  ? -2.00566  10.32751  -27.13402 1.000 451.07843  ? 104 DC A OP2   1 
ATOM 63  O "O5'" . DC A 1 4  ? 0.26355   10.64014  -26.21348 1.000 435.76448  ? 104 DC A "O5'" 1 
ATOM 64  C "C5'" . DC A 1 4  ? 1.00623   9.54261   -26.71188 1.000 437.70931  ? 104 DC A "C5'" 1 
ATOM 65  C "C4'" . DC A 1 4  ? 1.83223   8.93240   -25.60685 1.000 417.92160  ? 104 DC A "C4'" 1 
ATOM 66  O "O4'" . DC A 1 4  ? 2.99411   9.75568   -25.38610 1.000 418.31998  ? 104 DC A "O4'" 1 
ATOM 67  C "C3'" . DC A 1 4  ? 1.11553   8.88120   -24.25542 1.000 397.17764  ? 104 DC A "C3'" 1 
ATOM 68  O "O3'" . DC A 1 4  ? 0.58038   7.55380   -23.92228 1.000 387.16217  ? 104 DC A "O3'" 1 
ATOM 69  C "C2'" . DC A 1 4  ? 2.16231   9.35075   -23.23983 1.000 384.98401  ? 104 DC A "C2'" 1 
ATOM 70  C "C1'" . DC A 1 4  ? 3.42677   9.53354   -24.07766 1.000 400.04600  ? 104 DC A "C1'" 1 
ATOM 71  N N1    . DC A 1 4  ? 4.24793   10.68193  -23.62060 1.000 398.62402  ? 104 DC A N1    1 
ATOM 72  C C2    . DC A 1 4  ? 5.63707   10.54552  -23.51438 1.000 401.20950  ? 104 DC A C2    1 
ATOM 73  O O2    . DC A 1 4  ? 6.16999   9.47393   -23.84991 1.000 407.39385  ? 104 DC A O2    1 
ATOM 74  N N3    . DC A 1 4  ? 6.36137   11.60282  -23.06308 1.000 401.28108  ? 104 DC A N3    1 
ATOM 75  C C4    . DC A 1 4  ? 5.74989   12.74195  -22.71487 1.000 395.71861  ? 104 DC A C4    1 
ATOM 76  N N4    . DC A 1 4  ? 6.50939   13.75383  -22.27620 1.000 397.44007  ? 104 DC A N4    1 
ATOM 77  C C5    . DC A 1 4  ? 4.33520   12.89085  -22.80296 1.000 394.92575  ? 104 DC A C5    1 
ATOM 78  C C6    . DC A 1 4  ? 3.63064   11.84414  -23.24861 1.000 397.15619  ? 104 DC A C6    1 
ATOM 79  P P     . DA A 1 5  ? 1.10513   6.17064   -24.57711 1.000 456.65292  ? 105 DA A P     1 
ATOM 80  O OP1   . DA A 1 5  ? 0.89581   6.14637   -26.04422 1.000 476.45672  ? 105 DA A OP1   1 
ATOM 81  O OP2   . DA A 1 5  ? 0.44533   5.10227   -23.79420 1.000 439.19153  ? 105 DA A OP2   1 
ATOM 82  O "O5'" . DA A 1 5  ? 2.66822   6.08589   -24.21267 1.000 453.93085  ? 105 DA A "O5'" 1 
ATOM 83  C "C5'" . DA A 1 5  ? 3.46110   5.03131   -24.79600 1.000 458.84207  ? 105 DA A "C5'" 1 
ATOM 84  C "C4'" . DA A 1 5  ? 4.67392   4.64871   -23.94030 1.000 443.77405  ? 105 DA A "C4'" 1 
ATOM 85  O "O4'" . DA A 1 5  ? 5.28704   5.82796   -23.35657 1.000 439.37722  ? 105 DA A "O4'" 1 
ATOM 86  C "C3'" . DA A 1 5  ? 4.40848   3.68205   -22.78315 1.000 424.56022  ? 105 DA A "C3'" 1 
ATOM 87  O "O3'" . DA A 1 5  ? 5.43081   2.67908   -22.75504 1.000 419.81390  ? 105 DA A "O3'" 1 
ATOM 88  C "C2'" . DA A 1 5  ? 4.46704   4.58664   -21.54837 1.000 411.37128  ? 105 DA A "C2'" 1 
ATOM 89  C "C1'" . DA A 1 5  ? 5.48858   5.63210   -21.97244 1.000 419.84264  ? 105 DA A "C1'" 1 
ATOM 90  N N9    . DA A 1 5  ? 5.30340   6.92290   -21.33020 1.000 416.63277  ? 105 DA A N9    1 
ATOM 91  C C8    . DA A 1 5  ? 4.16859   7.67535   -21.33852 1.000 418.62611  ? 105 DA A C8    1 
ATOM 92  N N7    . DA A 1 5  ? 4.27882   8.81549   -20.70486 1.000 414.50979  ? 105 DA A N7    1 
ATOM 93  C C5    . DA A 1 5  ? 5.58613   8.81528   -20.24923 1.000 410.04750  ? 105 DA A C5    1 
ATOM 94  C C6    . DA A 1 5  ? 6.32580   9.75439   -19.50176 1.000 404.71089  ? 105 DA A C6    1 
ATOM 95  N N6    . DA A 1 5  ? 5.81340   10.91296  -19.07080 1.000 401.50284  ? 105 DA A N6    1 
ATOM 96  N N1    . DA A 1 5  ? 7.61550   9.45036   -19.21104 1.000 401.97763  ? 105 DA A N1    1 
ATOM 97  C C2    . DA A 1 5  ? 8.11654   8.28111   -19.65300 1.000 404.21197  ? 105 DA A C2    1 
ATOM 98  N N3    . DA A 1 5  ? 7.51211   7.31881   -20.36233 1.000 408.27909  ? 105 DA A N3    1 
ATOM 99  C C4    . DA A 1 5  ? 6.23801   7.65503   -20.63204 1.000 411.33598  ? 105 DA A C4    1 
ATOM 100 P P     . DG A 1 6  ? 5.41538   1.51605   -21.64196 1.000 547.61004  ? 106 DG A P     1 
ATOM 101 O OP1   . DG A 1 6  ? 6.02971   0.31789   -22.25656 1.000 551.10913  ? 106 DG A OP1   1 
ATOM 102 O OP2   . DG A 1 6  ? 4.04222   1.42227   -21.09372 1.000 540.30393  ? 106 DG A OP2   1 
ATOM 103 O "O5'" . DG A 1 6  ? 6.39388   2.06823   -20.49088 1.000 533.98166  ? 106 DG A "O5'" 1 
ATOM 104 C "C5'" . DG A 1 6  ? 7.74728   2.42391   -20.81318 1.000 537.66925  ? 106 DG A "C5'" 1 
ATOM 105 C "C4'" . DG A 1 6  ? 8.46331   3.09024   -19.63797 1.000 526.50059  ? 106 DG A "C4'" 1 
ATOM 106 O "O4'" . DG A 1 6  ? 7.93359   4.42810   -19.40778 1.000 528.76731  ? 106 DG A "O4'" 1 
ATOM 107 C "C3'" . DG A 1 6  ? 8.36445   2.36474   -18.28848 1.000 506.32651  ? 106 DG A "C3'" 1 
ATOM 108 O "O3'" . DG A 1 6  ? 9.64398   2.39144   -17.63955 1.000 500.44733  ? 106 DG A "O3'" 1 
ATOM 109 C "C2'" . DG A 1 6  ? 7.33955   3.21125   -17.53358 1.000 499.34693  ? 106 DG A "C2'" 1 
ATOM 110 C "C1'" . DG A 1 6  ? 7.72784   4.59143   -18.02227 1.000 511.69093  ? 106 DG A "C1'" 1 
ATOM 111 N N9    . DG A 1 6  ? 6.71559   5.62380   -17.80678 1.000 512.76984  ? 106 DG A N9    1 
ATOM 112 C C8    . DG A 1 6  ? 5.42219   5.63491   -18.27181 1.000 519.91971  ? 106 DG A C8    1 
ATOM 113 N N7    . DG A 1 6  ? 4.75617   6.70275   -17.92975 1.000 519.88901  ? 106 DG A N7    1 
ATOM 114 C C5    . DG A 1 6  ? 5.66577   7.44522   -17.19272 1.000 512.23308  ? 106 DG A C5    1 
ATOM 115 C C6    . DG A 1 6  ? 5.51272   8.69310   -16.55749 1.000 508.26796  ? 106 DG A C6    1 
ATOM 116 O O6    . DG A 1 6  ? 4.51766   9.42275   -16.52860 1.000 510.17855  ? 106 DG A O6    1 
ATOM 117 N N1    . DG A 1 6  ? 6.68594   9.09835   -15.92681 1.000 501.05115  ? 106 DG A N1    1 
ATOM 118 C C2    . DG A 1 6  ? 7.85090   8.37467   -15.88925 1.000 498.32830  ? 106 DG A C2    1 
ATOM 119 N N2    . DG A 1 6  ? 8.87365   8.93115   -15.21557 1.000 491.71868  ? 106 DG A N2    1 
ATOM 120 N N3    . DG A 1 6  ? 8.00978   7.20027   -16.48262 1.000 501.87658  ? 106 DG A N3    1 
ATOM 121 C C4    . DG A 1 6  ? 6.87544   6.79483   -17.10565 1.000 508.29186  ? 106 DG A C4    1 
ATOM 122 P P     . DC A 1 7  ? 9.85017   1.73611   -16.18326 1.000 598.57602  ? 107 DC A P     1 
ATOM 123 O OP1   . DC A 1 7  ? 11.30701  1.59397   -15.96771 1.000 598.13339  ? 107 DC A OP1   1 
ATOM 124 O OP2   . DC A 1 7  ? 8.97058   0.55095   -16.06124 1.000 592.18205  ? 107 DC A OP2   1 
ATOM 125 O "O5'" . DC A 1 7  ? 9.30555   2.84930   -15.17302 1.000 588.54642  ? 107 DC A "O5'" 1 
ATOM 126 C "C5'" . DC A 1 7  ? 9.94179   4.11837   -15.09778 1.000 593.97680  ? 107 DC A "C5'" 1 
ATOM 127 C "C4'" . DC A 1 7  ? 9.29764   4.97505   -14.02321 1.000 581.27096  ? 107 DC A "C4'" 1 
ATOM 128 O "O4'" . DC A 1 7  ? 8.00067   5.43050   -14.47204 1.000 587.28497  ? 107 DC A "O4'" 1 
ATOM 129 C "C3'" . DC A 1 7  ? 9.05762   4.26560   -12.68733 1.000 562.33999  ? 107 DC A "C3'" 1 
ATOM 130 O "O3'" . DC A 1 7  ? 9.54779   5.08282   -11.61734 1.000 551.42056  ? 107 DC A "O3'" 1 
ATOM 131 C "C2'" . DC A 1 7  ? 7.52706   4.09324   -12.64026 1.000 559.34639  ? 107 DC A "C2'" 1 
ATOM 132 C "C1'" . DC A 1 7  ? 7.08181   5.31478   -13.41718 1.000 572.61661  ? 107 DC A "C1'" 1 
ATOM 133 N N1    . DC A 1 7  ? 5.69854   5.26265   -14.00375 1.000 579.18630  ? 107 DC A N1    1 
ATOM 134 C C2    . DC A 1 7  ? 4.78960   6.26350   -13.66835 1.000 578.91220  ? 107 DC A C2    1 
ATOM 135 O O2    . DC A 1 7  ? 5.11914   7.09504   -12.82568 1.000 572.24014  ? 107 DC A O2    1 
ATOM 136 N N3    . DC A 1 7  ? 3.54421   6.23827   -14.20573 1.000 585.02215  ? 107 DC A N3    1 
ATOM 137 C C4    . DC A 1 7  ? 3.21846   5.29055   -15.08231 1.000 591.81356  ? 107 DC A C4    1 
ATOM 138 N N4    . DC A 1 7  ? 1.98537   5.31241   -15.60132 1.000 598.30639  ? 107 DC A N4    1 
ATOM 139 C C5    . DC A 1 7  ? 4.14449   4.27528   -15.46539 1.000 592.42501  ? 107 DC A C5    1 
ATOM 140 C C6    . DC A 1 7  ? 5.36600   4.30398   -14.91328 1.000 585.63841  ? 107 DC A C6    1 
ATOM 141 P P     . DC A 1 8  ? 11.08797  4.97003   -11.15932 1.000 445.46527  ? 108 DC A P     1 
ATOM 142 O OP1   . DC A 1 8  ? 11.89750  4.64836   -12.35787 1.000 460.16998  ? 108 DC A OP1   1 
ATOM 143 O OP2   . DC A 1 8  ? 11.12507  4.08548   -9.97418  1.000 428.88151  ? 108 DC A OP2   1 
ATOM 144 O "O5'" . DC A 1 8  ? 11.47875  6.44344   -10.67249 1.000 444.92683  ? 108 DC A "O5'" 1 
ATOM 145 C "C5'" . DC A 1 8  ? 11.77197  6.70598   -9.28972  1.000 429.41673  ? 108 DC A "C5'" 1 
ATOM 146 C "C4'" . DC A 1 8  ? 11.98871  8.19345   -9.08550  1.000 429.28399  ? 108 DC A "C4'" 1 
ATOM 147 O "O4'" . DC A 1 8  ? 11.61197  8.87616   -10.31902 1.000 443.94687  ? 108 DC A "O4'" 1 
ATOM 148 C "C3'" . DC A 1 8  ? 11.13485  8.84298   -7.98664  1.000 413.11821  ? 108 DC A "C3'" 1 
ATOM 149 O "O3'" . DC A 1 8  ? 11.85025  8.90770   -6.71611  1.000 400.48943  ? 108 DC A "O3'" 1 
ATOM 150 C "C2'" . DC A 1 8  ? 10.90119  10.23226  -8.56731  1.000 419.97223  ? 108 DC A "C2'" 1 
ATOM 151 C "C1'" . DC A 1 8  ? 10.68008  9.89907   -10.03032 1.000 438.99373  ? 108 DC A "C1'" 1 
ATOM 152 N N1    . DC A 1 8  ? 9.28722   9.39517   -10.32822 1.000 440.00298  ? 108 DC A N1    1 
ATOM 153 C C2    . DC A 1 8  ? 8.17336   10.21492  -10.07454 1.000 437.45765  ? 108 DC A C2    1 
ATOM 154 O O2    . DC A 1 8  ? 8.34212   11.34924  -9.60864  1.000 433.65719  ? 108 DC A O2    1 
ATOM 155 N N3    . DC A 1 8  ? 6.93415   9.73652   -10.34728 1.000 439.67576  ? 108 DC A N3    1 
ATOM 156 C C4    . DC A 1 8  ? 6.78863   8.51161   -10.84679 1.000 442.72552  ? 108 DC A C4    1 
ATOM 157 N N4    . DC A 1 8  ? 5.54989   8.07978   -11.09159 1.000 445.02045  ? 108 DC A N4    1 
ATOM 158 C C5    . DC A 1 8  ? 7.90330   7.67417   -11.11994 1.000 445.00001  ? 108 DC A C5    1 
ATOM 159 C C6    . DC A 1 8  ? 9.11591   8.14844   -10.84776 1.000 443.74744  ? 108 DC A C6    1 
ATOM 160 P P     . DT A 1 9  ? 11.08152  8.69721   -5.30379  1.000 423.17755  ? 109 DT A P     1 
ATOM 161 O OP1   . DT A 1 9  ? 12.04799  8.97051   -4.21581  1.000 412.87210  ? 109 DT A OP1   1 
ATOM 162 O OP2   . DT A 1 9  ? 10.34210  7.40798   -5.34623  1.000 422.00247  ? 109 DT A OP2   1 
ATOM 163 O "O5'" . DT A 1 9  ? 9.98443   9.85444   -5.25335  1.000 421.00201  ? 109 DT A "O5'" 1 
ATOM 164 C "C5'" . DT A 1 9  ? 10.35713  11.21522  -5.38803  1.000 422.22180  ? 109 DT A "C5'" 1 
ATOM 165 C "C4'" . DT A 1 9  ? 9.11482   12.04471  -5.56142  1.000 424.71099  ? 109 DT A "C4'" 1 
ATOM 166 O "O4'" . DT A 1 9  ? 8.32876   11.45172  -6.60326  1.000 436.02968  ? 109 DT A "O4'" 1 
ATOM 167 C "C3'" . DT A 1 9  ? 8.21045   12.03732  -4.34379  1.000 409.35034  ? 109 DT A "C3'" 1 
ATOM 168 O "O3'" . DT A 1 9  ? 8.51736   13.14362  -3.50968  1.000 401.71192  ? 109 DT A "O3'" 1 
ATOM 169 C "C2'" . DT A 1 9  ? 6.80174   12.15011  -4.92194  1.000 415.03511  ? 109 DT A "C2'" 1 
ATOM 170 C "C1'" . DT A 1 9  ? 6.96983   11.72781  -6.37986  1.000 433.57444  ? 109 DT A "C1'" 1 
ATOM 171 N N1    . DT A 1 9  ? 6.14166   10.53681  -6.79353  1.000 437.82118  ? 109 DT A N1    1 
ATOM 172 C C2    . DT A 1 9  ? 4.77527   10.64855  -6.78919  1.000 437.82887  ? 109 DT A C2    1 
ATOM 173 O O2    . DT A 1 9  ? 4.18793   11.66031  -6.44403  1.000 433.27490  ? 109 DT A O2    1 
ATOM 174 N N3    . DT A 1 9  ? 4.10518   9.52731   -7.20133  1.000 442.52850  ? 109 DT A N3    1 
ATOM 175 C C4    . DT A 1 9  ? 4.64808   8.32939   -7.62519  1.000 446.08861  ? 109 DT A C4    1 
ATOM 176 O O4    . DT A 1 9  ? 3.95198   7.38163   -7.98202  1.000 449.46896  ? 109 DT A O4    1 
ATOM 177 C C5    . DT A 1 9  ? 6.08523   8.27018   -7.61450  1.000 444.44272  ? 109 DT A C5    1 
ATOM 178 C C7    . DT A 1 9  ? 6.78234   7.01116   -8.03793  1.000 445.88708  ? 109 DT A C7    1 
ATOM 179 C C6    . DT A 1 9  ? 6.76183   9.36616   -7.20587  1.000 440.82675  ? 109 DT A C6    1 
ATOM 180 P P     . DG A 1 10 ? 9.24183   12.89672  -2.09607  1.000 337.75719  ? 110 DG A P     1 
ATOM 181 O OP1   . DG A 1 10 ? 9.36195   14.21435  -1.38605  1.000 327.98941  ? 110 DG A OP1   1 
ATOM 182 O OP2   . DG A 1 10 ? 10.44694  12.08648  -2.41736  1.000 345.69316  ? 110 DG A OP2   1 
ATOM 183 O "O5'" . DG A 1 10 ? 8.23927   11.90726  -1.30967  1.000 326.38723  ? 110 DG A "O5'" 1 
ATOM 184 C "C5'" . DG A 1 10 ? 7.61473   12.33416  -0.08940  1.000 310.83147  ? 110 DG A "C5'" 1 
ATOM 185 C "C4'" . DG A 1 10 ? 6.15128   12.65930  -0.33437  1.000 308.72580  ? 110 DG A "C4'" 1 
ATOM 186 O "O4'" . DG A 1 10 ? 5.76532   12.16226  -1.63878  1.000 321.69718  ? 110 DG A "O4'" 1 
ATOM 187 C "C3'" . DG A 1 10 ? 5.18688   12.04459  0.66779   1.000 295.19904  ? 110 DG A "C3'" 1 
ATOM 188 O "O3'" . DG A 1 10 ? 4.34104   13.05126  1.22981   1.000 287.59280  ? 110 DG A "O3'" 1 
ATOM 189 C "C2'" . DG A 1 10 ? 4.38343   11.03530  -0.14258  1.000 302.02591  ? 110 DG A "C2'" 1 
ATOM 190 C "C1'" . DG A 1 10 ? 4.53292   11.51846  -1.56145  1.000 317.35699  ? 110 DG A "C1'" 1 
ATOM 191 N N9    . DG A 1 10 ? 4.55732   10.42778  -2.50197  1.000 329.13449  ? 110 DG A N9    1 
ATOM 192 C C8    . DG A 1 10 ? 5.65794   9.79333   -3.02573  1.000 336.61893  ? 110 DG A C8    1 
ATOM 193 N N7    . DG A 1 10 ? 5.35482   8.83555   -3.85525  1.000 346.49189  ? 110 DG A N7    1 
ATOM 194 C C5    . DG A 1 10 ? 3.96495   8.82519   -3.85340  1.000 346.33640  ? 110 DG A C5    1 
ATOM 195 C C6    . DG A 1 10 ? 3.04633   8.00102   -4.55743  1.000 354.86712  ? 110 DG A C6    1 
ATOM 196 O O6    . DG A 1 10 ? 3.27987   7.07447   -5.34472  1.000 364.34442  ? 110 DG A O6    1 
ATOM 197 N N1    . DG A 1 10 ? 1.72664   8.33247   -4.25810  1.000 350.48025  ? 110 DG A N1    1 
ATOM 198 C C2    . DG A 1 10 ? 1.34370   9.34255   -3.39348  1.000 338.15708  ? 110 DG A C2    1 
ATOM 199 N N2    . DG A 1 10 ? 0.02319   9.52196   -3.23394  1.000 333.43763  ? 110 DG A N2    1 
ATOM 200 N N3    . DG A 1 10 ? 2.19148   10.11754  -2.73022  1.000 329.90136  ? 110 DG A N3    1 
ATOM 201 C C4    . DG A 1 10 ? 3.47198   9.80220   -3.00953  1.000 335.18095  ? 110 DG A C4    1 
ATOM 202 P P     . DT A 1 11 ? 4.48116   13.46461  2.78816   1.000 355.58404  ? 111 DT A P     1 
ATOM 203 O OP1   . DT A 1 11 ? 3.97975   14.85140  2.97872   1.000 356.05764  ? 111 DT A OP1   1 
ATOM 204 O OP2   . DT A 1 11 ? 5.88480   13.21297  3.20062   1.000 355.35975  ? 111 DT A OP2   1 
ATOM 205 O "O5'" . DT A 1 11 ? 3.47311   12.45451  3.55875   1.000 344.59340  ? 111 DT A "O5'" 1 
ATOM 206 C "C5'" . DT A 1 11 ? 2.82305   11.35091  2.86515   1.000 345.89319  ? 111 DT A "C5'" 1 
ATOM 207 C "C4'" . DT A 1 11 ? 1.32236   11.55624  2.73945   1.000 343.48949  ? 111 DT A "C4'" 1 
ATOM 208 O "O4'" . DT A 1 11 ? 0.89052   11.07998  1.44038   1.000 355.80474  ? 111 DT A "O4'" 1 
ATOM 209 C "C3'" . DT A 1 11 ? 0.51197   10.76272  3.74758   1.000 333.27702  ? 111 DT A "C3'" 1 
ATOM 210 O "O3'" . DT A 1 11 ? -0.72946  11.40050  4.06449   1.000 328.85585  ? 111 DT A "O3'" 1 
ATOM 211 C "C2'" . DT A 1 11 ? 0.30614   9.45408   3.02962   1.000 340.53479  ? 111 DT A "C2'" 1 
ATOM 212 C "C1'" . DT A 1 11 ? 0.18539   9.86600   1.58575   1.000 354.40383  ? 111 DT A "C1'" 1 
ATOM 213 N N1    . DT A 1 11 ? 0.79550   8.88900   0.71822   1.000 368.08838  ? 111 DT A N1    1 
ATOM 214 C C2    . DT A 1 11 ? -0.00485  8.10483   -0.05944  1.000 376.44285  ? 111 DT A C2    1 
ATOM 215 O O2    . DT A 1 11 ? -1.21388  8.21404   -0.08082  1.000 372.75560  ? 111 DT A O2    1 
ATOM 216 N N3    . DT A 1 11 ? 0.67747   7.19984   -0.83828  1.000 388.41396  ? 111 DT A N3    1 
ATOM 217 C C4    . DT A 1 11 ? 2.04190   7.00125   -0.88235  1.000 391.35342  ? 111 DT A C4    1 
ATOM 218 O O4    . DT A 1 11 ? 2.56861   6.16679   -1.61098  1.000 400.58740  ? 111 DT A O4    1 
ATOM 219 C C5    . DT A 1 11 ? 2.81466   7.85259   -0.01668  1.000 381.99900  ? 111 DT A C5    1 
ATOM 220 C C7    . DT A 1 11 ? 4.30801   7.72352   0.02318   1.000 383.52105  ? 111 DT A C7    1 
ATOM 221 C C6    . DT A 1 11 ? 2.15716   8.73374   0.74184   1.000 371.45549  ? 111 DT A C6    1 
ATOM 222 P P     . DA A 1 12 ? -1.22567  11.43677  5.60186   1.000 299.34692  ? 112 DA A P     1 
ATOM 223 O OP1   . DA A 1 12 ? -1.56078  12.83305  5.94794   1.000 294.07661  ? 112 DA A OP1   1 
ATOM 224 O OP2   . DA A 1 12 ? -0.22684  10.72917  6.44597   1.000 294.25651  ? 112 DA A OP2   1 
ATOM 225 O "O5'" . DA A 1 12 ? -2.55897  10.54774  5.61548   1.000 303.54734  ? 112 DA A "O5'" 1 
ATOM 226 C "C5'" . DA A 1 12 ? -3.57310  10.68879  4.61063   1.000 307.86720  ? 112 DA A "C5'" 1 
ATOM 227 C "C4'" . DA A 1 12 ? -4.42946  9.43499   4.59387   1.000 306.70111  ? 112 DA A "C4'" 1 
ATOM 228 O "O4'" . DA A 1 12 ? -3.84205  8.49653   3.65103   1.000 316.54901  ? 112 DA A "O4'" 1 
ATOM 229 C "C3'" . DA A 1 12 ? -4.49430  8.72947   5.95278   1.000 296.83839  ? 112 DA A "C3'" 1 
ATOM 230 O "O3'" . DA A 1 12 ? -5.86294  8.57773   6.47612   1.000 289.54193  ? 112 DA A "O3'" 1 
ATOM 231 C "C2'" . DA A 1 12 ? -3.75706  7.40209   5.77120   1.000 303.02454  ? 112 DA A "C2'" 1 
ATOM 232 C "C1'" . DA A 1 12 ? -3.58771  7.24347   4.25682   1.000 315.89120  ? 112 DA A "C1'" 1 
ATOM 233 N N9    . DA A 1 12 ? -2.24705  6.79547   3.90175   1.000 323.92724  ? 112 DA A N9    1 
ATOM 234 C C8    . DA A 1 12 ? -1.09308  7.18806   4.50364   1.000 317.88492  ? 112 DA A C8    1 
ATOM 235 N N7    . DA A 1 12 ? -0.01933  6.62203   4.02131   1.000 326.24825  ? 112 DA A N7    1 
ATOM 236 C C5    . DA A 1 12 ? -0.50020  5.76615   3.05618   1.000 338.56166  ? 112 DA A C5    1 
ATOM 237 C C6    . DA A 1 12 ? 0.14613   4.87358   2.19671   1.000 350.20561  ? 112 DA A C6    1 
ATOM 238 N N6    . DA A 1 12 ? 1.47509   4.70729   2.17518   1.000 350.97338  ? 112 DA A N6    1 
ATOM 239 N N1    . DA A 1 12 ? -0.61912  4.15935   1.35762   1.000 360.42613  ? 112 DA A N1    1 
ATOM 240 C C2    . DA A 1 12 ? -1.95005  4.31943   1.38504   1.000 359.59293  ? 112 DA A C2    1 
ATOM 241 N N3    . DA A 1 12 ? -2.67760  5.13670   2.14454   1.000 348.52582  ? 112 DA A N3    1 
ATOM 242 C C4    . DA A 1 12 ? -1.88067  5.83904   2.97268   1.000 338.02529  ? 112 DA A C4    1 
ATOM 243 P P     . DC A 1 13 ? -7.07805  7.92061   5.63987   1.000 318.57835  ? 113 DC A P     1 
ATOM 244 O OP1   . DC A 1 13 ? -7.64440  8.97475   4.77181   1.000 324.41268  ? 113 DC A OP1   1 
ATOM 245 O OP2   . DC A 1 13 ? -7.94051  7.27791   6.65699   1.000 310.64883  ? 113 DC A OP2   1 
ATOM 246 O "O5'" . DC A 1 13 ? -6.42699  6.73812   4.77072   1.000 328.42459  ? 113 DC A "O5'" 1 
ATOM 247 C "C5'" . DC A 1 13 ? -6.99005  6.32835   3.50889   1.000 339.91184  ? 113 DC A "C5'" 1 
ATOM 248 C "C4'" . DC A 1 13 ? -7.43331  4.86913   3.56620   1.000 347.79785  ? 113 DC A "C4'" 1 
ATOM 249 O "O4'" . DC A 1 13 ? -6.29892  3.98964   3.32947   1.000 358.76606  ? 113 DC A "O4'" 1 
ATOM 250 C "C3'" . DC A 1 13 ? -8.01962  4.43787   4.90542   1.000 338.13348  ? 113 DC A "C3'" 1 
ATOM 251 O "O3'" . DC A 1 13 ? -9.05053  3.48878   4.71683   1.000 345.11672  ? 113 DC A "O3'" 1 
ATOM 252 C "C2'" . DC A 1 13 ? -6.82827  3.82327   5.62166   1.000 337.96490  ? 113 DC A "C2'" 1 
ATOM 253 C "C1'" . DC A 1 13 ? -6.04574  3.19593   4.47726   1.000 353.86762  ? 113 DC A "C1'" 1 
ATOM 254 N N1    . DC A 1 13 ? -4.59360  3.20943   4.73509   1.000 353.45882  ? 113 DC A N1    1 
ATOM 255 C C2    . DC A 1 13 ? -3.74240  2.32739   4.06340   1.000 365.20474  ? 113 DC A C2    1 
ATOM 256 O O2    . DC A 1 13 ? -4.21701  1.52163   3.25923   1.000 375.92404  ? 113 DC A O2    1 
ATOM 257 N N3    . DC A 1 13 ? -2.40826  2.37140   4.33765   1.000 363.77985  ? 113 DC A N3    1 
ATOM 258 C C4    . DC A 1 13 ? -1.93358  3.25433   5.21677   1.000 352.36957  ? 113 DC A C4    1 
ATOM 259 N N4    . DC A 1 13 ? -0.61425  3.27828   5.45122   1.000 351.64950  ? 113 DC A N4    1 
ATOM 260 C C5    . DC A 1 13 ? -2.79055  4.15323   5.90297   1.000 340.49923  ? 113 DC A C5    1 
ATOM 261 C C6    . DC A 1 13 ? -4.09595  4.09431   5.63577   1.000 340.92955  ? 113 DC A C6    1 
ATOM 262 P P     . DG A 1 14 ? -10.15579 3.26059   5.86302   1.000 353.42180  ? 114 DG A P     1 
ATOM 263 O OP1   . DG A 1 14 ? -10.92104 4.51798   6.02159   1.000 343.02136  ? 114 DG A OP1   1 
ATOM 264 O OP2   . DG A 1 14 ? -9.49312  2.70486   7.06224   1.000 350.25286  ? 114 DG A OP2   1 
ATOM 265 O "O5'" . DG A 1 14 ? -11.09671 2.12000   5.24043   1.000 363.35049  ? 114 DG A "O5'" 1 
ATOM 266 C "C5'" . DG A 1 14 ? -10.95896 0.76144   5.67523   1.000 366.01714  ? 114 DG A "C5'" 1 
ATOM 267 C "C4'" . DG A 1 14 ? -10.81411 -0.20385  4.50181   1.000 385.17489  ? 114 DG A "C4'" 1 
ATOM 268 O "O4'" . DG A 1 14 ? -9.48424  -0.12064  3.92474   1.000 392.52545  ? 114 DG A "O4'" 1 
ATOM 269 C "C3'" . DG A 1 14 ? -10.97502 -1.65982  4.87385   1.000 394.38202  ? 114 DG A "C3'" 1 
ATOM 270 O "O3'" . DG A 1 14 ? -11.47799 -2.39202  3.75381   1.000 408.43599  ? 114 DG A "O3'" 1 
ATOM 271 C "C2'" . DG A 1 14 ? -9.54841  -2.07299  5.26876   1.000 398.07321  ? 114 DG A "C2'" 1 
ATOM 272 C "C1'" . DG A 1 14 ? -8.64942  -1.13903  4.46057   1.000 398.54764  ? 114 DG A "C1'" 1 
ATOM 273 N N9    . DG A 1 14 ? -7.63640  -0.46297  5.26073   1.000 390.94662  ? 114 DG A N9    1 
ATOM 274 C C8    . DG A 1 14 ? -7.86377  0.49288   6.20425   1.000 378.06487  ? 114 DG A C8    1 
ATOM 275 N N7    . DG A 1 14 ? -6.79660  0.96075   6.75382   1.000 374.46339  ? 114 DG A N7    1 
ATOM 276 C C5    . DG A 1 14 ? -5.77865  0.28608   6.12199   1.000 384.22928  ? 114 DG A C5    1 
ATOM 277 C C6    . DG A 1 14 ? -4.40724  0.39468   6.32705   1.000 384.21269  ? 114 DG A C6    1 
ATOM 278 O O6    . DG A 1 14 ? -3.82862  1.15310   7.11235   1.000 376.63521  ? 114 DG A O6    1 
ATOM 279 N N1    . DG A 1 14 ? -3.69233  -0.45856  5.49652   1.000 393.36681  ? 114 DG A N1    1 
ATOM 280 C C2    . DG A 1 14 ? -4.26557  -1.32880  4.58518   1.000 402.16718  ? 114 DG A C2    1 
ATOM 281 N N2    . DG A 1 14 ? -3.42307  -2.08909  3.86994   1.000 408.70628  ? 114 DG A N2    1 
ATOM 282 N N3    . DG A 1 14 ? -5.57276  -1.43835  4.38565   1.000 403.72174  ? 114 DG A N3    1 
ATOM 283 C C4    . DG A 1 14 ? -6.26335  -0.60013  5.18836   1.000 394.16770  ? 114 DG A C4    1 
ATOM 284 P P     . DG A 1 15 ? -11.27241 -3.98144  3.63836   1.000 463.91604  ? 115 DG A P     1 
ATOM 285 O OP1   . DG A 1 15 ? -12.25115 -4.49420  2.65501   1.000 468.75258  ? 115 DG A OP1   1 
ATOM 286 O OP2   . DG A 1 15 ? -11.32436 -4.55725  5.00295   1.000 461.31376  ? 115 DG A OP2   1 
ATOM 287 O "O5'" . DG A 1 15 ? -9.80711  -4.09421  2.99873   1.000 468.60041  ? 115 DG A "O5'" 1 
ATOM 288 C "C5'" . DG A 1 15 ? -9.33048  -5.32196  2.50311   1.000 477.87353  ? 115 DG A "C5'" 1 
ATOM 289 C "C4'" . DG A 1 15 ? -8.45896  -5.99469  3.53978   1.000 475.75999  ? 115 DG A "C4'" 1 
ATOM 290 O "O4'" . DG A 1 15 ? -7.92414  -4.98792  4.43295   1.000 463.48229  ? 115 DG A "O4'" 1 
ATOM 291 C "C3'" . DG A 1 15 ? -9.19354  -7.01388  4.43372   1.000 481.36119  ? 115 DG A "C3'" 1 
ATOM 292 O "O3'" . DG A 1 15 ? -8.68403  -8.39300  4.26875   1.000 491.55834  ? 115 DG A "O3'" 1 
ATOM 293 C "C2'" . DG A 1 15 ? -8.97431  -6.48573  5.86784   1.000 471.94271  ? 115 DG A "C2'" 1 
ATOM 294 C "C1'" . DG A 1 15 ? -7.75796  -5.58517  5.68611   1.000 463.00989  ? 115 DG A "C1'" 1 
ATOM 295 N N9    . DG A 1 15 ? -7.60285  -4.55683  6.71504   1.000 450.49271  ? 115 DG A N9    1 
ATOM 296 C C8    . DG A 1 15 ? -8.58883  -4.00202  7.49367   1.000 442.89892  ? 115 DG A C8    1 
ATOM 297 N N7    . DG A 1 15 ? -8.14653  -3.11575  8.33742   1.000 430.46566  ? 115 DG A N7    1 
ATOM 298 C C5    . DG A 1 15 ? -6.77417  -3.10209  8.12382   1.000 431.18323  ? 115 DG A C5    1 
ATOM 299 C C6    . DG A 1 15 ? -5.76782  -2.34787  8.75524   1.000 421.51079  ? 115 DG A C6    1 
ATOM 300 O O6    . DG A 1 15 ? -5.89491  -1.50724  9.65667   1.000 409.84675  ? 115 DG A O6    1 
ATOM 301 N N1    . DG A 1 15 ? -4.49817  -2.63974  8.23791   1.000 425.91547  ? 115 DG A N1    1 
ATOM 302 C C2    . DG A 1 15 ? -4.24378  -3.54852  7.23565   1.000 437.08540  ? 115 DG A C2    1 
ATOM 303 N N2    . DG A 1 15 ? -2.95487  -3.70375  6.86982   1.000 438.56809  ? 115 DG A N2    1 
ATOM 304 N N3    . DG A 1 15 ? -5.18598  -4.25204  6.63282   1.000 445.80442  ? 115 DG A N3    1 
ATOM 305 C C4    . DG A 1 15 ? -6.42227  -3.98335  7.13126   1.000 442.84910  ? 115 DG A C4    1 
ATOM 306 P P     . DA A 1 16 ? -7.72948  -8.85725  3.04499   1.000 597.01207  ? 116 DA A P     1 
ATOM 307 O OP1   . DA A 1 16 ? -8.21486  -8.31351  1.75293   1.000 596.86283  ? 116 DA A OP1   1 
ATOM 308 O OP2   . DA A 1 16 ? -7.64094  -10.33420 3.15218   1.000 608.99751  ? 116 DA A OP2   1 
ATOM 309 O "O5'" . DA A 1 16 ? -6.28153  -8.27479  3.45567   1.000 588.75663  ? 116 DA A "O5'" 1 
ATOM 310 C "C5'" . DA A 1 16 ? -5.21600  -8.15671  2.48715   1.000 589.97539  ? 116 DA A "C5'" 1 
ATOM 311 C "C4'" . DA A 1 16 ? -3.87948  -8.66357  3.04534   1.000 588.48233  ? 116 DA A "C4'" 1 
ATOM 312 O "O4'" . DA A 1 16 ? -3.41143  -7.80698  4.13211   1.000 577.06028  ? 116 DA A "O4'" 1 
ATOM 313 C "C3'" . DA A 1 16 ? -3.90606  -10.08020 3.60295   1.000 598.94725  ? 116 DA A "C3'" 1 
ATOM 314 O "O3'" . DA A 1 16 ? -2.70950  -10.75983 3.27475   1.000 603.10037  ? 116 DA A "O3'" 1 
ATOM 315 C "C2'" . DA A 1 16 ? -4.03129  -9.86505  5.10898   1.000 594.11058  ? 116 DA A "C2'" 1 
ATOM 316 C "C1'" . DA A 1 16 ? -3.27391  -8.55768  5.33177   1.000 581.09172  ? 116 DA A "C1'" 1 
ATOM 317 N N9    . DA A 1 16 ? -3.84259  -7.77160  6.42729   1.000 574.18491  ? 116 DA A N9    1 
ATOM 318 C C8    . DA A 1 16 ? -5.15438  -7.42840  6.56560   1.000 572.73945  ? 116 DA A C8    1 
ATOM 319 N N7    . DA A 1 16 ? -5.41688  -6.73872  7.64084   1.000 565.33433  ? 116 DA A N7    1 
ATOM 320 C C5    . DA A 1 16 ? -4.19360  -6.60007  8.25561   1.000 561.94030  ? 116 DA A C5    1 
ATOM 321 C C6    . DA A 1 16 ? -3.81812  -5.95481  9.43705   1.000 553.82102  ? 116 DA A C6    1 
ATOM 322 N N6    . DA A 1 16 ? -4.68618  -5.30642  10.21905  1.000 546.38597  ? 116 DA A N6    1 
ATOM 323 N N1    . DA A 1 16 ? -2.52138  -6.00124  9.79065   1.000 553.15805  ? 116 DA A N1    1 
ATOM 324 C C2    . DA A 1 16 ? -1.65826  -6.65733  9.00105   1.000 559.76893  ? 116 DA A C2    1 
ATOM 325 N N3    . DA A 1 16 ? -1.89331  -7.30569  7.85465   1.000 566.88456  ? 116 DA A N3    1 
ATOM 326 C C4    . DA A 1 16 ? -3.19874  -7.23638  7.53263   1.000 567.68104  ? 116 DA A C4    1 
ATOM 327 P P     . DC A 1 17 ? -2.55257  -12.31878 3.63023   1.000 568.13577  ? 117 DC A P     1 
ATOM 328 O OP1   . DC A 1 17 ? -1.52305  -12.86185 2.71325   1.000 574.01466  ? 117 DC A OP1   1 
ATOM 329 O OP2   . DC A 1 17 ? -3.90644  -12.92068 3.68310   1.000 576.27860  ? 117 DC A OP2   1 
ATOM 330 O "O5'" . DC A 1 17 ? -1.98430  -12.31360 5.12558   1.000 565.28868  ? 117 DC A "O5'" 1 
ATOM 331 C "C5'" . DC A 1 17 ? -0.82379  -11.55016 5.42947   1.000 555.42136  ? 117 DC A "C5'" 1 
ATOM 332 C "C4'" . DC A 1 17 ? -0.58301  -11.48386 6.92693   1.000 555.51194  ? 117 DC A "C4'" 1 
ATOM 333 O "O4'" . DC A 1 17 ? -1.53408  -10.57783 7.54783   1.000 546.32382  ? 117 DC A "O4'" 1 
ATOM 334 C "C3'" . DC A 1 17 ? -0.72282  -12.81599 7.68193   1.000 572.73429  ? 117 DC A "C3'" 1 
ATOM 335 O "O3'" . DC A 1 17 ? 0.33308   -12.92487 8.65032   1.000 575.94308  ? 117 DC A "O3'" 1 
ATOM 336 C "C2'" . DC A 1 17 ? -2.08482  -12.65687 8.37035   1.000 571.99536  ? 117 DC A "C2'" 1 
ATOM 337 C "C1'" . DC A 1 17 ? -1.99274  -11.18856 8.72313   1.000 554.75414  ? 117 DC A "C1'" 1 
ATOM 338 N N1    . DC A 1 17 ? -3.25416  -10.52524 9.17020   1.000 548.36890  ? 117 DC A N1    1 
ATOM 339 C C2    . DC A 1 17 ? -3.20049  -9.74270  10.31817  1.000 539.93655  ? 117 DC A C2    1 
ATOM 340 O O2    . DC A 1 17 ? -2.11805  -9.66876  10.90709  1.000 538.90709  ? 117 DC A O2    1 
ATOM 341 N N3    . DC A 1 17 ? -4.32172  -9.09872  10.74433  1.000 532.89595  ? 117 DC A N3    1 
ATOM 342 C C4    . DC A 1 17 ? -5.45898  -9.22960  10.04164  1.000 534.98412  ? 117 DC A C4    1 
ATOM 343 N N4    . DC A 1 17 ? -6.54985  -8.58934  10.48020  1.000 527.64327  ? 117 DC A N4    1 
ATOM 344 C C5    . DC A 1 17 ? -5.52407  -10.02607 8.85288   1.000 544.25959  ? 117 DC A C5    1 
ATOM 345 C C6    . DC A 1 17 ? -4.40566  -10.64563 8.45432   1.000 550.24159  ? 117 DC A C6    1 
ATOM 346 P P     . DA A 1 18 ? 1.81115   -13.42946 8.24072   1.000 458.74042  ? 118 DA A P     1 
ATOM 347 O OP1   . DA A 1 18 ? 2.39037   -12.51887 7.22642   1.000 445.65140  ? 118 DA A OP1   1 
ATOM 348 O OP2   . DA A 1 18 ? 1.72551   -14.87813 7.93931   1.000 477.82715  ? 118 DA A OP2   1 
ATOM 349 O "O5'" . DA A 1 18 ? 2.64879   -13.25514 9.60007   1.000 459.81062  ? 118 DA A "O5'" 1 
ATOM 350 C "C5'" . DA A 1 18 ? 3.33996   -12.02656 9.88176   1.000 445.60406  ? 118 DA A "C5'" 1 
ATOM 351 C "C4'" . DA A 1 18 ? 3.10618   -11.57167 11.32250  1.000 438.47708  ? 118 DA A "C4'" 1 
ATOM 352 O "O4'" . DA A 1 18 ? 1.71717   -11.19418 11.50629  1.000 432.77157  ? 118 DA A "O4'" 1 
ATOM 353 C "C3'" . DA A 1 18 ? 3.41376   -12.60901 12.40859  1.000 454.23708  ? 118 DA A "C3'" 1 
ATOM 354 O "O3'" . DA A 1 18 ? 4.27495   -12.00849 13.43266  1.000 444.48519  ? 118 DA A "O3'" 1 
ATOM 355 C "C2'" . DA A 1 18 ? 2.02122   -13.01924 12.91611  1.000 461.25441  ? 118 DA A "C2'" 1 
ATOM 356 C "C1'" . DA A 1 18 ? 1.23883   -11.74086 12.71242  1.000 441.18509  ? 118 DA A "C1'" 1 
ATOM 357 N N9    . DA A 1 18 ? -0.19977  -11.91036 12.58027  1.000 443.77673  ? 118 DA A N9    1 
ATOM 358 C C8    . DA A 1 18 ? -0.86307  -12.56629 11.58555  1.000 451.56426  ? 118 DA A C8    1 
ATOM 359 N N7    . DA A 1 18 ? -2.16926  -12.51691 11.70275  1.000 451.53115  ? 118 DA A N7    1 
ATOM 360 C C5    . DA A 1 18 ? -2.37441  -11.75663 12.84250  1.000 442.60728  ? 118 DA A C5    1 
ATOM 361 C C6    . DA A 1 18 ? -3.54450  -11.32584 13.50997  1.000 437.46391  ? 118 DA A C6    1 
ATOM 362 N N6    . DA A 1 18 ? -4.78545  -11.62038 13.10013  1.000 441.05551  ? 118 DA A N6    1 
ATOM 363 N N1    . DA A 1 18 ? -3.38814  -10.57888 14.61881  1.000 428.09642  ? 118 DA A N1    1 
ATOM 364 C C2    . DA A 1 18 ? -2.15292  -10.28447 15.02850  1.000 424.65438  ? 118 DA A C2    1 
ATOM 365 N N3    . DA A 1 18 ? -0.98678  -10.62160 14.48327  1.000 428.75201  ? 118 DA A N3    1 
ATOM 366 C C4    . DA A 1 18 ? -1.16979  -11.36288 13.38367  1.000 437.71181  ? 118 DA A C4    1 
ATOM 367 P P     . DT A 1 19 ? 3.93904   -12.05374 15.00791  1.000 343.88016  ? 119 DT A P     1 
ATOM 368 O OP1   . DT A 1 19 ? 5.10928   -11.51460 15.73516  1.000 334.77137  ? 119 DT A OP1   1 
ATOM 369 O OP2   . DT A 1 19 ? 3.41677   -13.38181 15.41834  1.000 369.51875  ? 119 DT A OP2   1 
ATOM 370 O "O5'" . DT A 1 19 ? 2.84592   -10.91881 15.17429  1.000 330.62031  ? 119 DT A "O5'" 1 
ATOM 371 C "C5'" . DT A 1 19 ? 2.83600   -10.14436 16.34184  1.000 323.31410  ? 119 DT A "C5'" 1 
ATOM 372 C "C4'" . DT A 1 19 ? 1.94371   -10.79175 17.37292  1.000 335.06812  ? 119 DT A "C4'" 1 
ATOM 373 O "O4'" . DT A 1 19 ? 0.72414   -11.18382 16.73169  1.000 337.72726  ? 119 DT A "O4'" 1 
ATOM 374 C "C3'" . DT A 1 19 ? 2.49052   -12.07956 18.00045  1.000 359.41860  ? 119 DT A "C3'" 1 
ATOM 375 O "O3'" . DT A 1 19 ? 3.07850   -11.82287 19.30812  1.000 360.57906  ? 119 DT A "O3'" 1 
ATOM 376 C "C2'" . DT A 1 19 ? 1.28386   -13.04839 18.03483  1.000 372.40074  ? 119 DT A "C2'" 1 
ATOM 377 C "C1'" . DT A 1 19 ? 0.13254   -12.19065 17.49926  1.000 354.42917  ? 119 DT A "C1'" 1 
ATOM 378 N N1    . DT A 1 19 ? -0.83828  -12.90003 16.62974  1.000 362.39265  ? 119 DT A N1    1 
ATOM 379 C C2    . DT A 1 19 ? -2.17996  -12.73863 16.87738  1.000 357.57916  ? 119 DT A C2    1 
ATOM 380 O O2    . DT A 1 19 ? -2.61541  -12.06142 17.78905  1.000 347.38763  ? 119 DT A O2    1 
ATOM 381 N N3    . DT A 1 19 ? -3.00035  -13.39993 16.01357  1.000 364.96985  ? 119 DT A N3    1 
ATOM 382 C C4    . DT A 1 19 ? -2.63992  -14.18401 14.94983  1.000 376.40694  ? 119 DT A C4    1 
ATOM 383 O O4    . DT A 1 19 ? -3.47877  -14.73227 14.23945  1.000 382.32174  ? 119 DT A O4    1 
ATOM 384 C C5    . DT A 1 19 ? -1.21086  -14.31051 14.72861  1.000 380.98451  ? 119 DT A C5    1 
ATOM 385 C C7    . DT A 1 19 ? -0.69036  -15.14243 13.59474  1.000 393.53050  ? 119 DT A C7    1 
ATOM 386 C C6    . DT A 1 19 ? -0.38691  -13.66293 15.57285  1.000 373.80313  ? 119 DT A C6    1 
ATOM 387 P P     . DC A 1 20 ? 2.18174   -11.50909 20.61317  1.000 373.29059  ? 120 DC A P     1 
ATOM 388 O OP1   . DC A 1 20 ? 0.91945   -10.83873 20.22718  1.000 356.54006  ? 120 DC A OP1   1 
ATOM 389 O OP2   . DC A 1 20 ? 3.04499   -10.81747 21.59184  1.000 367.83555  ? 120 DC A OP2   1 
ATOM 390 O "O5'" . DC A 1 20 ? 1.90954   -12.95054 21.23919  1.000 399.49504  ? 120 DC A "O5'" 1 
ATOM 391 C "C5'" . DC A 1 20 ? 1.36635   -13.05557 22.53964  1.000 404.90510  ? 120 DC A "C5'" 1 
ATOM 392 C "C4'" . DC A 1 20 ? -0.01292  -12.44096 22.57704  1.000 391.46993  ? 120 DC A "C4'" 1 
ATOM 393 O "O4'" . DC A 1 20 ? -0.66853  -12.66417 21.29423  1.000 388.06609  ? 120 DC A "O4'" 1 
ATOM 394 C "C3'" . DC A 1 20 ? -0.95429  -13.04860 23.59991  1.000 404.99452  ? 120 DC A "C3'" 1 
ATOM 395 O "O3'" . DC A 1 20 ? -1.95361  -12.09786 23.90287  1.000 387.97674  ? 120 DC A "O3'" 1 
ATOM 396 C "C2'" . DC A 1 20 ? -1.53663  -14.20255 22.79441  1.000 418.07952  ? 120 DC A "C2'" 1 
ATOM 397 C "C1'" . DC A 1 20 ? -1.81987  -13.43826 21.52330  1.000 398.59698  ? 120 DC A "C1'" 1 
ATOM 398 N N1    . DC A 1 20 ? -2.18879  -14.24181 20.29687  1.000 405.61410  ? 120 DC A N1    1 
ATOM 399 C C2    . DC A 1 20 ? -3.52799  -14.37201 20.00579  1.000 401.58387  ? 120 DC A C2    1 
ATOM 400 O O2    . DC A 1 20 ? -4.33672  -13.87069 20.78176  1.000 391.45261  ? 120 DC A O2    1 
ATOM 401 N N3    . DC A 1 20 ? -3.91937  -15.03839 18.90331  1.000 408.77830  ? 120 DC A N3    1 
ATOM 402 C C4    . DC A 1 20 ? -3.01614  -15.57182 18.09277  1.000 419.13163  ? 120 DC A C4    1 
ATOM 403 N N4    . DC A 1 20 ? -3.47402  -16.22538 17.01426  1.000 426.00883  ? 120 DC A N4    1 
ATOM 404 C C5    . DC A 1 20 ? -1.61238  -15.45088 18.35252  1.000 422.80219  ? 120 DC A C5    1 
ATOM 405 C C6    . DC A 1 20 ? -1.24382  -14.77119 19.45975  1.000 415.63922  ? 120 DC A C6    1 
ATOM 406 P P     . DA A 1 21 ? -2.10660  -11.52477 25.39338  1.000 523.93924  ? 121 DA A P     1 
ATOM 407 O OP1   . DA A 1 21 ? -2.45181  -10.09256 25.29529  1.000 496.09827  ? 121 DA A OP1   1 
ATOM 408 O OP2   . DA A 1 21 ? -0.88358  -11.90984 26.13071  1.000 536.50867  ? 121 DA A OP2   1 
ATOM 409 O "O5'" . DA A 1 21 ? -3.35804  -12.33732 25.99009  1.000 539.29457  ? 121 DA A "O5'" 1 
ATOM 410 C "C5'" . DA A 1 21 ? -4.50593  -12.61497 25.16497  1.000 553.19083  ? 121 DA A "C5'" 1 
ATOM 411 C "C4'" . DA A 1 21 ? -5.49653  -13.52492 25.88443  1.000 565.69507  ? 121 DA A "C4'" 1 
ATOM 412 O "O4'" . DA A 1 21 ? -6.20889  -14.33468 24.91162  1.000 568.74978  ? 121 DA A "O4'" 1 
ATOM 413 C "C3'" . DA A 1 21 ? -4.87180  -14.52484 26.84238  1.000 591.46745  ? 121 DA A "C3'" 1 
ATOM 414 O "O3'" . DA A 1 21 ? -5.81082  -14.89419 27.84826  1.000 598.24056  ? 121 DA A "O3'" 1 
ATOM 415 C "C2'" . DA A 1 21 ? -4.55100  -15.69630 25.91992  1.000 605.16187  ? 121 DA A "C2'" 1 
ATOM 416 C "C1'" . DA A 1 21 ? -5.73351  -15.67194 24.94809  1.000 592.38826  ? 121 DA A "C1'" 1 
ATOM 417 N N9    . DA A 1 21 ? -5.37490  -16.08275 23.58239  1.000 593.80396  ? 121 DA A N9    1 
ATOM 418 C C8    . DA A 1 21 ? -4.12054  -16.34870 23.10968  1.000 599.96429  ? 121 DA A C8    1 
ATOM 419 N N7    . DA A 1 21 ? -4.09043  -16.68809 21.84111  1.000 598.93149  ? 121 DA A N7    1 
ATOM 420 C C5    . DA A 1 21 ? -5.41808  -16.65900 21.45131  1.000 592.66724  ? 121 DA A C5    1 
ATOM 421 C C6    . DA A 1 21 ? -6.05100  -16.93119 20.21802  1.000 589.42684  ? 121 DA A C6    1 
ATOM 422 N N6    . DA A 1 21 ? -5.38249  -17.29642 19.11960  1.000 592.19800  ? 121 DA A N6    1 
ATOM 423 N N1    . DA A 1 21 ? -7.39655  -16.80564 20.15796  1.000 583.23914  ? 121 DA A N1    1 
ATOM 424 C C2    . DA A 1 21 ? -8.05111  -16.43021 21.26727  1.000 579.85195  ? 121 DA A C2    1 
ATOM 425 N N3    . DA A 1 21 ? -7.56578  -16.15752 22.48470  1.000 582.13112  ? 121 DA A N3    1 
ATOM 426 C C4    . DA A 1 21 ? -6.23025  -16.29067 22.51208  1.000 588.98066  ? 121 DA A C4    1 
ATOM 427 P P     . DC B 2 1  ? 2.40142   2.41993   10.90681  1.000 332.18654  ? 119 DC B P     1 
ATOM 428 O OP1   . DC B 2 1  ? 2.70909   3.05981   12.20708  1.000 320.83283  ? 119 DC B OP1   1 
ATOM 429 O OP2   . DC B 2 1  ? 3.30856   2.66756   9.76262   1.000 346.34969  ? 119 DC B OP2   1 
ATOM 430 O "O5'" . DC B 2 1  ? 2.24776   0.81427   11.05117  1.000 325.83563  ? 119 DC B "O5'" 1 
ATOM 431 C "C5'" . DC B 2 1  ? 3.38725   0.00545   11.44583  1.000 322.40059  ? 119 DC B "C5'" 1 
ATOM 432 C "C4'" . DC B 2 1  ? 3.24888   -1.48649  11.06971  1.000 324.71209  ? 119 DC B "C4'" 1 
ATOM 433 O "O4'" . DC B 2 1  ? 1.94455   -2.00486  11.43329  1.000 326.76500  ? 119 DC B "O4'" 1 
ATOM 434 C "C3'" . DC B 2 1  ? 3.47327   -1.85219  9.60621   1.000 328.19272  ? 119 DC B "C3'" 1 
ATOM 435 O "O3'" . DC B 2 1  ? 4.26477   -3.05391  9.50490   1.000 328.07085  ? 119 DC B "O3'" 1 
ATOM 436 C "C2'" . DC B 2 1  ? 2.05922   -2.06025  9.06324   1.000 332.57929  ? 119 DC B "C2'" 1 
ATOM 437 C "C1'" . DC B 2 1  ? 1.23936   -2.45389  10.29580  1.000 331.32433  ? 119 DC B "C1'" 1 
ATOM 438 N N1    . DC B 2 1  ? -0.07333  -1.79117  10.34107  1.000 333.54023  ? 119 DC B N1    1 
ATOM 439 C C2    . DC B 2 1  ? -1.08958  -2.15359  9.45419   1.000 339.41255  ? 119 DC B C2    1 
ATOM 440 O O2    . DC B 2 1  ? -0.89350  -3.05324  8.62923   1.000 342.67630  ? 119 DC B O2    1 
ATOM 441 N N3    . DC B 2 1  ? -2.27964  -1.49120  9.53300   1.000 343.97146  ? 119 DC B N3    1 
ATOM 442 C C4    . DC B 2 1  ? -2.45942  -0.52289  10.44031  1.000 340.53383  ? 119 DC B C4    1 
ATOM 443 N N4    . DC B 2 1  ? -3.64725  0.09912   10.48296  1.000 345.46014  ? 119 DC B N4    1 
ATOM 444 C C5    . DC B 2 1  ? -1.42992  -0.15694  11.34457  1.000 333.07323  ? 119 DC B C5    1 
ATOM 445 C C6    . DC B 2 1  ? -0.27348  -0.81284  11.25575  1.000 331.19284  ? 119 DC B C6    1 
ATOM 446 P P     . DC B 2 2  ? 5.58363   -3.08013  8.57711   1.000 380.97591  ? 120 DC B P     1 
ATOM 447 O OP1   . DC B 2 2  ? 6.27168   -4.38659  8.73677   1.000 376.17419  ? 120 DC B OP1   1 
ATOM 448 O OP2   . DC B 2 2  ? 6.31964   -1.81257  8.80364   1.000 378.93343  ? 120 DC B OP2   1 
ATOM 449 O "O5'" . DC B 2 2  ? 4.99610   -3.01971  7.09721   1.000 392.71235  ? 120 DC B "O5'" 1 
ATOM 450 C "C5'" . DC B 2 2  ? 4.25506   -4.12494  6.57708   1.000 397.68421  ? 120 DC B "C5'" 1 
ATOM 451 C "C4'" . DC B 2 2  ? 3.59988   -3.75317  5.26133   1.000 408.64608  ? 120 DC B "C4'" 1 
ATOM 452 O "O4'" . DC B 2 2  ? 2.29942   -3.14977  5.51153   1.000 413.82775  ? 120 DC B "O4'" 1 
ATOM 453 C "C3'" . DC B 2 2  ? 4.37675   -2.73322  4.42705   1.000 412.84360  ? 120 DC B "C3'" 1 
ATOM 454 O "O3'" . DC B 2 2  ? 4.24774   -3.05038  3.07345   1.000 423.42122  ? 120 DC B "O3'" 1 
ATOM 455 C "C2'" . DC B 2 2  ? 3.65587   -1.42939  4.74311   1.000 417.46212  ? 120 DC B "C2'" 1 
ATOM 456 C "C1'" . DC B 2 2  ? 2.22420   -1.92023  4.82249   1.000 424.23238  ? 120 DC B "C1'" 1 
ATOM 457 N N1    . DC B 2 2  ? 1.33175   -1.00745  5.57103   1.000 425.69664  ? 120 DC B N1    1 
ATOM 458 C C2    . DC B 2 2  ? -0.05178  -1.15626  5.46799   1.000 430.82466  ? 120 DC B C2    1 
ATOM 459 O O2    . DC B 2 2  ? -0.50642  -2.05105  4.75263   1.000 434.07815  ? 120 DC B O2    1 
ATOM 460 N N3    . DC B 2 2  ? -0.85433  -0.31669  6.16139   1.000 431.72992  ? 120 DC B N3    1 
ATOM 461 C C4    . DC B 2 2  ? -0.31378  0.63532   6.92342   1.000 428.40513  ? 120 DC B C4    1 
ATOM 462 N N4    . DC B 2 2  ? -1.13134  1.44398   7.58932   1.000 429.37461  ? 120 DC B N4    1 
ATOM 463 C C5    . DC B 2 2  ? 1.09221   0.80281   7.03410   1.000 423.62483  ? 120 DC B C5    1 
ATOM 464 C C6    . DC B 2 2  ? 1.86848   -0.02790  6.34181   1.000 422.13805  ? 120 DC B C6    1 
ATOM 465 P P     . DG B 2 3  ? 5.51453   -3.52620  2.21551   1.000 356.81021  ? 121 DG B P     1 
ATOM 466 O OP1   . DG B 2 3  ? 6.26387   -4.54837  2.99736   1.000 354.24410  ? 121 DG B OP1   1 
ATOM 467 O OP2   . DG B 2 3  ? 6.19658   -2.28456  1.75549   1.000 355.80440  ? 121 DG B OP2   1 
ATOM 468 O "O5'" . DG B 2 3  ? 4.82083   -4.24941  0.96544   1.000 362.34969  ? 121 DG B "O5'" 1 
ATOM 469 C "C5'" . DG B 2 3  ? 3.81190   -5.25310  1.19028   1.000 364.52359  ? 121 DG B "C5'" 1 
ATOM 470 C "C4'" . DG B 2 3  ? 2.54781   -4.97715  0.36934   1.000 369.27457  ? 121 DG B "C4'" 1 
ATOM 471 O "O4'" . DG B 2 3  ? 1.75706   -3.90346  0.96512   1.000 374.27491  ? 121 DG B "O4'" 1 
ATOM 472 C "C3'" . DG B 2 3  ? 2.77381   -4.55728  -1.07629  1.000 377.70656  ? 121 DG B "C3'" 1 
ATOM 473 O "O3'" . DG B 2 3  ? 1.68585   -5.05358  -1.86881  1.000 389.44792  ? 121 DG B "O3'" 1 
ATOM 474 C "C2'" . DG B 2 3  ? 2.77932   -3.02257  -0.97197  1.000 380.91875  ? 121 DG B "C2'" 1 
ATOM 475 C "C1'" . DG B 2 3  ? 1.70785   -2.78470  0.08649   1.000 384.70671  ? 121 DG B "C1'" 1 
ATOM 476 N N9    . DG B 2 3  ? 1.89289   -1.59221  0.90396   1.000 383.50889  ? 121 DG B N9    1 
ATOM 477 C C8    . DG B 2 3  ? 3.07445   -1.03271  1.33112   1.000 374.08520  ? 121 DG B C8    1 
ATOM 478 N N7    . DG B 2 3  ? 2.90445   0.00628   2.09440   1.000 375.77268  ? 121 DG B N7    1 
ATOM 479 C C5    . DG B 2 3  ? 1.52737   0.12280   2.19495   1.000 386.79844  ? 121 DG B C5    1 
ATOM 480 C C6    . DG B 2 3  ? 0.75218   1.06279   2.88554   1.000 393.22862  ? 121 DG B C6    1 
ATOM 481 O O6    . DG B 2 3  ? 1.14415   2.00692   3.57709   1.000 390.73966  ? 121 DG B O6    1 
ATOM 482 N N1    . DG B 2 3  ? -0.61809  0.82756   2.71969   1.000 402.75593  ? 121 DG B N1    1 
ATOM 483 C C2    . DG B 2 3  ? -1.15476  -0.19688  1.97052   1.000 406.52273  ? 121 DG B C2    1 
ATOM 484 N N2    . DG B 2 3  ? -2.49637  -0.27441  1.91280   1.000 414.64127  ? 121 DG B N2    1 
ATOM 485 N N3    . DG B 2 3  ? -0.42706  -1.08107  1.31744   1.000 401.52951  ? 121 DG B N3    1 
ATOM 486 C C4    . DG B 2 3  ? 0.89726   -0.85820  1.47527   1.000 391.47719  ? 121 DG B C4    1 
ATOM 487 P P     . DT B 2 4  ? 1.60451   -4.81692  -3.45593  1.000 422.59210  ? 122 DT B P     1 
ATOM 488 O OP1   . DT B 2 4  ? 1.06748   -6.07670  -4.03289  1.000 428.52050  ? 122 DT B OP1   1 
ATOM 489 O OP2   . DT B 2 4  ? 2.88969   -4.26107  -3.94519  1.000 418.16276  ? 122 DT B OP2   1 
ATOM 490 O "O5'" . DT B 2 4  ? 0.49739   -3.66277  -3.58767  1.000 433.26965  ? 122 DT B "O5'" 1 
ATOM 491 C "C5'" . DT B 2 4  ? -0.62126  -3.63391  -2.66956  1.000 438.51418  ? 122 DT B "C5'" 1 
ATOM 492 C "C4'" . DT B 2 4  ? -1.50271  -2.40397  -2.88620  1.000 450.04489  ? 122 DT B "C4'" 1 
ATOM 493 O "O4'" . DT B 2 4  ? -1.19303  -1.37593  -1.89622  1.000 449.58368  ? 122 DT B "O4'" 1 
ATOM 494 C "C3'" . DT B 2 4  ? -1.34564  -1.70869  -4.24103  1.000 451.75634  ? 122 DT B "C3'" 1 
ATOM 495 O "O3'" . DT B 2 4  ? -2.57461  -1.08557  -4.59160  1.000 459.06384  ? 122 DT B "O3'" 1 
ATOM 496 C "C2'" . DT B 2 4  ? -0.30618  -0.64794  -3.91331  1.000 447.99123  ? 122 DT B "C2'" 1 
ATOM 497 C "C1'" . DT B 2 4  ? -0.86701  -0.18221  -2.58664  1.000 451.45292  ? 122 DT B "C1'" 1 
ATOM 498 N N1    . DT B 2 4  ? 0.06272   0.61790   -1.77091  1.000 445.80889  ? 122 DT B N1    1 
ATOM 499 C C2    . DT B 2 4  ? -0.45838  1.45569   -0.82670  1.000 450.51958  ? 122 DT B C2    1 
ATOM 500 O O2    . DT B 2 4  ? -1.65626  1.57069   -0.62777  1.000 459.30898  ? 122 DT B O2    1 
ATOM 501 N N3    . DT B 2 4  ? 0.46493   2.16134   -0.11577  1.000 443.41959  ? 122 DT B N3    1 
ATOM 502 C C4    . DT B 2 4  ? 1.84093   2.11556   -0.25785  1.000 431.86734  ? 122 DT B C4    1 
ATOM 503 O O4    . DT B 2 4  ? 2.59389   2.78752   0.43400   1.000 424.52431  ? 122 DT B O4    1 
ATOM 504 C C5    . DT B 2 4  ? 2.32652   1.21829   -1.27228  1.000 428.23549  ? 122 DT B C5    1 
ATOM 505 C C7    . DT B 2 4  ? 3.80062   1.08673   -1.51291  1.000 416.38597  ? 122 DT B C7    1 
ATOM 506 C C6    . DT B 2 4  ? 1.42424   0.52089   -1.97987  1.000 435.22067  ? 122 DT B C6    1 
ATOM 507 P P     . DA B 2 5  ? -3.51667  -1.68869  -5.74229  1.000 438.43647  ? 123 DA B P     1 
ATOM 508 O OP1   . DA B 2 5  ? -4.19106  -2.87704  -5.16257  1.000 438.21980  ? 123 DA B OP1   1 
ATOM 509 O OP2   . DA B 2 5  ? -2.68575  -1.83328  -6.96087  1.000 437.74208  ? 123 DA B OP2   1 
ATOM 510 O "O5'" . DA B 2 5  ? -4.57917  -0.50749  -6.01470  1.000 444.90491  ? 123 DA B "O5'" 1 
ATOM 511 C "C5'" . DA B 2 5  ? -5.82406  -0.46823  -5.29995  1.000 450.62371  ? 123 DA B "C5'" 1 
ATOM 512 C "C4'" . DA B 2 5  ? -6.06502  0.89508   -4.66364  1.000 454.80910  ? 123 DA B "C4'" 1 
ATOM 513 O "O4'" . DA B 2 5  ? -4.86948  1.33334   -3.95351  1.000 451.97218  ? 123 DA B "O4'" 1 
ATOM 514 C "C3'" . DA B 2 5  ? -6.40145  2.02971   -5.63295  1.000 457.24666  ? 123 DA B "C3'" 1 
ATOM 515 O "O3'" . DA B 2 5  ? -7.27950  2.95252   -4.97637  1.000 460.75126  ? 123 DA B "O3'" 1 
ATOM 516 C "C2'" . DA B 2 5  ? -5.02675  2.64684   -5.86159  1.000 453.58885  ? 123 DA B "C2'" 1 
ATOM 517 C "C1'" . DA B 2 5  ? -4.49782  2.60634   -4.43860  1.000 452.13259  ? 123 DA B "C1'" 1 
ATOM 518 N N9    . DA B 2 5  ? -3.04925  2.75733   -4.30568  1.000 445.98692  ? 123 DA B N9    1 
ATOM 519 C C8    . DA B 2 5  ? -2.07797  2.12504   -5.02587  1.000 439.73375  ? 123 DA B C8    1 
ATOM 520 N N7    . DA B 2 5  ? -0.85732  2.44644   -4.66008  1.000 433.52402  ? 123 DA B N7    1 
ATOM 521 C C5    . DA B 2 5  ? -1.04297  3.34266   -3.62466  1.000 436.18586  ? 123 DA B C5    1 
ATOM 522 C C6    . DA B 2 5  ? -0.14037  4.05269   -2.80888  1.000 431.63827  ? 123 DA B C6    1 
ATOM 523 N N6    . DA B 2 5  ? 1.18349   3.95761   -2.92656  1.000 422.55272  ? 123 DA B N6    1 
ATOM 524 N N1    . DA B 2 5  ? -0.65586  4.87200   -1.86968  1.000 435.30828  ? 123 DA B N1    1 
ATOM 525 C C2    . DA B 2 5  ? -1.98112  4.95351   -1.75744  1.000 443.47831  ? 123 DA B C2    1 
ATOM 526 N N3    . DA B 2 5  ? -2.92505  4.34011   -2.46304  1.000 448.08735  ? 123 DA B N3    1 
ATOM 527 C C4    . DA B 2 5  ? -2.38468  3.54240   -3.39004  1.000 444.09461  ? 123 DA B C4    1 
ATOM 528 P P     . DC B 2 6  ? -8.17753  3.98901   -5.81400  1.000 367.28189  ? 124 DC B P     1 
ATOM 529 O OP1   . DC B 2 6  ? -8.77556  4.96184   -4.86387  1.000 369.16391  ? 124 DC B OP1   1 
ATOM 530 O OP2   . DC B 2 6  ? -9.06311  3.17735   -6.68411  1.000 370.79328  ? 124 DC B OP2   1 
ATOM 531 O "O5'" . DC B 2 6  ? -7.10412  4.75493   -6.72279  1.000 364.75232  ? 124 DC B "O5'" 1 
ATOM 532 C "C5'" . DC B 2 6  ? -7.03573  6.18205   -6.72406  1.000 365.74724  ? 124 DC B "C5'" 1 
ATOM 533 C "C4'" . DC B 2 6  ? -6.17465  6.70577   -5.58162  1.000 362.24316  ? 124 DC B "C4'" 1 
ATOM 534 O "O4'" . DC B 2 6  ? -4.94874  5.96728   -5.51616  1.000 356.90126  ? 124 DC B "O4'" 1 
ATOM 535 C "C3'" . DC B 2 6  ? -5.73887  8.15912   -5.71955  1.000 362.70198  ? 124 DC B "C3'" 1 
ATOM 536 O "O3'" . DC B 2 6  ? -6.63335  8.99212   -5.01429  1.000 365.53102  ? 124 DC B "O3'" 1 
ATOM 537 C "C2'" . DC B 2 6  ? -4.32798  8.19519   -5.09940  1.000 356.98964  ? 124 DC B "C2'" 1 
ATOM 538 C "C1'" . DC B 2 6  ? -4.02728  6.72509   -4.78261  1.000 353.54157  ? 124 DC B "C1'" 1 
ATOM 539 N N1    . DC B 2 6  ? -2.66329  6.29702   -5.16522  1.000 347.42694  ? 124 DC B N1    1 
ATOM 540 C C2    . DC B 2 6  ? -1.56609  6.72870   -4.42462  1.000 341.62939  ? 124 DC B C2    1 
ATOM 541 O O2    . DC B 2 6  ? -1.73944  7.48907   -3.48114  1.000 344.03061  ? 124 DC B O2    1 
ATOM 542 N N3    . DC B 2 6  ? -0.32435  6.34530   -4.79295  1.000 338.86218  ? 124 DC B N3    1 
ATOM 543 C C4    . DC B 2 6  ? -0.16736  5.53956   -5.83079  1.000 342.02066  ? 124 DC B C4    1 
ATOM 544 N N4    . DC B 2 6  ? 1.07523   5.17728   -6.15261  1.000 340.55688  ? 124 DC B N4    1 
ATOM 545 C C5    . DC B 2 6  ? -1.27788  5.07432   -6.59360  1.000 346.89911  ? 124 DC B C5    1 
ATOM 546 C C6    . DC B 2 6  ? -2.49516  5.47419   -6.22632  1.000 348.15830  ? 124 DC B C6    1 
ATOM 547 P P     . DA B 2 7  ? -7.80322  9.75072   -5.80297  1.000 349.98644  ? 125 DA B P     1 
ATOM 548 O OP1   . DA B 2 7  ? -9.04905  9.60964   -5.00912  1.000 350.51057  ? 125 DA B OP1   1 
ATOM 549 O OP2   . DA B 2 7  ? -7.75904  9.24712   -7.19130  1.000 354.16541  ? 125 DA B OP2   1 
ATOM 550 O "O5'" . DA B 2 7  ? -7.31447  11.28466  -5.86037  1.000 347.97760  ? 125 DA B "O5'" 1 
ATOM 551 C "C5'" . DA B 2 7  ? -6.13546  11.70378  -5.16056  1.000 343.28338  ? 125 DA B "C5'" 1 
ATOM 552 C "C4'" . DA B 2 7  ? -5.18739  12.45497  -6.08836  1.000 343.82176  ? 125 DA B "C4'" 1 
ATOM 553 O "O4'" . DA B 2 7  ? -3.87297  11.88418  -5.97956  1.000 340.90749  ? 125 DA B "O4'" 1 
ATOM 554 C "C3'" . DA B 2 7  ? -5.52434  12.37121  -7.57073  1.000 349.25439  ? 125 DA B "C3'" 1 
ATOM 555 O "O3'" . DA B 2 7  ? -6.35796  13.44781  -7.93080  1.000 350.38282  ? 125 DA B "O3'" 1 
ATOM 556 C "C2'" . DA B 2 7  ? -4.16362  12.49276  -8.26572  1.000 349.82558  ? 125 DA B "C2'" 1 
ATOM 557 C "C1'" . DA B 2 7  ? -3.16346  12.07818  -7.19047  1.000 343.80687  ? 125 DA B "C1'" 1 
ATOM 558 N N9    . DA B 2 7  ? -2.41950  10.85931  -7.51756  1.000 343.36904  ? 125 DA B N9    1 
ATOM 559 C C8    . DA B 2 7  ? -2.92725  9.63470   -7.86809  1.000 345.81623  ? 125 DA B C8    1 
ATOM 560 N N7    . DA B 2 7  ? -2.00374  8.72994   -8.10721  1.000 344.86132  ? 125 DA B N7    1 
ATOM 561 C C5    . DA B 2 7  ? -0.81146  9.41124   -7.90540  1.000 341.59081  ? 125 DA B C5    1 
ATOM 562 C C6    . DA B 2 7  ? 0.54736   9.02213   -7.99487  1.000 339.24140  ? 125 DA B C6    1 
ATOM 563 N N6    . DA B 2 7  ? 0.95086   7.78903   -8.32569  1.000 339.87377  ? 125 DA B N6    1 
ATOM 564 N N1    . DA B 2 7  ? 1.47966   9.95550   -7.72579  1.000 336.29826  ? 125 DA B N1    1 
ATOM 565 C C2    . DA B 2 7  ? 1.08597   11.18653  -7.38911  1.000 335.63711  ? 125 DA B C2    1 
ATOM 566 N N3    . DA B 2 7  ? -0.14338  11.67038  -7.27536  1.000 337.65808  ? 125 DA B N3    1 
ATOM 567 C C4    . DA B 2 7  ? -1.05425  10.72444  -7.54745  1.000 340.63666  ? 125 DA B C4    1 
ATOM 568 P P     . DG C 3 1  ? -3.07380  15.56433  -12.86530 1.000 445.77059  ? 209 DG C P     1 
ATOM 569 O OP1   . DG C 3 1  ? -2.53055  14.33928  -13.48397 1.000 443.94571  ? 209 DG C OP1   1 
ATOM 570 O OP2   . DG C 3 1  ? -2.47533  16.88778  -13.14062 1.000 448.06284  ? 209 DG C OP2   1 
ATOM 571 O "O5'" . DG C 3 1  ? -3.07749  15.36925  -11.28320 1.000 447.39023  ? 209 DG C "O5'" 1 
ATOM 572 C "C5'" . DG C 3 1  ? -2.41025  16.31339  -10.45891 1.000 449.27811  ? 209 DG C "C5'" 1 
ATOM 573 C "C4'" . DG C 3 1  ? -1.14397  15.71917  -9.86760  1.000 448.80656  ? 209 DG C "C4'" 1 
ATOM 574 O "O4'" . DG C 3 1  ? -1.31231  14.30096  -9.70155  1.000 446.86020  ? 209 DG C "O4'" 1 
ATOM 575 C "C3'" . DG C 3 1  ? 0.09581   15.83757  -10.72784 1.000 448.86621  ? 209 DG C "C3'" 1 
ATOM 576 O "O3'" . DG C 3 1  ? 0.68204   17.10435  -10.54127 1.000 451.09530  ? 209 DG C "O3'" 1 
ATOM 577 C "C2'" . DG C 3 1  ? 0.97837   14.73010  -10.15662 1.000 447.93635  ? 209 DG C "C2'" 1 
ATOM 578 C "C1'" . DG C 3 1  ? -0.03959  13.68218  -9.72169  1.000 446.58193  ? 209 DG C "C1'" 1 
ATOM 579 N N9    . DG C 3 1  ? -0.09480  12.50951  -10.58469 1.000 444.50418  ? 209 DG C N9    1 
ATOM 580 C C8    . DG C 3 1  ? -1.13372  12.12620  -11.39802 1.000 442.92263  ? 209 DG C C8    1 
ATOM 581 N N7    . DG C 3 1  ? -0.90265  11.01572  -12.04479 1.000 441.50454  ? 209 DG C N7    1 
ATOM 582 C C5    . DG C 3 1  ? 0.37031   10.63381  -11.62442 1.000 442.27380  ? 209 DG C C5    1 
ATOM 583 C C6    . DG C 3 1  ? 1.15643   9.50537   -11.98223 1.000 441.75734  ? 209 DG C C6    1 
ATOM 584 O O6    . DG C 3 1  ? 0.86572   8.58641   -12.77305 1.000 440.49978  ? 209 DG C O6    1 
ATOM 585 N N1    . DG C 3 1  ? 2.39459   9.50473   -11.31354 1.000 443.15200  ? 209 DG C N1    1 
ATOM 586 C C2    . DG C 3 1  ? 2.80597   10.47629  -10.42059 1.000 444.79337  ? 209 DG C C2    1 
ATOM 587 N N2    . DG C 3 1  ? 4.02145   10.32232  -9.87381  1.000 446.13457  ? 209 DG C N2    1 
ATOM 588 N N3    . DG C 3 1  ? 2.07788   11.53237  -10.09386 1.000 445.32259  ? 209 DG C N3    1 
ATOM 589 C C4    . DG C 3 1  ? 0.87763   11.54369  -10.72428 1.000 444.03694  ? 209 DG C C4    1 
ATOM 590 P P     . DG C 3 2  ? 1.57129   17.75896  -11.70510 1.000 500.03217  ? 210 DG C P     1 
ATOM 591 O OP1   . DG C 3 2  ? 1.53271   19.22372  -11.50596 1.000 502.64045  ? 210 DG C OP1   1 
ATOM 592 O OP2   . DG C 3 2  ? 1.12146   17.18330  -12.99280 1.000 497.72442  ? 210 DG C OP2   1 
ATOM 593 O "O5'" . DG C 3 2  ? 3.04327   17.20685  -11.41362 1.000 500.76646  ? 210 DG C "O5'" 1 
ATOM 594 C "C5'" . DG C 3 2  ? 3.49914   17.01932  -10.06963 1.000 501.87133  ? 210 DG C "C5'" 1 
ATOM 595 C "C4'" . DG C 3 2  ? 4.87535   16.38650  -10.07744 1.000 501.95288  ? 210 DG C "C4'" 1 
ATOM 596 O "O4'" . DG C 3 2  ? 4.75195   14.94475  -9.92558  1.000 500.10047  ? 210 DG C "O4'" 1 
ATOM 597 C "C3'" . DG C 3 2  ? 5.64344   16.60124  -11.37599 1.000 502.17302  ? 210 DG C "C3'" 1 
ATOM 598 O "O3'" . DG C 3 2  ? 6.50401   17.72163  -11.25505 1.000 504.50669  ? 210 DG C "O3'" 1 
ATOM 599 C "C2'" . DG C 3 2  ? 6.43104   15.30677  -11.52407 1.000 501.03612  ? 210 DG C "C2'" 1 
ATOM 600 C "C1'" . DG C 3 2  ? 5.47084   14.28375  -10.95184 1.000 499.27695  ? 210 DG C "C1'" 1 
ATOM 601 N N9    . DG C 3 2  ? 4.49990   13.77991  -11.91145 1.000 497.28259  ? 210 DG C N9    1 
ATOM 602 C C8    . DG C 3 2  ? 3.33871   14.39717  -12.29265 1.000 496.79358  ? 210 DG C C8    1 
ATOM 603 N N7    . DG C 3 2  ? 2.63519   13.71570  -13.14598 1.000 494.97885  ? 210 DG C N7    1 
ATOM 604 C C5    . DG C 3 2  ? 3.37696   12.55890  -13.34905 1.000 494.82239  ? 210 DG C C5    1 
ATOM 605 C C6    . DG C 3 2  ? 3.11683   11.43385  -14.17993 1.000 511.47847  ? 210 DG C C6    1 
ATOM 606 O O6    . DG C 3 2  ? 2.14714   11.22715  -14.93153 1.000 513.35036  ? 210 DG C O6    1 
ATOM 607 N N1    . DG C 3 2  ? 4.12924   10.48776  -14.08506 1.000 525.17370  ? 210 DG C N1    1 
ATOM 608 C C2    . DG C 3 2  ? 5.24834   10.60595  -13.29852 1.000 523.23506  ? 210 DG C C2    1 
ATOM 609 N N2    . DG C 3 2  ? 6.09660   9.58203   -13.34808 1.000 537.94446  ? 210 DG C N2    1 
ATOM 610 N N3    . DG C 3 2  ? 5.50464   11.64287  -12.51057 1.000 506.04464  ? 210 DG C N3    1 
ATOM 611 C C4    . DG C 3 2  ? 4.53073   12.58115  -12.58906 1.000 495.72955  ? 210 DG C C4    1 
ATOM 612 P P     . DC C 3 3  ? 6.84006   18.62847  -12.54000 1.000 498.72334  ? 211 DC C P     1 
ATOM 613 O OP1   . DC C 3 3  ? 6.33981   19.98686  -12.23475 1.000 500.67339  ? 211 DC C OP1   1 
ATOM 614 O OP2   . DC C 3 3  ? 6.36275   17.92520  -13.75309 1.000 496.97644  ? 211 DC C OP2   1 
ATOM 615 O "O5'" . DC C 3 3  ? 8.44438   18.67368  -12.57507 1.000 500.12456  ? 211 DC C "O5'" 1 
ATOM 616 C "C5'" . DC C 3 3  ? 9.16229   18.17834  -13.71526 1.000 500.13430  ? 211 DC C "C5'" 1 
ATOM 617 C "C4'" . DC C 3 3  ? 9.68072   16.77365  -13.45565 1.000 498.53861  ? 211 DC C "C4'" 1 
ATOM 618 O "O4'" . DC C 3 3  ? 8.58899   15.85809  -13.50385 1.000 496.19803  ? 211 DC C "O4'" 1 
ATOM 619 C "C3'" . DC C 3 3  ? 10.69091  16.25291  -14.46430 1.000 520.41206  ? 211 DC C "C3'" 1 
ATOM 620 O "O3'" . DC C 3 3  ? 12.01081  16.52062  -13.96106 1.000 514.46970  ? 211 DC C "O3'" 1 
ATOM 621 C "C2'" . DC C 3 3  ? 10.38896  14.73742  -14.54771 1.000 534.57460  ? 211 DC C "C2'" 1 
ATOM 622 C "C1'" . DC C 3 3  ? 9.05476   14.57095  -13.80497 1.000 517.61616  ? 211 DC C "C1'" 1 
ATOM 623 N N1    . DC C 3 3  ? 7.95546   13.92503  -14.57159 1.000 526.85538  ? 211 DC C N1    1 
ATOM 624 C C2    . DC C 3 3  ? 7.99203   12.55983  -14.92856 1.000 545.25099  ? 211 DC C C2    1 
ATOM 625 O O2    . DC C 3 3  ? 8.97807   11.86296  -14.64828 1.000 556.42839  ? 211 DC C O2    1 
ATOM 626 N N3    . DC C 3 3  ? 6.92660   12.04438  -15.60667 1.000 548.11341  ? 211 DC C N3    1 
ATOM 627 C C4    . DC C 3 3  ? 5.87466   12.81861  -15.89352 1.000 535.28190  ? 211 DC C C4    1 
ATOM 628 N N4    . DC C 3 3  ? 4.84974   12.27714  -16.56061 1.000 536.92471  ? 211 DC C N4    1 
ATOM 629 C C5    . DC C 3 3  ? 5.82377   14.18579  -15.51755 1.000 518.56152  ? 211 DC C C5    1 
ATOM 630 C C6    . DC C 3 3  ? 6.86391   14.68481  -14.86353 1.000 514.27008  ? 211 DC C C6    1 
ATOM 631 P P     . DT C 3 4  ? 13.32967  16.11809  -14.78574 1.000 541.65598  ? 212 DT C P     1 
ATOM 632 O OP1   . DT C 3 4  ? 13.81643  14.85326  -14.18674 1.000 545.94124  ? 212 DT C OP1   1 
ATOM 633 O OP2   . DT C 3 4  ? 14.22660  17.29703  -14.76719 1.000 529.06975  ? 212 DT C OP2   1 
ATOM 634 O "O5'" . DT C 3 4  ? 12.80508  15.89830  -16.28897 1.000 570.45094  ? 212 DT C "O5'" 1 
ATOM 635 C "C5'" . DT C 3 4  ? 13.72021  15.55963  -17.33649 1.000 595.23220  ? 212 DT C "C5'" 1 
ATOM 636 C "C4'" . DT C 3 4  ? 14.27128  14.15568  -17.13826 1.000 608.98585  ? 212 DT C "C4'" 1 
ATOM 637 O "O4'" . DT C 3 4  ? 13.29014  13.33619  -16.46061 1.000 601.01534  ? 212 DT C "O4'" 1 
ATOM 638 C "C3'" . DT C 3 4  ? 14.68458  13.42481  -18.41209 1.000 623.72863  ? 212 DT C "C3'" 1 
ATOM 639 O "O3'" . DT C 3 4  ? 16.10969  13.30784  -18.41305 1.000 629.13037  ? 212 DT C "O3'" 1 
ATOM 640 C "C2'" . DT C 3 4  ? 13.99037  12.05424  -18.33129 1.000 621.57911  ? 212 DT C "C2'" 1 
ATOM 641 C "C1'" . DT C 3 4  ? 12.93584  12.21853  -17.23683 1.000 611.03188  ? 212 DT C "C1'" 1 
ATOM 642 N N1    . DT C 3 4  ? 11.52525  12.41549  -17.71539 1.000 600.64182  ? 212 DT C N1    1 
ATOM 643 C C2    . DT C 3 4  ? 10.82445  11.35860  -18.25526 1.000 597.66051  ? 212 DT C C2    1 
ATOM 644 O O2    . DT C 3 4  ? 11.30133  10.25134  -18.41686 1.000 601.01149  ? 212 DT C O2    1 
ATOM 645 N N3    . DT C 3 4  ? 9.53546   11.66385  -18.62444 1.000 587.29248  ? 212 DT C N3    1 
ATOM 646 C C4    . DT C 3 4  ? 8.89537   12.88333  -18.48973 1.000 579.24636  ? 212 DT C C4    1 
ATOM 647 O O4    . DT C 3 4  ? 7.73866   13.06390  -18.84878 1.000 569.61896  ? 212 DT C O4    1 
ATOM 648 C C5    . DT C 3 4  ? 9.68393   13.93267  -17.90032 1.000 580.62162  ? 212 DT C C5    1 
ATOM 649 C C7    . DT C 3 4  ? 9.09819   15.29985  -17.70459 1.000 568.43505  ? 212 DT C C7    1 
ATOM 650 C C6    . DT C 3 4  ? 10.93776  13.64748  -17.54690 1.000 591.03947  ? 212 DT C C6    1 
ATOM 651 P P     . DG C 3 5  ? 16.89096  12.39496  -19.48135 1.000 485.80838  ? 213 DG C P     1 
ATOM 652 O OP1   . DG C 3 5  ? 16.84926  11.00270  -18.98269 1.000 484.34942  ? 213 DG C OP1   1 
ATOM 653 O OP2   . DG C 3 5  ? 18.21628  13.03257  -19.66618 1.000 478.01938  ? 213 DG C OP2   1 
ATOM 654 O "O5'" . DG C 3 5  ? 16.03848  12.53485  -20.83491 1.000 474.30782  ? 213 DG C "O5'" 1 
ATOM 655 C "C5'" . DG C 3 5  ? 16.50447  11.93660  -22.05767 1.000 464.30473  ? 213 DG C "C5'" 1 
ATOM 656 C "C4'" . DG C 3 5  ? 16.32397  10.42251  -22.03917 1.000 463.15803  ? 213 DG C "C4'" 1 
ATOM 657 O "O4'" . DG C 3 5  ? 15.13491  10.08483  -21.29629 1.000 460.16049  ? 213 DG C "O4'" 1 
ATOM 658 C "C3'" . DG C 3 5  ? 16.14274  9.76688   -23.40077 1.000 464.02521  ? 213 DG C "C3'" 1 
ATOM 659 O "O3'" . DG C 3 5  ? 16.62519  8.42115   -23.37259 1.000 465.29451  ? 213 DG C "O3'" 1 
ATOM 660 C "C2'" . DG C 3 5  ? 14.62828  9.81709   -23.61072 1.000 462.10510  ? 213 DG C "C2'" 1 
ATOM 661 C "C1'" . DG C 3 5  ? 14.06164  9.84610   -22.18545 1.000 459.39724  ? 213 DG C "C1'" 1 
ATOM 662 N N9    . DG C 3 5  ? 13.06189  10.89074  -21.98848 1.000 458.13650  ? 213 DG C N9    1 
ATOM 663 C C8    . DG C 3 5  ? 13.26272  12.13222  -21.43721 1.000 458.62665  ? 213 DG C C8    1 
ATOM 664 N N7    . DG C 3 5  ? 12.18916  12.86249  -21.38252 1.000 457.54213  ? 213 DG C N7    1 
ATOM 665 C C5    . DG C 3 5  ? 11.20643  12.06033  -21.95487 1.000 456.14979  ? 213 DG C C5    1 
ATOM 666 C C6    . DG C 3 5  ? 9.83074   12.32353  -22.18556 1.000 454.76782  ? 213 DG C C6    1 
ATOM 667 O O6    . DG C 3 5  ? 9.18885   13.35114  -21.91848 1.000 454.54906  ? 213 DG C O6    1 
ATOM 668 N N1    . DG C 3 5  ? 9.18898   11.24234  -22.79367 1.000 453.77431  ? 213 DG C N1    1 
ATOM 669 C C2    . DG C 3 5  ? 9.78985   10.05343  -23.14019 1.000 454.18009  ? 213 DG C C2    1 
ATOM 670 N N2    . DG C 3 5  ? 8.99592   9.12888   -23.71862 1.000 453.17031  ? 213 DG C N2    1 
ATOM 671 N N3    . DG C 3 5  ? 11.08280  9.78996   -22.93038 1.000 455.65291  ? 213 DG C N3    1 
ATOM 672 C C4    . DG C 3 5  ? 11.72588  10.84225  -22.33776 1.000 456.48666  ? 213 DG C C4    1 
ATOM 673 O "O5'" . DT D 4 1  ? 1.50469   -31.41360 14.93744  1.000 213.33969  ? 200 DT D "O5'" 1 
ATOM 674 C "C5'" . DT D 4 1  ? 1.23534   -30.35590 15.87049  1.000 213.33969  ? 200 DT D "C5'" 1 
ATOM 675 C "C4'" . DT D 4 1  ? -0.16272  -29.76221 15.65777  1.000 213.33969  ? 200 DT D "C4'" 1 
ATOM 676 O "O4'" . DT D 4 1  ? -0.91149  -29.80581 16.91174  1.000 213.33969  ? 200 DT D "O4'" 1 
ATOM 677 C "C3'" . DT D 4 1  ? -0.22482  -28.28655 15.16220  1.000 213.33969  ? 200 DT D "C3'" 1 
ATOM 678 O "O3'" . DT D 4 1  ? -1.27418  -28.19133 14.12461  1.000 213.33969  ? 200 DT D "O3'" 1 
ATOM 679 C "C2'" . DT D 4 1  ? -0.58427  -27.51569 16.44640  1.000 213.33969  ? 200 DT D "C2'" 1 
ATOM 680 C "C1'" . DT D 4 1  ? -1.49487  -28.53285 17.13524  1.000 213.33969  ? 200 DT D "C1'" 1 
ATOM 681 N N1    . DT D 4 1  ? -1.60908  -28.34084 18.57026  1.000 213.33969  ? 200 DT D N1    1 
ATOM 682 C C2    . DT D 4 1  ? -2.87418  -28.41775 19.14102  1.000 213.33969  ? 200 DT D C2    1 
ATOM 683 O O2    . DT D 4 1  ? -3.91643  -28.63222 18.47476  1.000 213.33969  ? 200 DT D O2    1 
ATOM 684 N N3    . DT D 4 1  ? -2.87992  -28.23627 20.52772  1.000 213.33969  ? 200 DT D N3    1 
ATOM 685 C C4    . DT D 4 1  ? -1.75309  -27.98085 21.37090  1.000 213.33969  ? 200 DT D C4    1 
ATOM 686 O O4    . DT D 4 1  ? -1.87844  -27.80766 22.61798  1.000 213.33969  ? 200 DT D O4    1 
ATOM 687 C C5    . DT D 4 1  ? -0.43799  -27.91199 20.65744  1.000 213.33969  ? 200 DT D C5    1 
ATOM 688 C C7    . DT D 4 1  ? 0.86573   -27.64119 21.39571  1.000 213.33969  ? 200 DT D C7    1 
ATOM 689 C C6    . DT D 4 1  ? -0.44553  -28.09722 19.31896  1.000 213.33969  ? 200 DT D C6    1 
ATOM 690 P P     . DC D 4 2  ? -1.45020  -26.94500 13.11566  1.000 586.28256  ? 201 DC D P     1 
ATOM 691 O OP1   . DC D 4 2  ? -1.11960  -27.44404 11.75811  1.000 586.51606  ? 201 DC D OP1   1 
ATOM 692 O OP2   . DC D 4 2  ? -0.76505  -25.73231 13.62071  1.000 571.62217  ? 201 DC D OP2   1 
ATOM 693 O "O5'" . DC D 4 2  ? -3.03608  -26.71691 13.16807  1.000 588.71047  ? 201 DC D "O5'" 1 
ATOM 694 C "C5'" . DC D 4 2  ? -3.85158  -27.64123 13.91979  1.000 600.51228  ? 201 DC D "C5'" 1 
ATOM 695 C "C4'" . DC D 4 2  ? -5.13914  -26.98643 14.34958  1.000 591.66928  ? 201 DC D "C4'" 1 
ATOM 696 O "O4'" . DC D 4 2  ? -5.17911  -26.91420 15.80232  1.000 590.59036  ? 201 DC D "O4'" 1 
ATOM 697 C "C3'" . DC D 4 2  ? -5.26756  -25.55342 13.87397  1.000 574.37204  ? 201 DC D "C3'" 1 
ATOM 698 O "O3'" . DC D 4 2  ? -6.63242  -25.21113 13.72092  1.000 572.14180  ? 201 DC D "O3'" 1 
ATOM 699 C "C2'" . DC D 4 2  ? -4.62231  -24.79733 15.02262  1.000 563.74950  ? 201 DC D "C2'" 1 
ATOM 700 C "C1'" . DC D 4 2  ? -5.18814  -25.55795 16.20260  1.000 574.10329  ? 201 DC D "C1'" 1 
ATOM 701 N N1    . DC D 4 2  ? -4.37678  -25.41617 17.44083  1.000 571.19442  ? 201 DC D N1    1 
ATOM 702 C C2    . DC D 4 2  ? -5.02164  -25.30633 18.67976  1.000 573.37379  ? 201 DC D C2    1 
ATOM 703 O O2    . DC D 4 2  ? -6.25571  -25.33642 18.71638  1.000 577.50913  ? 201 DC D O2    1 
ATOM 704 N N3    . DC D 4 2  ? -4.26925  -25.17234 19.80582  1.000 571.31534  ? 201 DC D N3    1 
ATOM 705 C C4    . DC D 4 2  ? -2.94112  -25.14174 19.71677  1.000 567.33795  ? 201 DC D C4    1 
ATOM 706 N N4    . DC D 4 2  ? -2.23970  -25.00578 20.84832  1.000 566.16968  ? 201 DC D N4    1 
ATOM 707 C C5    . DC D 4 2  ? -2.26877  -25.24017 18.45926  1.000 564.83879  ? 201 DC D C5    1 
ATOM 708 C C6    . DC D 4 2  ? -3.02200  -25.36817 17.35964  1.000 566.69431  ? 201 DC D C6    1 
ATOM 709 P P     . DG D 4 3  ? -7.22508  -24.88244 12.26495  1.000 927.38149  ? 202 DG D P     1 
ATOM 710 O OP1   . DG D 4 3  ? -6.91540  -26.04777 11.40390  1.000 948.81034  ? 202 DG D OP1   1 
ATOM 711 O OP2   . DG D 4 3  ? -6.79210  -23.51204 11.89003  1.000 902.65626  ? 202 DG D OP2   1 
ATOM 712 O "O5'" . DG D 4 3  ? -8.80071  -24.85577 12.51291  1.000 928.95870  ? 202 DG D "O5'" 1 
ATOM 713 C "C5'" . DG D 4 3  ? -9.31287  -25.23191 13.79007  1.000 941.41964  ? 202 DG D "C5'" 1 
ATOM 714 C "C4'" . DG D 4 3  ? -10.21499 -24.14696 14.33663  1.000 924.64635  ? 202 DG D "C4'" 1 
ATOM 715 O "O4'" . DG D 4 3  ? -9.64552  -23.60388 15.55337  1.000 922.06175  ? 202 DG D "O4'" 1 
ATOM 716 C "C3'" . DG D 4 3  ? -10.41095 -22.96651 13.40500  1.000 903.06456  ? 202 DG D "C3'" 1 
ATOM 717 O "O3'" . DG D 4 3  ? -11.77935 -22.44827 13.52725  1.000 898.09751  ? 202 DG D "O3'" 1 
ATOM 718 C "C2'" . DG D 4 3  ? -9.30246  -21.98605 13.84205  1.000 889.98254  ? 202 DG D "C2'" 1 
ATOM 719 C "C1'" . DG D 4 3  ? -9.17399  -22.28006 15.33902  1.000 900.91284  ? 202 DG D "C1'" 1 
ATOM 720 N N9    . DG D 4 3  ? -7.84448  -22.19184 15.91006  1.000 455.38177  ? 202 DG D N9    1 
ATOM 721 C C8    . DG D 4 3  ? -6.63816  -22.22133 15.25147  1.000 450.49567  ? 202 DG D C8    1 
ATOM 722 N N7    . DG D 4 3  ? -5.60959  -22.14947 16.05777  1.000 446.29399  ? 202 DG D N7    1 
ATOM 723 C C5    . DG D 4 3  ? -6.17139  -22.09125 17.32301  1.000 448.83235  ? 202 DG D C5    1 
ATOM 724 C C6    . DG D 4 3  ? -5.55079  -22.00496 18.60087  1.000 447.23599  ? 202 DG D C6    1 
ATOM 725 O O6    . DG D 4 3  ? -4.34104  -21.97948 18.87166  1.000 443.44479  ? 202 DG D O6    1 
ATOM 726 N N1    . DG D 4 3  ? -6.48841  -21.96344 19.61701  1.000 451.42223  ? 202 DG D N1    1 
ATOM 727 C C2    . DG D 4 3  ? -7.84441  -22.00134 19.44352  1.000 456.67807  ? 202 DG D C2    1 
ATOM 728 N N2    . DG D 4 3  ? -8.57786  -21.95778 20.55752  1.000 460.87447  ? 202 DG D N2    1 
ATOM 729 N N3    . DG D 4 3  ? -8.44588  -22.08017 18.25809  1.000 458.42673  ? 202 DG D N3    1 
ATOM 730 C C4    . DG D 4 3  ? -7.54151  -22.11472 17.24981  1.000 454.18722  ? 202 DG D C4    1 
ATOM 731 P P     . DT D 4 4  ? -12.20103 -21.43817 14.70567  1.000 530.68181  ? 203 DT D P     1 
ATOM 732 O OP1   . DT D 4 4  ? -11.65292 -20.13878 14.28155  1.000 506.72920  ? 203 DT D OP1   1 
ATOM 733 O OP2   . DT D 4 4  ? -11.98547 -22.04852 16.04013  1.000 541.35243  ? 203 DT D OP2   1 
ATOM 734 O "O5'" . DT D 4 4  ? -13.77488 -21.25397 14.59633  1.000 532.00678  ? 203 DT D "O5'" 1 
ATOM 735 C "C5'" . DT D 4 4  ? -14.31036 -19.93140 14.58689  1.000 512.64394  ? 203 DT D "C5'" 1 
ATOM 736 C "C4'" . DT D 4 4  ? -14.26192 -19.25555 15.96474  1.000 506.40448  ? 203 DT D "C4'" 1 
ATOM 737 O "O4'" . DT D 4 4  ? -13.00527 -19.52335 16.66526  1.000 514.16277  ? 203 DT D "O4'" 1 
ATOM 738 C "C3'" . DT D 4 4  ? -14.37924 -17.73702 15.90995  1.000 486.62116  ? 203 DT D "C3'" 1 
ATOM 739 O "O3'" . DT D 4 4  ? -15.22765 -17.28398 16.92688  1.000 486.13674  ? 203 DT D "O3'" 1 
ATOM 740 C "C2'" . DT D 4 4  ? -12.94692 -17.26392 16.13399  1.000 479.31008  ? 203 DT D "C2'" 1 
ATOM 741 C "C1'" . DT D 4 4  ? -12.45249 -18.30126 17.11666  1.000 498.80163  ? 203 DT D "C1'" 1 
ATOM 742 N N1    . DT D 4 4  ? -10.95206 -18.41202 17.16685  1.000 498.09298  ? 203 DT D N1    1 
ATOM 743 C C2    . DT D 4 4  ? -10.31768 -18.39547 18.38252  1.000 507.27861  ? 203 DT D C2    1 
ATOM 744 O O2    . DT D 4 4  ? -10.91674 -18.31348 19.44012  1.000 516.75440  ? 203 DT D O2    1 
ATOM 745 N N3    . DT D 4 4  ? -8.94154  -18.49533 18.31494  1.000 504.74152  ? 203 DT D N3    1 
ATOM 746 C C4    . DT D 4 4  ? -8.16358  -18.59886 17.16477  1.000 492.75651  ? 203 DT D C4    1 
ATOM 747 O O4    . DT D 4 4  ? -6.93771  -18.68763 17.19355  1.000 491.83847  ? 203 DT D O4    1 
ATOM 748 C C5    . DT D 4 4  ? -8.89834  -18.60052 15.92781  1.000 483.72818  ? 203 DT D C5    1 
ATOM 749 C C7    . DT D 4 4  ? -8.16899  -18.70325 14.61694  1.000 469.88897  ? 203 DT D C7    1 
ATOM 750 C C6    . DT D 4 4  ? -10.23603 -18.49989 15.98976  1.000 487.36560  ? 203 DT D C6    1 
ATOM 751 P P     . DG D 4 5  ? -15.57814 -15.72168 17.01592  1.000 492.38482  ? 204 DG D P     1 
ATOM 752 O OP1   . DG D 4 5  ? -16.84489 -15.57116 17.77419  1.000 495.33899  ? 204 DG D OP1   1 
ATOM 753 O OP2   . DG D 4 5  ? -15.45427 -15.16289 15.64939  1.000 477.64715  ? 204 DG D OP2   1 
ATOM 754 O "O5'" . DG D 4 5  ? -14.38073 -15.11632 17.88018  1.000 483.71785  ? 204 DG D "O5'" 1 
ATOM 755 C "C5'" . DG D 4 5  ? -14.27017 -15.45120 19.24836  1.000 497.51202  ? 204 DG D "C5'" 1 
ATOM 756 C "C4'" . DG D 4 5  ? -13.43172 -14.43238 19.99955  1.000 485.61283  ? 204 DG D "C4'" 1 
ATOM 757 O "O4'" . DG D 4 5  ? -12.03251 -14.76104 19.85931  1.000 487.13319  ? 204 DG D "O4'" 1 
ATOM 758 C "C3'" . DG D 4 5  ? -13.55668 -12.98458 19.53294  1.000 457.45780  ? 204 DG D "C3'" 1 
ATOM 759 O "O3'" . DG D 4 5  ? -13.31487 -12.12732 20.65181  1.000 449.95584  ? 204 DG D "O3'" 1 
ATOM 760 C "C2'" . DG D 4 5  ? -12.43694 -12.89335 18.49485  1.000 444.59843  ? 204 DG D "C2'" 1 
ATOM 761 C "C1'" . DG D 4 5  ? -11.36788 -13.72660 19.17086  1.000 462.46893  ? 204 DG D "C1'" 1 
ATOM 762 N N9    . DG D 4 5  ? -10.42231 -14.35508 18.28609  1.000 461.77512  ? 204 DG D N9    1 
ATOM 763 C C8    . DG D 4 5  ? -10.67357 -15.22700 17.26095  1.000 464.83419  ? 204 DG D C8    1 
ATOM 764 N N7    . DG D 4 5  ? -9.58735  -15.66490 16.68437  1.000 465.06334  ? 204 DG D N7    1 
ATOM 765 C C5    . DG D 4 5  ? -8.56348  -15.06343 17.39691  1.000 463.96376  ? 204 DG D C5    1 
ATOM 766 C C6    . DG D 4 5  ? -7.14790  -15.14754 17.25934  1.000 465.72423  ? 204 DG D C6    1 
ATOM 767 O O6    . DG D 4 5  ? -6.46906  -15.79442 16.43990  1.000 468.06000  ? 204 DG D O6    1 
ATOM 768 N N1    . DG D 4 5  ? -6.51180  -14.35345 18.19790  1.000 465.02436  ? 204 DG D N1    1 
ATOM 769 C C2    . DG D 4 5  ? -7.14348  -13.59340 19.15192  1.000 463.32960  ? 204 DG D C2    1 
ATOM 770 N N2    . DG D 4 5  ? -6.36474  -12.89891 19.96950  1.000 463.52773  ? 204 DG D N2    1 
ATOM 771 N N3    . DG D 4 5  ? -8.44386  -13.51562 19.28974  1.000 461.87622  ? 204 DG D N3    1 
ATOM 772 C C4    . DG D 4 5  ? -9.08246  -14.26727 18.38825  1.000 462.07258  ? 204 DG D C4    1 
ATOM 773 P P     . DA D 4 6  ? -13.66735 -10.55781 20.61624  1.000 491.10457  ? 205 DA D P     1 
ATOM 774 O OP1   . DA D 4 6  ? -14.75471 -10.30960 21.58869  1.000 494.16516  ? 205 DA D OP1   1 
ATOM 775 O OP2   . DA D 4 6  ? -13.83929 -10.12490 19.21232  1.000 474.32935  ? 205 DA D OP2   1 
ATOM 776 O "O5'" . DA D 4 6  ? -12.32949 -9.89546  21.17621  1.000 483.84208  ? 205 DA D "O5'" 1 
ATOM 777 C "C5'" . DA D 4 6  ? -11.13264 -10.66527 21.19970  1.000 492.78639  ? 205 DA D "C5'" 1 
ATOM 778 C "C4'" . DA D 4 6  ? -9.99859  -9.89618  20.56357  1.000 474.49847  ? 205 DA D "C4'" 1 
ATOM 779 O "O4'" . DA D 4 6  ? -9.25889  -10.76243 19.66078  1.000 479.26549  ? 205 DA D "O4'" 1 
ATOM 780 C "C3'" . DA D 4 6  ? -10.43632 -8.70371  19.70472  1.000 453.23840  ? 205 DA D "C3'" 1 
ATOM 781 O "O3'" . DA D 4 6  ? -9.46919  -7.67321  19.81328  1.000 442.18579  ? 205 DA D "O3'" 1 
ATOM 782 C "C2'" . DA D 4 6  ? -10.41765 -9.30502  18.30734  1.000 449.71848  ? 205 DA D "C2'" 1 
ATOM 783 C "C1'" . DA D 4 6  ? -9.13653  -10.08335 18.43679  1.000 461.07285  ? 205 DA D "C1'" 1 
ATOM 784 N N9    . DA D 4 6  ? -8.85163  -11.02297 17.36664  1.000 465.42315  ? 205 DA D N9    1 
ATOM 785 C C8    . DA D 4 6  ? -9.72438  -11.66270 16.53046  1.000 470.61632  ? 205 DA D C8    1 
ATOM 786 N N7    . DA D 4 6  ? -9.12609  -12.44899 15.65419  1.000 475.80854  ? 205 DA D N7    1 
ATOM 787 C C5    . DA D 4 6  ? -7.77354  -12.29214 15.94262  1.000 472.85841  ? 205 DA D C5    1 
ATOM 788 C C6    . DA D 4 6  ? -6.58757  -12.83939 15.38620  1.000 477.30090  ? 205 DA D C6    1 
ATOM 789 N N6    . DA D 4 6  ? -6.56410  -13.71521 14.37315  1.000 483.46075  ? 205 DA D N6    1 
ATOM 790 N N1    . DA D 4 6  ? -5.41390  -12.46106 15.94166  1.000 476.74859  ? 205 DA D N1    1 
ATOM 791 C C2    . DA D 4 6  ? -5.43373  -11.59969 16.95247  1.000 471.75680  ? 205 DA D C2    1 
ATOM 792 N N3    . DA D 4 6  ? -6.45977  -11.02399 17.54358  1.000 467.30663  ? 205 DA D N3    1 
ATOM 793 C C4    . DA D 4 6  ? -7.60758  -11.41336 16.98886  1.000 468.12006  ? 205 DA D C4    1 
ATOM 794 P P     . DT D 4 7  ? -9.68984  -6.44200  20.81996  1.000 366.30916  ? 206 DT D P     1 
ATOM 795 O OP1   . DT D 4 7  ? -10.78810 -6.78945  21.74890  1.000 378.33679  ? 206 DT D OP1   1 
ATOM 796 O OP2   . DT D 4 7  ? -9.75428  -5.20005  20.02190  1.000 349.71256  ? 206 DT D OP2   1 
ATOM 797 O "O5'" . DT D 4 7  ? -8.32693  -6.38285  21.63644  1.000 371.22741  ? 206 DT D "O5'" 1 
ATOM 798 C "C5'" . DT D 4 7  ? -7.46185  -7.48934  21.60377  1.000 382.27596  ? 206 DT D "C5'" 1 
ATOM 799 C "C4'" . DT D 4 7  ? -6.16882  -7.13776  20.89936  1.000 374.54452  ? 206 DT D "C4'" 1 
ATOM 800 O "O4'" . DT D 4 7  ? -6.02692  -7.91501  19.68359  1.000 372.17510  ? 206 DT D "O4'" 1 
ATOM 801 C "C3'" . DT D 4 7  ? -6.02895  -5.68390  20.44723  1.000 361.73223  ? 206 DT D "C3'" 1 
ATOM 802 O "O3'" . DT D 4 7  ? -4.66956  -5.35031  20.52463  1.000 364.91433  ? 206 DT D "O3'" 1 
ATOM 803 C "C2'" . DT D 4 7  ? -6.44411  -5.77867  18.98850  1.000 351.23845  ? 206 DT D "C2'" 1 
ATOM 804 C "C1'" . DT D 4 7  ? -5.66397  -7.02437  18.65774  1.000 360.38438  ? 206 DT D "C1'" 1 
ATOM 805 N N1    . DT D 4 7  ? -5.95644  -7.65000  17.36876  1.000 354.42660  ? 206 DT D N1    1 
ATOM 806 C C2    . DT D 4 7  ? -4.96365  -8.37026  16.76049  1.000 357.91883  ? 206 DT D C2    1 
ATOM 807 O O2    . DT D 4 7  ? -3.84879  -8.49737  17.22998  1.000 365.71093  ? 206 DT D O2    1 
ATOM 808 N N3    . DT D 4 7  ? -5.31235  -8.94140  15.58061  1.000 353.72577  ? 206 DT D N3    1 
ATOM 809 C C4    . DT D 4 7  ? -6.53632  -8.87437  14.95579  1.000 348.25571  ? 206 DT D C4    1 
ATOM 810 O O4    . DT D 4 7  ? -6.74704  -9.43225  13.88680  1.000 347.02946  ? 206 DT D O4    1 
ATOM 811 C C5    . DT D 4 7  ? -7.54348  -8.09983  15.65032  1.000 345.17624  ? 206 DT D C5    1 
ATOM 812 C C7    . DT D 4 7  ? -8.91589  -7.94575  15.07281  1.000 340.49279  ? 206 DT D C7    1 
ATOM 813 C C6    . DT D 4 7  ? -7.20653  -7.53374  16.81461  1.000 347.76584  ? 206 DT D C6    1 
ATOM 814 P P     . DG D 4 8  ? -4.21241  -3.94345  21.13539  1.000 370.91395  ? 207 DG D P     1 
ATOM 815 O OP1   . DG D 4 8  ? -4.66530  -3.90439  22.54435  1.000 380.61049  ? 207 DG D OP1   1 
ATOM 816 O OP2   . DG D 4 8  ? -4.64230  -2.91696  20.16195  1.000 358.91282  ? 207 DG D OP2   1 
ATOM 817 O "O5'" . DG D 4 8  ? -2.61432  -4.00817  21.11308  1.000 366.79578  ? 207 DG D "O5'" 1 
ATOM 818 C "C5'" . DG D 4 8  ? -1.95630  -5.23363  20.85757  1.000 378.72444  ? 207 DG D "C5'" 1 
ATOM 819 C "C4'" . DG D 4 8  ? -1.35221  -5.20746  19.47685  1.000 373.26477  ? 207 DG D "C4'" 1 
ATOM 820 O "O4'" . DG D 4 8  ? -2.29699  -5.73557  18.52748  1.000 367.63597  ? 207 DG D "O4'" 1 
ATOM 821 C "C3'" . DG D 4 8  ? -1.00372  -3.80049  18.97425  1.000 361.85314  ? 207 DG D "C3'" 1 
ATOM 822 O "O3'" . DG D 4 8  ? 0.39155   -3.65233  18.85898  1.000 366.28985  ? 207 DG D "O3'" 1 
ATOM 823 C "C2'" . DG D 4 8  ? -1.67145  -3.70867  17.60539  1.000 349.34354  ? 207 DG D "C2'" 1 
ATOM 824 C "C1'" . DG D 4 8  ? -2.00472  -5.15868  17.29704  1.000 356.21055  ? 207 DG D "C1'" 1 
ATOM 825 N N9    . DG D 4 8  ? -3.15041  -5.29044  16.42776  1.000 347.28108  ? 207 DG D N9    1 
ATOM 826 C C8    . DG D 4 8  ? -4.36715  -4.67961  16.57256  1.000 340.51542  ? 207 DG D C8    1 
ATOM 827 N N7    . DG D 4 8  ? -5.20506  -4.96520  15.61786  1.000 333.82878  ? 207 DG D N7    1 
ATOM 828 C C5    . DG D 4 8  ? -4.49062  -5.81819  14.78523  1.000 336.03854  ? 207 DG D C5    1 
ATOM 829 C C6    . DG D 4 8  ? -4.87860  -6.46071  13.58318  1.000 331.82509  ? 207 DG D C6    1 
ATOM 830 O O6    . DG D 4 8  ? -5.97409  -6.39060  12.99540  1.000 328.05508  ? 207 DG D O6    1 
ATOM 831 N N1    . DG D 4 8  ? -3.84059  -7.25349  13.06539  1.000 337.79960  ? 207 DG D N1    1 
ATOM 832 C C2    . DG D 4 8  ? -2.58978  -7.38396  13.65465  1.000 347.01534  ? 207 DG D C2    1 
ATOM 833 N N2    . DG D 4 8  ? -1.69475  -8.17098  13.03828  1.000 353.25472  ? 207 DG D N2    1 
ATOM 834 N N3    . DG D 4 8  ? -2.23281  -6.77944  14.77322  1.000 350.79980  ? 207 DG D N3    1 
ATOM 835 C C4    . DG D 4 8  ? -3.22134  -6.02014  15.27677  1.000 344.69194  ? 207 DG D C4    1 
ATOM 836 P P     . DT D 4 9  ? 1.05038   -2.19496  18.97811  1.000 404.80754  ? 208 DT D P     1 
ATOM 837 O OP1   . DT D 4 9  ? 1.62839   -2.11044  20.32767  1.000 417.94516  ? 208 DT D OP1   1 
ATOM 838 O OP2   . DT D 4 9  ? 0.04334   -1.21218  18.53870  1.000 392.95480  ? 208 DT D OP2   1 
ATOM 839 O "O5'" . DT D 4 9  ? 2.25893   -2.19862  17.92821  1.000 401.31923  ? 208 DT D "O5'" 1 
ATOM 840 C "C5'" . DT D 4 9  ? 2.01724   -1.91130  16.55386  1.000 387.93963  ? 208 DT D "C5'" 1 
ATOM 841 C "C4'" . DT D 4 9  ? 2.39818   -3.09085  15.69180  1.000 390.17893  ? 208 DT D "C4'" 1 
ATOM 842 O "O4'" . DT D 4 9  ? 1.29825   -4.02457  15.63903  1.000 383.66083  ? 208 DT D "O4'" 1 
ATOM 843 C "C3'" . DT D 4 9  ? 2.67675   -2.76490  14.24640  1.000 383.92029  ? 208 DT D "C3'" 1 
ATOM 844 O "O3'" . DT D 4 9  ? 3.99029   -2.32602  14.10065  1.000 394.79539  ? 208 DT D "O3'" 1 
ATOM 845 C "C2'" . DT D 4 9  ? 2.49746   -4.12466  13.60828  1.000 378.80233  ? 208 DT D "C2'" 1 
ATOM 846 C "C1'" . DT D 4 9  ? 1.28473   -4.65190  14.37019  1.000 381.25041  ? 208 DT D "C1'" 1 
ATOM 847 N N1    . DT D 4 9  ? 0.01642   -4.32571  13.72192  1.000 369.76604  ? 208 DT D N1    1 
ATOM 848 C C2    . DT D 4 9  ? -0.26677  -4.84204  12.47400  1.000 365.84094  ? 208 DT D C2    1 
ATOM 849 O O2    . DT D 4 9  ? 0.49728   -5.58023  11.84876  1.000 371.46095  ? 208 DT D O2    1 
ATOM 850 N N3    . DT D 4 9  ? -1.49271  -4.46031  11.97263  1.000 356.09089  ? 208 DT D N3    1 
ATOM 851 C C4    . DT D 4 9  ? -2.43217  -3.64041  12.59298  1.000 350.92049  ? 208 DT D C4    1 
ATOM 852 O O4    . DT D 4 9  ? -3.50831  -3.35073  12.06941  1.000 343.53997  ? 208 DT D O4    1 
ATOM 853 C C5    . DT D 4 9  ? -2.06078  -3.15106  13.89094  1.000 355.91983  ? 208 DT D C5    1 
ATOM 854 C C7    . DT D 4 9  ? -2.99052  -2.25249  14.64571  1.000 352.55025  ? 208 DT D C7    1 
ATOM 855 C C6    . DT D 4 9  ? -0.87203  -3.51308  14.38567  1.000 364.64333  ? 208 DT D C6    1 
# 
loop_
_atom_site_anisotrop.id 
_atom_site_anisotrop.type_symbol 
_atom_site_anisotrop.pdbx_label_atom_id 
_atom_site_anisotrop.pdbx_label_alt_id 
_atom_site_anisotrop.pdbx_label_comp_id 
_atom_site_anisotrop.pdbx_label_asym_id 
_atom_site_anisotrop.pdbx_label_seq_id 
_atom_site_anisotrop.pdbx_PDB_ins_code 
_atom_site_anisotrop.U[1][1] 
_atom_site_anisotrop.U[2][2] 
_atom_site_anisotrop.U[3][3] 
_atom_site_anisotrop.U[1][2] 
_atom_site_anisotrop.U[1][3] 
_atom_site_anisotrop.U[2][3] 
_atom_site_anisotrop.pdbx_auth_seq_id 
_atom_site_anisotrop.pdbx_auth_comp_id 
_atom_site_anisotrop.pdbx_auth_asym_id 
_atom_site_anisotrop.pdbx_auth_atom_id 
1   O "O5'" . DC A 1  ? 13.82228 9.86291  9.51633  -1.90535 -0.37500 0.01068  101 DC A "O5'" 
2   C "C5'" . DC A 1  ? 13.87929 9.87490  9.54212  -1.88069 -0.47454 0.05223  101 DC A "C5'" 
3   C "C4'" . DC A 1  ? 14.28463 10.19342 9.80415  -1.93362 -0.53043 0.08068  101 DC A "C4'" 
4   O "O4'" . DC A 1  ? 14.51316 10.35879 9.90033  -1.98955 -0.47132 0.08261  101 DC A "O4'" 
5   C "C3'" . DC A 1  ? 14.40340 10.31351 9.89591  -1.97556 -0.52319 0.06499  101 DC A "C3'" 
6   O "O3'" . DC A 1  ? 14.35005 10.28562 9.92421  -1.93136 -0.62377 0.07648  101 DC A "O3'" 
7   C "C2'" . DC A 1  ? 14.81735 10.63300 10.13781 -2.04658 -0.52674 0.08635  101 DC A "C2'" 
8   C "C1'" . DC A 1  ? 14.83915 10.63274 10.10504 -2.06008 -0.45334 0.08106  101 DC A "C1'" 
9   N N1    . DC A 1  ? 9.22711  5.03552  4.46003  -2.10666 -0.31543 0.03551  101 DC A N1    
10  C C2    . DC A 1  ? 9.34101  5.16148  4.55320  -2.15397 -0.25978 0.00559  101 DC A C2    
11  O O2    . DC A 1  ? 9.35969  5.18386  4.58309  -2.16111 -0.32143 0.01388  101 DC A O2    
12  N N3    . DC A 1  ? 9.43448  5.26242  4.61954  -2.19080 -0.13608 -0.03602 101 DC A N3    
13  C C4    . DC A 1  ? 9.41754  5.24158  4.59827  -2.18061 -0.06892 -0.04923 101 DC A C4    
14  N N4    . DC A 1  ? 9.52415  5.35041  4.68015  -2.21502 0.05358  -0.09317 101 DC A N4    
15  C C5    . DC A 1  ? 9.30326  5.11954  4.50874  -2.13517 -0.12390 -0.02080 101 DC A C5    
16  C C6    . DC A 1  ? 9.21373  5.02251  4.44269  -2.10110 -0.24514 0.02084  101 DC A C6    
17  P P     . DA A 2  ? 15.42794 11.35106 10.97203 -1.96714 -0.66622 0.07118  102 DA A P     
18  O OP1   . DA A 2  ? 15.81354 11.63833 11.21233 -2.01531 -0.71667 0.10762  102 DA A OP1   
19  O OP2   . DA A 2  ? 15.18328 11.16948 10.86496 -1.90015 -0.74193 0.06397  102 DA A OP2   
20  O "O5'" . DA A 2  ? 15.36668 11.33006 10.90762 -2.01991 -0.54957 0.02323  102 DA A "O5'" 
21  C "C5'" . DA A 2  ? 15.51770 11.47450 11.01810 -2.07172 -0.55509 0.00647  102 DA A "C5'" 
22  C "C4'" . DA A 2  ? 15.39540 11.42122 10.95816 -2.09348 -0.45738 -0.04624 102 DA A "C4'" 
23  O "O4'" . DA A 2  ? 15.49648 11.50041 10.99179 -2.13390 -0.34072 -0.06164 102 DA A "O4'" 
24  C "C3'" . DA A 2  ? 15.00196 11.12364 10.73339 -2.02495 -0.45738 -0.07020 102 DA A "C3'" 
25  O "O3'" . DA A 2  ? 14.91911 11.09167 10.71648 -2.02488 -0.49861 -0.09651 102 DA A "O3'" 
26  C "C2'" . DA A 2  ? 14.95570 11.11068 10.71470 -2.03749 -0.32662 -0.10323 102 DA A "C2'" 
27  C "C1'" . DA A 2  ? 15.22326 11.29907 10.82964 -2.10244 -0.26024 -0.09590 102 DA A "C1'" 
28  N N9    . DA A 2  ? 10.29643 6.35663  5.89224  -2.07847 -0.21512 -0.08497 102 DA A N9    
29  C C8    . DA A 2  ? 10.19307 6.23865  5.80450  -2.02855 -0.28381 -0.04898 102 DA A C8    
30  N N7    . DA A 2  ? 10.15424 6.19255  5.75590  -2.01960 -0.22081 -0.05205 102 DA A N7    
31  C C5    . DA A 2  ? 10.24346 6.28718  5.81776  -2.06463 -0.10128 -0.09223 102 DA A C5    
32  C C6    . DA A 2  ? 10.26064 6.29967  5.81915  -2.07593 0.01089  -0.11832 102 DA A C6    
33  N N6    . DA A 2  ? 10.18593 6.21769  5.75641  -2.04393 0.01827  -0.10697 102 DA A N6    
34  N N1    . DA A 2  ? 10.36692 6.40832  5.90151  -2.12119 0.11549  -0.15954 102 DA A N1    
35  C C2    . DA A 2  ? 10.44633 6.49863  5.97526  -2.15586 0.10761  -0.17367 102 DA A C2    
36  N N3    . DA A 2  ? 10.44036 6.50261  5.98616  -2.15144 0.00657  -0.15349 102 DA A N3    
37  C C4    . DA A 2  ? 10.33457 6.39031  5.90263  -2.10261 -0.09546 -0.11228 102 DA A C4    
38  P P     . DG A 3  ? 12.73081 9.00783  8.70348  -1.95647 -0.51684 -0.12522 103 DG A P     
39  O OP1   . DG A 3  ? 12.69265 9.00228  8.70226  -1.95399 -0.59784 -0.14201 103 DG A OP1   
40  O OP2   . DG A 3  ? 12.50766 8.79639  8.54568  -1.88511 -0.54687 -0.10028 103 DG A OP2   
41  O "O5'" . DG A 3  ? 12.67143 8.99637  8.68490  -1.98631 -0.38733 -0.16953 103 DG A "O5'" 
42  C "C5'" . DG A 3  ? 12.85861 9.17520  8.81296  -2.05962 -0.33093 -0.20058 103 DG A "C5'" 
43  C "C4'" . DG A 3  ? 12.88076 9.21586  8.85083  -2.08496 -0.19555 -0.23277 103 DG A "C4'" 
44  O "O4'" . DG A 3  ? 12.97133 9.25463  8.87525  -2.08354 -0.14202 -0.21015 103 DG A "O4'" 
45  C "C3'" . DG A 3  ? 12.54707 8.97240  8.67581  -2.03307 -0.16294 -0.26097 103 DG A "C3'" 
46  O "O3'" . DG A 3  ? 12.53255 8.99525  8.69181  -2.07690 -0.09154 -0.30803 103 DG A "O3'" 
47  C "C2'" . DG A 3  ? 12.44293 8.86159  8.59228  -1.99982 -0.09318 -0.24910 103 DG A "C2'" 
48  C "C1'" . DG A 3  ? 12.75045 9.08013  8.74378  -2.05388 -0.05226 -0.23239 103 DG A "C1'" 
49  N N9    . DG A 3  ? 8.26144  4.56584  4.24219  -2.01670 -0.04600 -0.20435 103 DG A N9    
50  C C8    . DG A 3  ? 8.15412  4.45405  4.15778  -1.96292 -0.14256 -0.16619 103 DG A C8    
51  N N7    . DG A 3  ? 8.12344  4.40346  4.11348  -1.94169 -0.11195 -0.15129 103 DG A N7    
52  C C5    . DG A 3  ? 8.20960  4.48042  4.16760  -1.98039 0.01402  -0.18252 103 DG A C5    
53  C C6    . DG A 3  ? 8.22693  4.47873  4.16507  -1.97705 0.09779  -0.18837 103 DG A C6    
54  O O6    . DG A 3  ? 8.16292  4.40573  4.11011  -1.94076 0.07434  -0.16570 103 DG A O6    
55  N N1    . DG A 3  ? 8.34003  4.58336  4.24942  -2.02120 0.21971  -0.22832 103 DG A N1    
56  C C2    . DG A 3  ? 8.42423  4.67727  4.32500  -2.06589 0.25539  -0.25808 103 DG A C2    
57  N N2    . DG A 3  ? 8.54135  4.78016  4.41493  -2.10379 0.37860  -0.29737 103 DG A N2    
58  N N3    . DG A 3  ? 8.40803  4.68330  4.32963  -2.07249 0.17598  -0.25303 103 DG A N3    
59  C C4    . DG A 3  ? 8.29655  4.57956  4.24669  -2.02681 0.05733  -0.21491 103 DG A C4    
60  P P     . DC A 4  ? 8.25359  4.67466  4.32842  -2.14850 0.04334  -0.33528 104 DC A P     
61  O OP1   . DC A 4  ? 8.64839  4.98059  4.56219  -2.20135 0.04626  -0.31360 104 DC A OP1   
62  O OP2   . DC A 4  ? 8.17995  4.65022  4.30876  -2.18328 0.07827  -0.38200 104 DC A OP2   
63  O "O5'" . DC A 4  ? 7.99263  4.43057  4.13387  -2.10660 0.13584  -0.33815 104 DC A "O5'" 
64  C "C5'" . DC A 4  ? 8.04735  4.45050  4.13310  -2.14887 0.26400  -0.36284 104 DC A "C5'" 
65  C "C4'" . DC A 4  ? 7.74993  4.18942  3.93976  -2.09513 0.33902  -0.37003 104 DC A "C4'" 
66  O "O4'" . DC A 4  ? 7.77151  4.18465  3.93809  -2.05408 0.31120  -0.33410 104 DC A "O4'" 
67  C "C3'" . DC A 4  ? 7.40397  3.92998  3.75699  -2.03614 0.30256  -0.37530 104 DC A "C3'" 
68  O "O3'" . DC A 4  ? 7.23859  3.80394  3.66787  -2.05324 0.39342  -0.41760 104 DC A "O3'" 
69  C "C2'" . DC A 4  ? 7.22009  3.76448  3.64308  -1.96378 0.29357  -0.34792 104 DC A "C2'" 
70  C "C1'" . DC A 4  ? 7.47670  3.94636  3.77687  -1.98748 0.33439  -0.33345 104 DC A "C1'" 
71  N N1    . DC A 4  ? 7.45787  3.92189  3.76612  -1.93472 0.26249  -0.29345 104 DC A N1    
72  C C2    . DC A 4  ? 7.50266  3.94341  3.79806  -1.91710 0.32515  -0.28788 104 DC A C2    
73  O O2    . DC A 4  ? 7.59558  4.01595  3.86757  -1.94452 0.44074  -0.31694 104 DC A O2    
74  N N3    . DC A 4  ? 7.49852  3.93873  3.80959  -1.87025 0.25693  -0.25353 104 DC A N3    
75  C C4    . DC A 4  ? 7.41357  3.87151  3.75041  -1.83939 0.13433  -0.22596 104 DC A C4    
76  N N4    . DC A 4  ? 7.43132  3.88573  3.78386  -1.79459 0.07251  -0.19489 104 DC A N4    
77  C C5    . DC A 4  ? 7.39108  3.87133  3.74297  -1.85222 0.07041  -0.23244 104 DC A C5    
78  C C6    . DC A 4  ? 7.42189  3.90710  3.76114  -1.90037 0.13668  -0.26631 104 DC A C6    
79  P P     . DA A 5  ? 8.15060  4.67451  4.52562  -2.10629 0.54164  -0.45494 105 DA A P     
80  O OP1   . DA A 5  ? 8.47202  4.93263  4.69854  -2.18529 0.54925  -0.46677 105 DA A OP1   
81  O OP2   . DA A 5  ? 7.86892  4.45068  4.36768  -2.09679 0.60248  -0.48767 105 DA A OP2   
82  O "O5'" . DA A 5  ? 8.12431  4.62259  4.50042  -2.06564 0.60734  -0.44055 105 DA A "O5'" 
83  C "C5'" . DA A 5  ? 8.22137  4.67156  4.54097  -2.09971 0.73757  -0.47121 105 DA A "C5'" 
84  C "C4'" . DA A 5  ? 8.00127  4.46139  4.39874  -2.04102 0.80974  -0.46788 105 DA A "C4'" 
85  O "O4'" . DA A 5  ? 7.93239  4.40751  4.35443  -1.98530 0.72214  -0.42400 105 DA A "O4'" 
86  C "C3'" . DA A 5  ? 7.68648  4.20611  4.23875  -2.00021 0.87446  -0.48577 105 DA A "C3'" 
87  O "O3'" . DA A 5  ? 7.63166  4.12230  4.19705  -1.99147 1.00312  -0.50934 105 DA A "O3'" 
88  C "C2'" . DA A 5  ? 7.46242  4.04310  4.12471  -1.92579 0.78359  -0.44603 105 DA A "C2'" 
89  C "C1'" . DA A 5  ? 7.61311  4.15145  4.18754  -1.91600 0.73316  -0.41548 105 DA A "C1'" 
90  N N9    . DA A 5  ? 7.54664  4.12082  4.16270  -1.87007 0.60604  -0.37611 105 DA A N9    
91  C C8    . DA A 5  ? 7.56374  4.16146  4.18068  -1.87523 0.49768  -0.36496 105 DA A C8    
92  N N7    . DA A 5  ? 7.48982  4.11237  4.14730  -1.82473 0.39669  -0.33183 105 DA A N7    
93  C C5    . DA A 5  ? 7.42579  4.04327  4.11088  -1.78696 0.44098  -0.31887 105 DA A C5    
94  C C6    . DA A 5  ? 7.33539  3.97192  4.06985  -1.72903 0.37983  -0.28721 105 DA A C6    
95  N N6    . DA A 5  ? 7.27729  3.93870  4.03929  -1.69635 0.25770  -0.26355 105 DA A N6    
96  N N1    . DA A 5  ? 7.29512  3.92425  4.05395  -1.70485 0.45001  -0.28373 105 DA A N1    
97  C C2    . DA A 5  ? 7.34109  3.94214  4.07498  -1.73355 0.57376  -0.31146 105 DA A C2    
98  N N3    . DA A 5  ? 7.41697  3.99417  4.10160  -1.78648 0.64299  -0.34458 105 DA A N3    
99  C C4    . DA A 5  ? 7.45974  4.04801  4.12114  -1.81310 0.56968  -0.34570 105 DA A C4    
100 P P     . DG A 6  ? 9.18372  5.71941  5.90356  -1.94774 1.09647  -0.52713 106 DG A P     
101 O OP1   . DG A 6  ? 9.26050  5.73947  5.93966  -1.97677 1.23489  -0.56922 106 DG A OP1   
102 O OP2   . DG A 6  ? 9.04380  5.63921  5.84606  -1.94966 1.04801  -0.52945 106 DG A OP2   
103 O "O5'" . DG A 6  ? 8.96559  5.53868  5.78460  -1.86506 1.07100  -0.48834 106 DG A "O5'" 
104 C "C5'" . DG A 6  ? 9.04585  5.57607  5.80706  -1.85107 1.09147  -0.47756 106 DG A "C5'" 
105 C "C4'" . DG A 6  ? 8.85246  5.43191  5.72026  -1.77466 1.04519  -0.43736 106 DG A "C4'" 
106 O "O4'" . DG A 6  ? 8.87368  5.48390  5.73317  -1.76293 0.90428  -0.40272 106 DG A "O4'" 
107 C "C3'" . DG A 6  ? 8.51904  5.16211  5.55695  -1.71579 1.09337  -0.43181 106 DG A "C3'" 
108 O "O3'" . DG A 6  ? 8.41940  5.07131  5.52401  -1.65923 1.12952  -0.41162 106 DG A "O3'" 
109 C "C2'" . DG A 6  ? 8.38762  5.09574  5.48954  -1.69365 0.97370  -0.40464 106 DG A "C2'" 
110 C "C1'" . DG A 6  ? 8.58316  5.26763  5.59113  -1.69896 0.86894  -0.37932 106 DG A "C1'" 
111 N N9    . DG A 6  ? 8.58423  5.30265  5.59605  -1.69590 0.73899  -0.36033 106 DG A N9    
112 C C8    . DG A 6  ? 8.68595  5.40746  5.66117  -1.73830 0.69518  -0.37578 106 DG A C8    
113 N N7    . DG A 6  ? 8.66870  5.42214  5.66257  -1.71850 0.57338  -0.35497 106 DG A N7    
114 C C5    . DG A 6  ? 8.54966  5.32062  5.59224  -1.66135 0.53506  -0.32449 106 DG A C5    
115 C C6    . DG A 6  ? 8.47559  5.27901  5.55726  -1.61685 0.41511  -0.29716 106 DG A C6    
116 O O6    . DG A 6  ? 8.49376  5.31627  5.57443  -1.61572 0.31533  -0.29483 106 DG A O6    
117 N N1    . DG A 6  ? 8.36634  5.17850  5.49283  -1.56868 0.41685  -0.27367 106 DG A N1    
118 C C2    . DG A 6  ? 8.33299  5.12877  5.47245  -1.56171 0.52092  -0.27527 106 DG A C2    
119 N N2    . DG A 6  ? 8.22579  5.03875  5.41853  -1.51291 0.50268  -0.25027 106 DG A N2    
120 N N3    . DG A 6  ? 8.40026  5.16403  5.50473  -1.59898 0.63443  -0.30203 106 DG A N3    
121 C C4    . DG A 6  ? 8.50154  5.25380  5.55743  -1.64816 0.63511  -0.32615 106 DG A C4    
122 P P     . DC A 7  ? 9.58092  6.29736  6.86489  -1.58782 1.18139  -0.39354 107 DC A P     
123 O OP1   . DC A 7  ? 9.57048  6.27165  6.88422  -1.54825 1.24181  -0.38261 107 DC A OP1   
124 O OP2   . DC A 7  ? 9.48021  6.20473  6.81528  -1.60373 1.25683  -0.42138 107 DC A OP2   
125 O "O5'" . DC A 7  ? 9.40400  6.19323  6.76485  -1.54708 1.05342  -0.35225 107 DC A "O5'" 
126 C "C5'" . DC A 7  ? 9.48147  6.27383  6.81311  -1.52666 0.96146  -0.32252 107 DC A "C5'" 
127 C "C4'" . DC A 7  ? 9.26663  6.12897  6.69005  -1.48413 0.85382  -0.29153 107 DC A "C4'" 
128 O "O4'" . DC A 7  ? 9.36204  6.22360  6.72851  -1.52269 0.77223  -0.30362 107 DC A "O4'" 
129 C "C3'" . DC A 7  ? 8.94965  5.88109  6.53562  -1.43115 0.89741  -0.27633 107 DC A "C3'" 
130 O "O3'" . DC A 7  ? 8.76426  5.74776  6.43944  -1.37105 0.83316  -0.23757 107 DC A "O3'" 
131 C "C2'" . DC A 7  ? 8.89871  5.85509  6.49880  -1.45675 0.85963  -0.29245 107 DC A "C2'" 
132 C "C1'" . DC A 7  ? 9.11383  6.04301  6.59999  -1.49046 0.74149  -0.29572 107 DC A "C1'" 
133 N N1    . DC A 7  ? 9.21542  6.13972  6.65131  -1.53989 0.70163  -0.32092 107 DC A N1    
134 C C2    . DC A 7  ? 9.19430  6.15403  6.64769  -1.52738 0.57746  -0.31281 107 DC A C2    
135 O O2    . DC A 7  ? 9.07728  6.07212  6.59312  -1.47439 0.50947  -0.28775 107 DC A O2    
136 N N3    . DC A 7  ? 9.28519  6.24429  6.69869  -1.57037 0.53829  -0.33598 107 DC A N3    
137 C C4    . DC A 7  ? 9.40409  6.32664  6.75548  -1.62865 0.61718  -0.36496 107 DC A C4    
138 N N4    . DC A 7  ? 9.49657  6.42308  6.81327  -1.67172 0.57313  -0.38709 107 DC A N4    
139 C C5    . DC A 7  ? 9.43445  6.31522  6.75978  -1.64389 0.74494  -0.37638 107 DC A C5    
140 C C6    . DC A 7  ? 9.33328  6.21596  6.70236  -1.59685 0.78234  -0.35430 107 DC A C6    
141 P P     . DC A 8  ? 7.40279  4.39129  5.13157  -1.32585 0.89135  -0.21266 108 DC A P     
142 O OP1   . DC A 8  ? 7.65210  4.56551  5.26675  -1.36672 0.95655  -0.23806 108 DC A OP1   
143 O OP2   . DC A 8  ? 7.12306  4.17172  5.00076  -1.27392 0.96184  -0.19022 108 DC A OP2   
144 O "O5'" . DC A 8  ? 7.38392  4.39750  5.12377  -1.29415 0.77080  -0.18273 108 DC A "O5'" 
145 C "C5'" . DC A 8  ? 7.11825  4.20242  4.99522  -1.22881 0.74697  -0.14535 108 DC A "C5'" 
146 C "C4'" . DC A 8  ? 7.12040  4.21112  4.97932  -1.21191 0.62261  -0.13098 108 DC A "C4'" 
147 O "O4'" . DC A 8  ? 7.37583  4.40445  5.08768  -1.26611 0.56017  -0.15597 108 DC A "O4'" 
148 C "C3'" . DC A 8  ? 6.88240  4.01329  4.80092  -1.17978 0.53645  -0.12154 108 DC A "C3'" 
149 O "O3'" . DC A 8  ? 6.68843  3.84363  4.68470  -1.13002 0.55812  -0.08933 108 DC A "O3'" 
150 C "C2'" . DC A 8  ? 7.00771  4.11114  4.83818  -1.19525 0.40917  -0.13344 108 DC A "C2'" 
151 C "C1'" . DC A 8  ? 7.30642  4.35532  5.01802  -1.25671 0.43779  -0.15732 108 DC A "C1'" 
152 N N1    . DC A 8  ? 7.32486  4.37586  5.01739  -1.28841 0.43606  -0.18203 108 DC A N1    
153 C C2    . DC A 8  ? 7.28849  4.35645  4.97646  -1.28310 0.32594  -0.19128 108 DC A C2    
154 O O2    . DC A 8  ? 7.24401  4.31075  4.92224  -1.25508 0.23313  -0.18149 108 DC A O2    
155 N N3    . DC A 8  ? 7.32577  4.39089  4.98902  -1.31706 0.32808  -0.21491 108 DC A N3    
156 C C4    . DC A 8  ? 7.36338  4.42485  5.03332  -1.34839 0.42978  -0.22798 108 DC A C4    
157 N N4    . DC A 8  ? 7.39800  4.46051  5.05023  -1.38309 0.42762  -0.25242 108 DC A N4    
158 C C5    . DC A 8  ? 7.40534  4.43841  5.06424  -1.35536 0.54433  -0.22247 108 DC A C5    
159 C C6    . DC A 8  ? 7.38611  4.41627  5.05800  -1.32388 0.54275  -0.19955 108 DC A C6    
160 P P     . DT A 9  ? 6.95815  4.12333  4.99734  -1.10384 0.56643  -0.07800 109 DT A P     
161 O OP1   . DT A 9  ? 6.80157  3.98445  4.90124  -1.05364 0.57980  -0.04040 109 DT A OP1   
162 O OP2   . DT A 9  ? 6.92554  4.10650  5.00212  -1.11943 0.66066  -0.08536 109 DT A OP2   
163 O "O5'" . DT A 9  ? 6.97110  4.10204  4.92302  -1.12047 0.42858  -0.10592 109 DT A "O5'" 
164 C "C5'" . DT A 9  ? 7.00988  4.12229  4.91033  -1.11051 0.31288  -0.10965 109 DT A "C5'" 
165 C "C4'" . DT A 9  ? 7.07182  4.16569  4.89957  -1.12558 0.19243  -0.14020 109 DT A "C4'" 
166 O "O4'" . DT A 9  ? 7.22620  4.31958  5.02136  -1.17162 0.22121  -0.16029 109 DT A "O4'" 
167 C "C3'" . DT A 9  ? 6.87554  3.96488  4.71303  -1.10471 0.16035  -0.14907 109 DT A "C3'" 
168 O "O3'" . DT A 9  ? 6.78729  3.86468  4.61125  -1.06153 0.05821  -0.14839 109 DT A "O3'" 
169 C "C2'" . DT A 9  ? 6.96444  4.05395  4.75105  -1.13714 0.09771  -0.18332 109 DT A "C2'" 
170 C "C1'" . DT A 9  ? 7.20704  4.29752  4.96929  -1.18117 0.14767  -0.18541 109 DT A "C1'" 
171 N N1    . DT A 9  ? 7.25594  4.35246  5.02682  -1.22222 0.23161  -0.20049 109 DT A N1    
172 C C2    . DT A 9  ? 7.26485  4.36410  5.00655  -1.24209 0.17234  -0.22819 109 DT A C2    
173 O O2    . DT A 9  ? 7.21525  4.31806  4.92916  -1.22141 0.05199  -0.24203 109 DT A O2    
174 N N3    . DT A 9  ? 7.31880  4.42336  5.07190  -1.28320 0.25588  -0.24222 109 DT A N3    
175 C C4    . DT A 9  ? 7.35057  4.45815  5.14062  -1.30095 0.38710  -0.23344 109 DT A C4    
176 O O4    . DT A 9  ? 7.38893  4.50105  5.18780  -1.33662 0.45142  -0.25088 109 DT A O4    
177 C C5    . DT A 9  ? 7.31822  4.42760  5.14097  -1.27171 0.43926  -0.20547 109 DT A C5    
178 C C7    . DT A 9  ? 7.31655  4.43649  5.18863  -1.27766 0.57216  -0.19788 109 DT A C7    
179 C C6    . DT A 9  ? 7.27774  4.38197  5.08970  -1.23670 0.36149  -0.18957 109 DT A C6    
180 P P     . DG A 10 ? 5.96389  3.03069  3.83865  -1.01675 0.10817  -0.11954 110 DG A P     
181 O OP1   . DG A 10 ? 5.85844  2.90726  3.69641  -0.97282 -0.03387 -0.13514 110 DG A OP1   
182 O OP2   . DG A 10 ? 6.03455  3.12498  3.97523  -1.01977 0.23940  -0.08202 110 DG A OP2   
183 O "O5'" . DG A 10 ? 5.81388  2.87582  3.71152  -1.01964 0.17733  -0.11971 110 DG A "O5'" 
184 C "C5'" . DG A 10 ? 5.63647  2.66743  3.50628  -0.98312 0.10259  -0.13465 110 DG A "C5'" 
185 C "C4'" . DG A 10 ? 5.62397  2.66331  3.44290  -1.00112 -0.00060 -0.18807 110 DG A "C4'" 
186 O "O4'" . DG A 10 ? 5.77889  2.84414  3.60000  -1.05736 0.04637  -0.19356 110 DG A "O4'" 
187 C "C3'" . DG A 10 ? 5.45880  2.47853  3.27888  -0.99361 0.02704  -0.19969 110 DG A "C3'" 
188 O "O3'" . DG A 10 ? 5.37272  2.41488  3.13963  -0.94716 -0.14977 -0.26015 110 DG A "O3'" 
189 C "C2'" . DG A 10 ? 5.52809  2.57371  3.37381  -1.05589 0.11910  -0.20258 110 DG A "C2'" 
190 C "C1'" . DG A 10 ? 5.72203  2.79408  3.54201  -1.08540 0.06765  -0.21639 110 DG A "C1'" 
191 N N9    . DG A 10 ? 5.85490  2.94294  3.70777  -1.13453 0.19258  -0.20275 110 DG A N9    
192 C C8    . DG A 10 ? 5.93118  3.03051  3.82829  -1.13904 0.30237  -0.17014 110 DG A C8    
193 N N7    . DG A 10 ? 6.04494  3.16075  3.95942  -1.17885 0.38616  -0.17652 110 DG A N7    
194 C C5    . DG A 10 ? 6.05408  3.16805  3.93707  -1.20794 0.33715  -0.21030 110 DG A C5    
195 C C6    . DG A 10 ? 6.15836  3.28416  4.04081  -1.25772 0.38482  -0.23325 110 DG A C6    
196 O O6    . DG A 10 ? 6.26797  3.40279  4.17267  -1.28418 0.48051  -0.23090 110 DG A O6    
197 N N1    . DG A 10 ? 6.11188  3.24074  3.96403  -1.27359 0.30271  -0.26709 110 DG A N1    
198 C C2    . DG A 10 ? 5.96668  3.09164  3.79011  -1.23789 0.18038  -0.28294 110 DG A C2    
199 N N2    . DG A 10 ? 5.90694  3.05281  3.70936  -1.25229 0.10441  -0.32369 110 DG A N2    
200 N N3    . DG A 10 ? 5.86944  2.97861  3.68670  -1.18695 0.12946  -0.26592 110 DG A N3    
201 C C4    . DG A 10 ? 5.92852  3.03006  3.77677  -1.17906 0.21697  -0.22707 110 DG A C4    
202 P P     . DT A 11 ? 6.10623  3.40067  4.00367  -0.78082 -0.20064 -0.23837 111 DT A P     
203 O OP1   . DT A 11 ? 6.11213  3.45354  3.96290  -0.72528 -0.40782 -0.30284 111 DT A OP1   
204 O OP2   . DT A 11 ? 6.08260  3.38237  4.03707  -0.74911 -0.10188 -0.17532 111 DT A OP2   
205 O "O5'" . DT A 11 ? 5.86569  3.34676  3.88053  -0.72606 -0.11494 -0.21576 111 DT A "O5'" 
206 C "C5'" . DT A 11 ? 5.91350  3.31273  3.91614  -0.82459 0.00247  -0.21129 111 DT A "C5'" 
207 C "C4'" . DT A 11 ? 5.86988  3.33055  3.85059  -0.83106 -0.09632 -0.27052 111 DT A "C4'" 
208 O "O4'" . DT A 11 ? 6.12249  3.39313  4.00333  -0.97648 -0.05428 -0.30054 111 DT A "O4'" 
209 C "C3'" . DT A 11 ? 5.62251  3.30002  3.74048  -0.75109 -0.02722 -0.24158 111 DT A "C3'" 
210 O "O3'" . DT A 11 ? 5.52375  3.32896  3.64232  -0.69958 -0.17048 -0.29728 111 DT A "O3'" 
211 C "C2'" . DT A 11 ? 5.75115  3.31651  3.87110  -0.86333 0.13864  -0.21947 111 DT A "C2'" 
212 C "C1'" . DT A 11 ? 6.05710  3.39167  4.01697  -0.99870 0.07482  -0.27903 111 DT A "C1'" 
213 N N1    . DT A 11 ? 6.30267  3.45460  4.22842  -1.11505 0.23513  -0.25181 111 DT A N1    
214 C C2    . DT A 11 ? 6.43056  3.53181  4.34075  -1.20815 0.29867  -0.27489 111 DT A C2    
215 O O2    . DT A 11 ? 6.37505  3.52010  4.26786  -1.22416 0.22573  -0.32321 111 DT A O2    
216 N N3    . DT A 11 ? 6.55504  3.67707  4.52584  -1.22935 0.43315  -0.23558 111 DT A N3    
217 C C4    . DT A 11 ? 6.57668  3.70256  4.59041  -1.19524 0.51065  -0.18645 111 DT A C4    
218 O O4    . DT A 11 ? 6.66714  3.82252  4.73084  -1.20720 0.61104  -0.16953 111 DT A O4    
219 C C5    . DT A 11 ? 6.47591  3.57034  4.46798  -1.13985 0.45380  -0.16466 111 DT A C5    
220 C C7    . DT A 11 ? 6.47309  3.58273  4.51623  -1.09988 0.52805  -0.11233 111 DT A C7    
221 C C6    . DT A 11 ? 6.36814  3.44375  4.30172  -1.11313 0.32295  -0.20011 111 DT A C6    
222 P P     . DA A 12 ? 5.00476  3.10352  3.26554  -0.54038 -0.19510 -0.27536 112 DA A P     
223 O OP1   . DA A 12 ? 4.92532  3.10049  3.14777  -0.46147 -0.39641 -0.33481 112 DA A OP1   
224 O OP2   . DA A 12 ? 4.87427  3.06126  3.24487  -0.47448 -0.05272 -0.19246 112 DA A OP2   
225 O "O5'" . DA A 12 ? 5.01074  3.19556  3.32713  -0.56675 -0.13638 -0.28074 112 DA A "O5'" 
226 C "C5'" . DA A 12 ? 5.13121  3.21169  3.35465  -0.66627 -0.20571 -0.34565 112 DA A "C5'" 
227 C "C4'" . DA A 12 ? 5.07382  3.20739  3.37204  -0.71200 -0.07638 -0.32578 112 DA A "C4'" 
228 O "O4'" . DA A 12 ? 5.27985  3.21017  3.53741  -0.84066 0.07408  -0.30138 112 DA A "O4'" 
229 C "C3'" . DA A 12 ? 4.81614  3.18211  3.28027  -0.59523 0.02296  -0.25871 112 DA A "C3'" 
230 O "O3'" . DA A 12 ? 4.63824  3.18959  3.17345  -0.54956 -0.01586 -0.27930 112 DA A "O3'" 
231 C "C2'" . DA A 12 ? 4.90687  3.18224  3.42445  -0.65677 0.23732  -0.18756 112 DA A "C2'" 
232 C "C1'" . DA A 12 ? 5.20433  3.20895  3.58915  -0.81963 0.25985  -0.22723 112 DA A "C1'" 
233 N N9    . DA A 12 ? 5.36330  3.21475  3.72970  -0.86492 0.38285  -0.17842 112 DA A N9    
234 C C8    . DA A 12 ? 5.26721  3.15174  3.65923  -0.78415 0.38517  -0.13443 112 DA A C8    
235 N N7    . DA A 12 ? 5.43024  3.16178  3.80392  -0.84608 0.51205  -0.09317 112 DA A N7    
236 C C5    . DA A 12 ? 5.64722  3.23424  3.98234  -0.97516 0.60468  -0.11178 112 DA A C5    
237 C C6    . DA A 12 ? 5.87082  3.26232  4.17309  -1.08708 0.75686  -0.08973 112 DA A C6    
238 N N6    . DA A 12 ? 5.90803  3.21535  4.21201  -1.08388 0.84421  -0.03836 112 DA A N6    
239 N N1    . DA A 12 ? 6.04569  3.33433  4.31453  -1.20251 0.81620  -0.12475 112 DA A N1    
240 C C2    . DA A 12 ? 6.00317  3.38480  4.27492  -1.20582 0.72891  -0.17540 112 DA A C2    
241 N N3    . DA A 12 ? 5.79123  3.35823  4.09293  -1.10531 0.58358  -0.19808 112 DA A N3    
242 C C4    . DA A 12 ? 5.61677  3.27770  3.94895  -0.99048 0.52836  -0.16438 112 DA A C4    
243 P P     . DC A 13 ? 5.03268  3.52634  3.54550  -0.66532 0.01308  -0.31899 113 DC A P     
244 O OP1   . DC A 13 ? 5.18339  3.58113  3.56168  -0.71747 -0.16238 -0.40486 113 DC A OP1   
245 O OP2   . DC A 13 ? 4.80647  3.53368  3.46309  -0.58625 0.06890  -0.28618 113 DC A OP2   
246 O "O5'" . DC A 13 ? 5.23189  3.51992  3.72683  -0.79781 0.19935  -0.28323 113 DC A "O5'" 
247 C "C5'" . DC A 13 ? 5.46307  3.57995  3.87209  -0.94846 0.22058  -0.33246 113 DC A "C5'" 
248 C "C4'" . DC A 13 ? 5.52042  3.66147  4.03284  -1.00180 0.40116  -0.29456 113 DC A "C4'" 
249 O "O4'" . DC A 13 ? 5.70023  3.70135  4.22990  -1.05115 0.57549  -0.23564 113 DC A "O4'" 
250 C "C3'" . DC A 13 ? 5.25675  3.65853  3.93226  -0.88189 0.44388  -0.24512 113 DC A "C3'" 
251 O "O3'" . DC A 13 ? 5.31296  3.74906  4.05084  -0.94848 0.52626  -0.25255 113 DC A "O3'" 
252 C "C2'" . DC A 13 ? 5.21878  3.63994  3.98241  -0.81944 0.59045  -0.15298 113 DC A "C2'" 
253 C "C1'" . DC A 13 ? 5.53345  3.69185  4.22005  -0.95712 0.70639  -0.15092 113 DC A "C1'" 
254 N N1    . DC A 13 ? 5.54710  3.64490  4.23783  -0.91547 0.77440  -0.09108 113 DC A N1    
255 C C2    . DC A 13 ? 5.76445  3.67209  4.43957  -1.00863 0.93441  -0.05761 113 DC A C2    
256 O O2    . DC A 13 ? 5.94587  3.73382  4.60371  -1.12710 1.02052  -0.08094 113 DC A O2    
257 N N3    . DC A 13 ? 5.75734  3.62343  4.44121  -0.96394 0.99277  -0.00090 113 DC A N3    
258 C C4    . DC A 13 ? 5.55987  3.56398  4.26459  -0.83773 0.89495  0.01845  113 DC A C4    
259 N N4    . DC A 13 ? 5.56080  3.52505  4.27522  -0.79976 0.95386  0.07266  113 DC A N4    
260 C C5    . DC A 13 ? 5.34161  3.53524  4.06057  -0.74385 0.73246  -0.01911 113 DC A C5    
261 C C6    . DC A 13 ? 5.33635  3.56942  4.04799  -0.78499 0.67905  -0.07147 113 DC A C6    
262 P P     . DG A 14 ? 5.27808  3.99182  4.15853  -0.84589 0.51744  -0.23167 114 DG A P     
263 O OP1   . DG A 14 ? 5.12713  3.95306  3.95306  -0.78299 0.30841  -0.29772 114 DG A OP1   
264 O OP2   . DG A 14 ? 5.14655  3.99949  4.16196  -0.73349 0.63721  -0.13561 114 DG A OP2   
265 O "O5'" . DG A 14 ? 5.40658  4.07244  4.32664  -0.96996 0.62746  -0.24823 114 DG A "O5'" 
266 C "C5'" . DG A 14 ? 5.38613  4.08119  4.43966  -0.97945 0.83033  -0.17319 114 DG A "C5'" 
267 C "C4'" . DG A 14 ? 5.72071  4.18342  4.73076  -1.14510 0.96150  -0.19103 114 DG A "C4'" 
268 O "O4'" . DG A 14 ? 5.91140  4.16990  4.83288  -1.18548 1.00678  -0.17656 114 DG A "O4'" 
269 C "C3'" . DG A 14 ? 5.77765  4.27311  4.93396  -1.16941 1.16600  -0.12599 114 DG A "C3'" 
270 O "O3'" . DG A 14 ? 6.02338  4.35523  5.14010  -1.33046 1.23430  -0.17859 114 DG A "O3'" 
271 C "C2'" . DG A 14 ? 5.83412  4.26328  5.02757  -1.12143 1.29679  -0.03984 114 DG A "C2'" 
272 C "C1'" . DG A 14 ? 5.95432  4.20446  4.98421  -1.15733 1.19699  -0.08450 114 DG A "C1'" 
273 N N9    . DG A 14 ? 5.83084  4.15507  4.86828  -1.02987 1.15547  -0.03325 114 DG A N9    
274 C C8    . DG A 14 ? 5.59200  4.11973  4.65301  -0.89431 1.01697  -0.03179 114 DG A C8    
275 N N7    . DG A 14 ? 5.53786  4.09153  4.59852  -0.80413 1.00409  0.01211  114 DG A N7    
276 C C5    . DG A 14 ? 5.73725  4.09058  4.77112  -0.88409 1.14205  0.04456  114 DG A C5    
277 C C6    . DG A 14 ? 5.75897  4.05460  4.78476  -0.84049 1.19129  0.09772  114 DG A C6    
278 O O6    . DG A 14 ? 5.61971  4.03284  4.65787  -0.72320 1.11471  0.12273  114 DG A O6    
279 N N1    . DG A 14 ? 5.95559  4.03590  4.95465  -0.94930 1.34101  0.11721  114 DG A N1    
280 C C2    . DG A 14 ? 6.11993  4.05795  5.10263  -1.08544 1.43283  0.08487  114 DG A C2    
281 N N2    . DG A 14 ? 6.24881  4.05044  5.22973  -1.13370 1.53176  0.09323  114 DG A N2    
282 N N3    . DG A 14 ? 6.11836  4.11202  5.10921  -1.13061 1.38515  0.03184  114 DG A N3    
283 C C4    . DG A 14 ? 5.91823  4.12287  4.93547  -1.02356 1.23879  0.01654  114 DG A C4    
284 P P     . DG A 15 ? 6.72116  4.96095  5.94458  -1.40882 1.47220  -0.12488 115 DG A P     
285 O OP1   . DG A 15 ? 6.82288  4.97201  6.01556  -1.55684 1.48696  -0.20107 115 DG A OP1   
286 O OP2   . DG A 15 ? 6.56013  5.00726  5.96042  -1.28569 1.56982  -0.02764 115 DG A OP2   
287 O "O5'" . DG A 15 ? 6.88722  4.89361  6.02385  -1.45608 1.55201  -0.10474 115 DG A "O5'" 
288 C "C5'" . DG A 15 ? 7.00279  4.95294  6.20130  -1.45622 1.65823  -0.09254 115 DG A "C5'" 
289 C "C4'" . DG A 15 ? 6.89474  4.94754  6.23443  -1.32512 1.76344  0.01090  115 DG A "C4'" 
290 O "O4'" . DG A 15 ? 6.72975  4.83388  6.04659  -1.25957 1.74037  0.06705  115 DG A "O4'" 
291 C "C3'" . DG A 15 ? 6.85380  5.06538  6.37036  -1.27849 1.86552  0.06892  115 DG A "C3'" 
292 O "O3'" . DG A 15 ? 6.95647  5.15440  6.56612  -1.23423 1.94360  0.09118  115 DG A "O3'" 
293 C "C2'" . DG A 15 ? 6.65390  5.03157  6.24621  -1.16837 1.89631  0.16369  115 DG A "C2'" 
294 C "C1'" . DG A 15 ? 6.61135  4.89119  6.08974  -1.14031 1.83741  0.16620  115 DG A "C1'" 
295 N N9    . DG A 15 ? 6.40041  4.83690  5.87934  -1.02720 1.76246  0.20652  115 DG A N9    
296 C C8    . DG A 15 ? 6.21100  4.87919  5.73796  -0.93835 1.64389  0.19296  115 DG A C8    
297 N N7    . DG A 15 ? 6.00523  4.81897  5.53153  -0.80355 1.54324  0.21821  115 DG A N7    
298 C C5    . DG A 15 ? 6.07609  4.75045  5.55645  -0.80329 1.60117  0.25439  115 DG A C5    
299 C C6    . DG A 15 ? 5.93721  4.67762  5.40064  -0.69037 1.54212  0.29057  115 DG A C6    
300 O O6    . DG A 15 ? 5.71684  4.65518  5.20029  -0.56393 1.42188  0.29459  115 DG A O6    
301 N N1    . DG A 15 ? 6.07089  4.62202  5.48994  -0.73664 1.63754  0.32109  115 DG A N1    
302 C C2    . DG A 15 ? 6.29693  4.62129  5.68904  -0.87278 1.77410  0.31558  115 DG A C2    
303 N N2    . DG A 15 ? 6.35115  4.58693  5.72552  -0.85134 1.77867  0.32371  115 DG A N2    
304 N N3    . DG A 15 ? 6.41586  4.69542  5.82725  -0.96345 1.80277  0.26934  115 DG A N3    
305 C C4    . DG A 15 ? 6.31087  4.75358  5.76180  -0.93832 1.73687  0.24938  115 DG A C4    
306 P P     . DA A 16 ? 8.37286  6.41029  7.90059  -1.25975 1.93280  0.03779  116 DA A P     
307 O OP1   . DA A 16 ? 8.46079  6.37754  7.83974  -1.37549 1.85104  -0.06325 116 DA A OP1   
308 O OP2   . DA A 16 ? 8.47813  6.53683  8.12418  -1.22380 2.02665  0.06404  116 DA A OP2   
309 O "O5'" . DA A 16 ? 8.27869  6.30999  7.78139  -1.17100 1.91519  0.08869  116 DA A "O5'" 
310 C "C5'" . DA A 16 ? 8.36776  6.27605  7.77256  -1.18302 1.88142  0.04812  116 DA A "C5'" 
311 C "C4'" . DA A 16 ? 8.31212  6.25399  7.79355  -1.07743 1.93387  0.11441  116 DA A "C4'" 
312 O "O4'" . DA A 16 ? 8.13020  6.16117  7.63428  -0.99965 1.91433  0.18320  116 DA A "O4'" 
313 C "C3'" . DA A 16 ? 8.37413  6.38178  8.00136  -1.02221 2.03210  0.16148  116 DA A "C3'" 
314 O "O3'" . DA A 16 ? 8.44112  6.39432  8.07962  -0.98110 2.06751  0.16613  116 DA A "O3'" 
315 C "C2'" . DA A 16 ? 8.22344  6.39187  7.95819  -0.93045 2.05484  0.25408  116 DA A "C2'" 
316 C "C1'" . DA A 16 ? 8.08529  6.25340  7.74015  -0.90017 1.98908  0.26926  116 DA A "C1'" 
317 N N9    . DA A 16 ? 7.94152  6.24475  7.63013  -0.85641 1.97724  0.32319  116 DA A N9    
318 C C8    . DA A 16 ? 7.90809  6.26064  7.59276  -0.90852 1.96646  0.30561  116 DA A C8    
319 N N7    . DA A 16 ? 7.75387  6.25181  7.47445  -0.84264 1.96665  0.36422  116 DA A N7    
320 C C5    . DA A 16 ? 7.68613  6.23091  7.43412  -0.73959 1.97291  0.42484  116 DA A C5    
321 C C6    . DA A 16 ? 7.51699  6.22021  7.30549  -0.62572 1.97482  0.50102  116 DA A C6    
322 N N6    . DA A 16 ? 7.36533  6.22217  7.17268  -0.58800 1.97593  0.52966  116 DA A N6    
323 N N1    . DA A 16 ? 7.49696  6.21325  7.30728  -0.54424 1.97681  0.54393  116 DA A N1    
324 C C2    . DA A 16 ? 7.63194  6.21147  7.42525  -0.57634 1.98183  0.51196  116 DA A C2    
325 N N3    . DA A 16 ? 7.78380  6.21756  7.53766  -0.67212 1.98573  0.44136  116 DA A N3    
326 C C4    . DA A 16 ? 7.80487  6.22793  7.53650  -0.75070 1.97878  0.40035  116 DA A C4    
327 P P     . DC A 17 ? 7.94790  5.92529  7.71338  -0.93265 2.16616  0.20104  117 DC A P     
328 O OP1   . DC A 17 ? 8.07377  5.94252  7.79365  -0.93884 2.18682  0.16220  117 DC A OP1   
329 O OP2   . DC A 17 ? 8.02345  6.02985  7.84265  -0.98131 2.19956  0.18751  117 DC A OP2   
330 O "O5'" . DC A 17 ? 7.82905  5.94348  7.70586  -0.81273 2.19099  0.30383  117 DC A "O5'" 
331 C "C5'" . DC A 17 ? 7.70965  5.83917  7.55466  -0.75410 2.15424  0.33393  117 DC A "C5'" 
332 C "C4'" . DC A 17 ? 7.62326  5.90927  7.57438  -0.64436 2.17344  0.43045  117 DC A "C4'" 
333 O "O4'" . DC A 17 ? 7.47393  5.86160  7.42229  -0.64656 2.13754  0.45179  117 DC A "O4'" 
334 C "C3'" . DC A 17 ? 7.77384  6.12786  7.85960  -0.58460 2.25322  0.48448  117 DC A "C3'" 
335 O "O3'" . DC A 17 ? 7.76525  6.20060  7.91736  -0.47612 2.26857  0.55721  117 DC A "O3'" 
336 C "C2'" . DC A 17 ? 7.70733  6.17967  7.84622  -0.59015 2.25465  0.51151  117 DC A "C2'" 
337 C "C1'" . DC A 17 ? 7.48848  6.02479  7.56486  -0.57239 2.18621  0.52469  117 DC A "C1'" 
338 N N1    . DC A 17 ? 7.37059  6.01170  7.45321  -0.59141 2.16515  0.53267  117 DC A N1    
339 C C2    . DC A 17 ? 7.19717  6.00334  7.31463  -0.50154 2.14648  0.59921  117 DC A C2    
340 O O2    . DC A 17 ? 7.16055  6.01251  7.30295  -0.41441 2.14553  0.64766  117 DC A O2    
341 N N3    . DC A 17 ? 7.06810  5.98769  7.19183  -0.50874 2.13148  0.60602  117 DC A N3    
342 C C4    . DC A 17 ? 7.12337  5.98321  7.22038  -0.61231 2.13270  0.54720  117 DC A C4    
343 N N4    . DC A 17 ? 6.98608  5.96822  7.09374  -0.61780 2.12150  0.55208  117 DC A N4    
344 C C5    . DC A 17 ? 7.31220  5.99604  7.37113  -0.71021 2.14627  0.47720  117 DC A C5    
345 C C6    . DC A 17 ? 7.42364  6.00761  7.47542  -0.69173 2.16334  0.47275  117 DC A C6    
346 P P     . DA A 18 ? 6.31399  4.65930  6.45676  -0.44530 2.29107  0.55003  118 DA A P     
347 O OP1   . DA A 18 ? 6.22304  4.46848  6.24120  -0.50163 2.23266  0.48868  118 DA A OP1   
348 O OP2   . DA A 18 ? 6.55805  4.83674  6.76046  -0.45475 2.36783  0.53855  118 DA A OP2   
349 O "O5'" . DA A 18 ? 6.25630  4.73663  6.47778  -0.32309 2.29272  0.64088  118 DA A "O5'" 
350 C "C5'" . DA A 18 ? 6.07781  4.60527  6.24784  -0.29007 2.23175  0.65702  118 DA A "C5'" 
351 C "C4'" . DA A 18 ? 5.90191  4.61508  6.14315  -0.19647 2.21983  0.73844  118 DA A "C4'" 
352 O "O4'" . DA A 18 ? 5.80752  4.58894  6.04688  -0.23044 2.20574  0.73387  118 DA A "O4'" 
353 C "C3'" . DA A 18 ? 6.02902  4.83515  6.39477  -0.09916 2.27490  0.81356  118 DA A "C3'" 
354 O "O3'" . DA A 18 ? 5.85530  4.78318  6.24992  0.00207  2.24763  0.87748  118 DA A "O3'" 
355 C "C2'" . DA A 18 ? 6.06836  4.96202  6.49519  -0.10459 2.29849  0.83447  118 DA A "C2'" 
356 C "C1'" . DA A 18 ? 5.82580  4.76021  6.17702  -0.15064 2.23901  0.80507  118 DA A "C1'" 
357 N N9    . DA A 18 ? 5.84585  4.80549  6.21015  -0.20791 2.25052  0.78498  118 DA A N9    
358 C C8    . DA A 18 ? 5.99393  4.82763  6.33582  -0.30597 2.27744  0.72376  118 DA A C8    
359 N N7    . DA A 18 ? 5.96571  4.86241  6.32800  -0.34325 2.28009  0.71753  118 DA A N7    
360 C C5    . DA A 18 ? 5.77891  4.86073  6.17743  -0.26020 2.25328  0.77791  118 DA A C5    
361 C C6    . DA A 18 ? 5.64798  4.88934  6.08432  -0.24310 2.24336  0.80133  118 DA A C6    
362 N N6    . DA A 18 ? 5.69368  4.92374  6.14067  -0.32091 2.26084  0.76637  118 DA A N6    
363 N N1    . DA A 18 ? 5.45851  4.88317  5.92403  -0.13837 2.21399  0.85970  118 DA A N1    
364 C C2    . DA A 18 ? 5.41326  4.85155  5.87013  -0.06299 2.19493  0.89288  118 DA A C2    
365 N N3    . DA A 18 ? 5.52374  4.81810  5.94879  -0.07673 2.20286  0.87724  118 DA A N3    
366 C C4    . DA A 18 ? 5.70430  4.82556  6.10119  -0.17577 2.23304  0.81854  118 DA A C4    
367 P P     . DT A 19 ? 4.47989  3.61278  4.97320  0.11361  2.25082  0.96724  119 DT A P     
368 O OP1   . DT A 19 ? 4.33445  3.54662  4.83871  0.20388  2.22221  1.01539  119 DT A OP1   
369 O OP2   . DT A 19 ? 4.76920  3.91438  5.35646  0.13267  2.31445  0.99950  119 DT A OP2   
370 O "O5'" . DT A 19 ? 4.29253  3.52694  4.74259  0.09366  2.20124  0.95601  119 DT A "O5'" 
371 C "C5'" . DT A 19 ? 4.12645  3.55203  4.60598  0.19126  2.16410  1.01409  119 DT A "C5'" 
372 C "C4'" . DT A 19 ? 4.19312  3.76706  4.77088  0.25059  2.18994  1.06900  119 DT A "C4'" 
373 O "O4'" . DT A 19 ? 4.24788  3.76462  4.81960  0.16092  2.21546  1.02552  119 DT A "O4'" 
374 C "C3'" . DT A 19 ? 4.47065  4.04361  5.14201  0.31135  2.24251  1.12518  119 DT A "C3'" 
375 O "O3'" . DT A 19 ? 4.41349  4.15094  5.13593  0.43561  2.21695  1.20185  119 DT A "O3'" 
376 C "C2'" . DT A 19 ? 4.61433  4.19057  5.34463  0.27592  2.29151  1.12671  119 DT A "C2'" 
377 C "C1'" . DT A 19 ? 4.39889  3.99792  5.06989  0.20262  2.25880  1.07370  119 DT A "C1'" 
378 N N1    . DT A 19 ? 4.53722  4.02605  5.20600  0.09815  2.29967  1.02319  119 DT A N1    
379 C C2    . DT A 19 ? 4.43316  4.02713  5.12608  0.07867  2.29670  1.02150  119 DT A C2    
380 O O2    . DT A 19 ? 4.23399  4.01367  4.95148  0.14911  2.26268  1.05868  119 DT A O2    
381 N N3    . DT A 19 ? 4.56536  4.04758  5.25425  -0.02309 2.33366  0.97187  119 DT A N3    
382 C C4    . DT A 19 ? 4.78555  4.07008  5.44612  -0.10073 2.37016  0.92217  119 DT A C4    
383 O O4    . DT A 19 ? 4.88769  4.09194  5.54685  -0.18735 2.39914  0.87728  119 DT A O4    
384 C C5    . DT A 19 ? 4.88450  4.07221  5.51898  -0.06998 2.37135  0.92415  119 DT A C5    
385 C C7    . DT A 19 ? 5.12037  4.10828  5.72372  -0.13840 2.41023  0.86871  119 DT A C7    
386 C C6    . DT A 19 ? 4.75636  4.04883  5.39763  0.02454  2.33691  0.97515  119 DT A C6    
387 P P     . DC A 20 ? 4.47872  4.44822  5.25640  0.52255  2.18846  1.25899  120 DC A P     
388 O OP1   . DC A 20 ? 4.26385  4.27936  5.00369  0.46580  2.16614  1.21231  120 DC A OP1   
389 O OP2   . DC A 20 ? 4.36211  4.46917  5.14479  0.63151  2.13773  1.31171  120 DC A OP2   
390 O "O5'" . DC A 20 ? 4.77554  4.75162  5.65182  0.55520  2.25110  1.31429  120 DC A "O5'" 
391 C "C5'" . DC A 20 ? 4.75944  4.92405  5.70107  0.64611  2.23831  1.38257  120 DC A "C5'" 
392 C "C4'" . DC A 20 ? 4.55489  4.83403  5.48516  0.62082  2.21048  1.35416  120 DC A "C4'" 
393 O "O4'" . DC A 20 ? 4.57489  4.70121  5.46864  0.49431  2.24435  1.27985  120 DC A "O4'" 
394 C "C3'" . DC A 20 ? 4.65176  5.07358  5.66259  0.67419  2.22677  1.40898  120 DC A "C3'" 
395 O "O3'" . DC A 20 ? 4.38698  4.97333  5.38104  0.68986  2.17412  1.39039  120 DC A "O3'" 
396 C "C2'" . DC A 20 ? 4.85902  5.12629  5.89980  0.57829  2.30328  1.37971  120 DC A "C2'" 
397 C "C1'" . DC A 20 ? 4.67394  4.84116  5.62976  0.47369  2.28403  1.29126  120 DC A "C1'" 
398 N N1    . DC A 20 ? 4.83232  4.80438  5.77479  0.35242  2.34120  1.23266  120 DC A N1    
399 C C2    . DC A 20 ? 4.76789  4.76633  5.72413  0.28722  2.35631  1.20262  120 DC A C2    
400 O O2    . DC A 20 ? 4.56878  4.75132  5.55332  0.33537  2.32620  1.22672  120 DC A O2    
401 N N3    . DC A 20 ? 4.91999  4.75173  5.85999  0.17686  2.40087  1.14685  120 DC A N3    
402 C C4    . DC A 20 ? 5.12361  4.76878  6.03270  0.13587  2.42923  1.11803  120 DC A C4    
403 N N4    . DC A 20 ? 5.26780  4.75937  6.15922  0.03076  2.46895  1.05883  120 DC A N4    
404 C C5    . DC A 20 ? 5.18420  4.80001  6.08034  0.20309  2.41653  1.14646  120 DC A C5    
405 C C6    . DC A 20 ? 5.03248  4.81349  5.94642  0.30777  2.37250  1.20464  120 DC A C6    
406 P P     . DA A 21 ? 6.01642  6.85271  7.03818  0.82148  2.11025  1.45232  121 DA A P     
407 O OP1   . DA A 21 ? 5.64408  6.60017  6.60522  0.83797  2.03432  1.40641  121 DA A OP1   
408 O OP2   . DA A 21 ? 6.17018  7.00305  7.21165  0.90082  2.11047  1.52044  121 DA A OP2   
409 O "O5'" . DA A 21 ? 6.15521  7.08167  7.25386  0.82741  2.14529  1.48330  121 DA A "O5'" 
410 C "C5'" . DA A 21 ? 6.34711  7.21665  7.45497  0.72695  2.18398  1.42885  121 DA A "C5'" 
411 C "C4'" . DA A 21 ? 6.44871  7.40438  7.64075  0.74517  2.22285  1.47302  121 DA A "C4'" 
412 O "O4'" . DA A 21 ? 6.52764  7.34242  7.73983  0.62911  2.29182  1.43007  121 DA A "O4'" 
413 C "C3'" . DA A 21 ? 6.75441  7.71214  8.00652  0.82069  2.25709  1.56077  121 DA A "C3'" 
414 O "O3'" . DA A 21 ? 6.76710  7.88087  8.08246  0.87320  2.26029  1.61048  121 DA A "O3'" 
415 C "C2'" . DA A 21 ? 6.99639  7.72779  8.26921  0.73430  2.34249  1.54442  121 DA A "C2'" 
416 C "C1'" . DA A 21 ? 6.85300  7.53866  8.11639  0.62147  2.36393  1.47092  121 DA A "C1'" 
417 N N9    . DA A 21 ? 6.95940  7.41812  8.18432  0.51163  2.40753  1.40923  121 DA A N9    
418 C C8    . DA A 21 ? 7.09925  7.40239  8.29429  0.50661  2.42359  1.40552  121 DA A C8    
419 N N7    . DA A 21 ? 7.16069  7.27726  8.31872  0.39980  2.45808  1.33970  121 DA A N7    
420 C C5    . DA A 21 ? 7.06896  7.21630  8.23339  0.32582  2.46651  1.29995  121 DA A C5    
421 C C6    . DA A 21 ? 7.08444  7.09257  8.21852  0.20019  2.49571  1.22681  121 DA A C6    
422 N N6    . DA A 21 ? 7.20420  7.00693  8.28969  0.12960  2.52031  1.17707  121 DA A N6    
423 N N1    . DA A 21 ? 6.97074  7.06393  8.12577  0.15172  2.49588  1.20514  121 DA A N1    
424 C C2    . DA A 21 ? 6.83961  7.14827  8.04385  0.22916  2.46882  1.25189  121 DA A C2    
425 N N3    . DA A 21 ? 6.81038  7.26511  8.04284  0.35222  2.43733  1.31965  121 DA A N3    
426 C C4    . DA A 21 ? 6.93618  7.29682  8.14557  0.39346  2.43775  1.34192  121 DA A C4    
427 P P     . DC B 1  ? 5.73001  2.85649  4.03508  1.34097  0.47264  0.39072  119 DC B P     
428 O OP1   . DC B 1  ? 5.49491  2.75776  3.93750  1.36716  0.43014  0.37891  119 DC B OP1   
429 O OP2   . DC B 1  ? 5.97398  2.99001  4.19572  1.30524  0.49732  0.41492  119 DC B OP2   
430 O "O5'" . DC B 1  ? 5.65682  2.78910  3.93435  1.33762  0.56474  0.38470  119 DC B "O5'" 
431 C "C5'" . DC B 1  ? 5.58867  2.76240  3.89869  1.32840  0.64493  0.39133  119 DC B "C5'" 
432 C "C4'" . DC B 1  ? 5.65512  2.78631  3.89615  1.31188  0.73724  0.39257  119 DC B "C4'" 
433 O "O4'" . DC B 1  ? 5.67025  2.83160  3.91372  1.33127  0.72421  0.37333  119 DC B "O4'" 
434 C "C3'" . DC B 1  ? 5.79278  2.77668  3.90036  1.27165  0.78573  0.41101  119 DC B "C3'" 
435 O "O3'" . DC B 1  ? 5.80077  2.77844  3.88599  1.25068  0.88672  0.41911  119 DC B "O3'" 
436 C "C2'" . DC B 1  ? 5.89477  2.81408  3.92764  1.27211  0.76111  0.40129  119 DC B "C2'" 
437 C "C1'" . DC B 1  ? 5.80896  2.84900  3.93086  1.31025  0.74498  0.37763  119 DC B "C1'" 
438 N N1    . DC B 1  ? 5.83779  2.87750  3.95773  1.33167  0.66157  0.36296  119 DC B N1    
439 C C2    . DC B 1  ? 5.98019  2.92085  3.99507  1.31876  0.66199  0.36073  119 DC B C2    
440 O O2    . DC B 1  ? 6.08097  2.93400  4.00517  1.28708  0.73483  0.37074  119 DC B O2    
441 N N3    . DC B 1  ? 6.03590  2.98130  4.05214  1.33962  0.58033  0.34698  119 DC B N3    
442 C C4    . DC B 1  ? 5.92477  2.97036  4.04360  1.37055  0.50405  0.33586  119 DC B C4    
443 N N4    . DC B 1  ? 5.98614  3.03630  4.10348  1.38910  0.42544  0.32217  119 DC B N4    
444 C C5    . DC B 1  ? 5.76058  2.90684  3.98784  1.38106  0.50525  0.33784  119 DC B C5    
445 C C6    . DC B 1  ? 5.74147  2.87915  3.96320  1.36160  0.58362  0.35140  119 DC B C6    
446 P P     . DC B 2  ? 6.51808  3.41414  4.54311  1.21081  0.94106  0.44253  120 DC B P     
447 O OP1   . DC B 2  ? 6.45092  3.36879  4.47320  1.19653  1.04202  0.44655  120 DC B OP1   
448 O OP2   . DC B 2  ? 6.46339  3.38839  4.54596  1.21872  0.88109  0.44946  120 DC B OP2   
449 O "O5'" . DC B 2  ? 6.76147  3.50832  4.65149  1.17439  0.93699  0.45163  120 DC B "O5'" 
450 C "C5'" . DC B 2  ? 6.87027  3.55912  4.68080  1.15692  0.99039  0.44705  120 DC B "C5'" 
451 C "C4'" . DC B 2  ? 7.09270  3.64848  4.78550  1.12274  0.95976  0.45452  120 DC B "C4'" 
452 O "O4'" . DC B 2  ? 7.15223  3.71794  4.85340  1.15067  0.87679  0.44038  120 DC B "O4'" 
453 C "C3'" . DC B 2  ? 7.18066  3.66846  4.83706  1.09284  0.92622  0.47332  120 DC B "C3'" 
454 O "O3'" . DC B 2  ? 7.39701  3.76043  4.93064  1.04014  0.95419  0.48454  120 DC B "O3'" 
455 C "C2'" . DC B 2  ? 7.21873  3.72941  4.91351  1.12219  0.81596  0.46691  120 DC B "C2'" 
456 C "C1'" . DC B 2  ? 7.31812  3.81916  4.98163  1.13671  0.80084  0.45045  120 DC B "C1'" 
457 N N1    . DC B 2  ? 7.29248  3.85938  5.02267  1.18005  0.70583  0.43536  120 DC B N1    
458 C C2    . DC B 2  ? 7.37853  3.92159  5.06925  1.19083  0.67061  0.42135  120 DC B C2    
459 O O2    . DC B 2  ? 7.47629  3.94094  5.07577  1.16327  0.71997  0.42221  120 DC B O2    
460 N N3    . DC B 2  ? 7.34641  3.95584  5.10151  1.22978  0.58324  0.40651  120 DC B N3    
461 C C4    . DC B 2  ? 7.24199  3.93806  5.09739  1.25476  0.53345  0.40573  120 DC B C4    
462 N N4    . DC B 2  ? 7.21014  3.97454  5.12961  1.28942  0.44870  0.39027  120 DC B N4    
463 C C5    . DC B 2  ? 7.16082  3.87898  5.05602  1.24339  0.56840  0.42023  120 DC B C5    
464 C C6    . DC B 2  ? 7.18614  3.83752  5.01566  1.20706  0.65331  0.43466  120 DC B C6    
465 P P     . DG B 3  ? 6.58956  2.89694  4.07067  0.98955  1.03176  0.50184  121 DG B P     
466 O OP1   . DG B 3  ? 6.51045  2.89692  4.05230  1.00477  1.11527  0.49751  121 DG B OP1   
467 O OP2   . DG B 3  ? 6.58633  2.86486  4.06775  0.97464  0.97589  0.51624  121 DG B OP2   
468 O "O5'" . DG B 3  ? 6.74087  2.93404  4.09273  0.93795  1.06572  0.50425  121 DG B "O5'" 
469 C "C5'" . DG B 3  ? 6.77475  2.97115  4.10435  0.94800  1.09800  0.49001  121 DG B "C5'" 
470 C "C4'" . DG B 3  ? 6.89506  3.00243  4.13326  0.92639  1.04500  0.48793  121 DG B "C4'" 
471 O "O4'" . DG B 3  ? 6.93031  3.07338  4.21705  0.96990  0.94505  0.47967  121 DG B "O4'" 
472 C "C3'" . DG B 3  ? 7.07315  3.06996  4.20803  0.86266  1.03267  0.50422  121 DG B "C3'" 
473 O "O3'" . DG B 3  ? 7.28082  3.19882  4.31761  0.83014  1.03418  0.50024  121 DG B "O3'" 
474 C "C2'" . DG B 3  ? 7.10067  3.10332  4.26918  0.88136  0.93148  0.51003  121 DG B "C2'" 
475 C "C1'" . DG B 3  ? 7.10524  3.17444  4.33741  0.94134  0.87496  0.49209  121 DG B "C1'" 
476 N N9    . DG B 3  ? 7.03449  3.17665  4.36045  0.98592  0.79745  0.48996  121 DG B N9    
477 C C8    . DG B 3  ? 6.87227  3.06941  4.27185  0.99720  0.79695  0.49830  121 DG B C8    
478 N N7    . DG B 3  ? 6.84452  3.10851  4.32461  1.03882  0.71828  0.49236  121 DG B N7    
479 C C5    . DG B 3  ? 6.99359  3.24921  4.45377  1.05790  0.66403  0.47851  121 DG B C5    
480 C C6    . DG B 3  ? 7.03486  3.34903  4.55702  1.10083  0.57149  0.46585  121 DG B C6    
481 O O6    . DG B 3  ? 6.94867  3.33743  4.56022  1.13007  0.51854  0.46454  121 DG B O6    
482 N N1    . DG B 3  ? 7.18278  3.46494  4.65516  1.10702  0.54094  0.45292  121 DG B N1    
483 C C2    . DG B 3  ? 7.29073  3.49120  4.66409  1.07409  0.59492  0.45299  121 DG B C2    
484 N N2    . DG B 3  ? 7.41334  3.59199  4.74914  1.08527  0.55347  0.43921  121 DG B N2    
485 N N3    . DG B 3  ? 7.26448  3.41114  4.58067  1.03148  0.68287  0.46507  121 DG B N3    
486 C C4    . DG B 3  ? 7.11000  3.28947  4.47488  1.02653  0.71211  0.47708  121 DG B C4    
487 P P     . DT B 4  ? 7.77942  3.58196  4.69520  0.75649  1.02242  0.51339  122 DT B P     
488 O OP1   . DT B 4  ? 7.89454  3.65305  4.73424  0.71973  1.08987  0.50743  122 DT B OP1   
489 O OP2   . DT B 4  ? 7.72398  3.51765  4.64665  0.72836  1.02879  0.52846  122 DT B OP2   
490 O "O5'" . DT B 4  ? 7.93424  3.70153  4.82651  0.76994  0.91061  0.51173  122 DT B "O5'" 
491 C "C5'" . DT B 4  ? 7.97178  3.78372  4.90604  0.82480  0.86766  0.49491  122 DT B "C5'" 
492 C "C4'" . DT B 4  ? 8.13598  3.91501  5.04867  0.83371  0.75616  0.49414  122 DT B "C4'" 
493 O "O4'" . DT B 4  ? 8.06678  3.92936  5.08600  0.88891  0.69339  0.49088  122 DT B "O4'" 
494 C "C3'" . DT B 4  ? 8.22064  3.90324  5.04080  0.77136  0.72032  0.51061  122 DT B "C3'" 
495 O "O3'" . DT B 4  ? 8.34658  3.98134  5.11441  0.76981  0.63651  0.50550  122 DT B "O3'" 
496 C "C2'" . DT B 4  ? 8.13452  3.86032  5.02679  0.78921  0.68400  0.52045  122 DT B "C2'" 
497 C "C1'" . DT B 4  ? 8.11493  3.93147  5.10676  0.86337  0.62778  0.50482  122 DT B "C1'" 
498 N N1    . DT B 4  ? 7.98082  3.87930  5.07859  0.90086  0.60305  0.50792  122 DT B N1    
499 C C2    . DT B 4  ? 7.98875  3.96067  5.16827  0.95657  0.52438  0.49593  122 DT B C2    
500 O O2    . DT B 4  ? 8.10324  4.07624  5.27218  0.97824  0.47312  0.48226  122 DT B O2    
501 N N3    . DT B 4  ? 7.84080  3.88962  5.11751  0.98521  0.50638  0.49942  122 DT B N3    
502 C C4    . DT B 4  ? 7.68552  3.74079  4.98269  0.96529  0.55783  0.51385  122 DT B C4    
503 O O4    . DT B 4  ? 7.53847  3.66594  4.92558  0.99312  0.53581  0.51577  122 DT B O4    
504 C C5    . DT B 4  ? 7.69588  3.67161  4.90351  0.90814  0.63868  0.52538  122 DT B C5    
505 C C7    . DT B 4  ? 7.53943  3.51923  4.76211  0.88286  0.69802  0.53971  122 DT B C7    
506 C C6    . DT B 4  ? 7.83965  3.74311  4.95365  0.87784  0.65743  0.52180  122 DT B C6    
507 P P     . DA B 5  ? 8.14253  3.71367  4.80238  0.70691  0.64480  0.49922  123 DA B P     
508 O OP1   . DA B 5  ? 8.11201  3.74232  4.79602  0.72552  0.69632  0.47839  123 DA B OP1   
509 O OP2   . DA B 5  ? 8.19616  3.66937  4.76667  0.64046  0.69093  0.52168  123 DA B OP2   
510 O "O5'" . DA B 5  ? 8.22903  3.79896  4.87638  0.70742  0.52466  0.48991  123 DA B "O5'" 
511 C "C5'" . DA B 5  ? 8.26013  3.90614  4.95538  0.74713  0.47084  0.46404  123 DA B "C5'" 
512 C "C4'" . DA B 5  ? 8.27615  3.96629  5.03823  0.79487  0.36733  0.46036  123 DA B "C4'" 
513 O "O4'" . DA B 5  ? 8.20953  3.92202  5.04132  0.83375  0.38213  0.47499  123 DA B "O4'" 
514 C "C3'" . DA B 5  ? 8.34963  3.97465  5.04900  0.75763  0.28087  0.46833  123 DA B "C3'" 
515 O "O3'" . DA B 5  ? 8.35439  4.04025  5.11181  0.80310  0.18192  0.45239  123 DA B "O3'" 
516 C "C2'" . DA B 5  ? 8.31927  3.89667  5.01837  0.74957  0.29380  0.49486  123 DA B "C2'" 
517 C "C1'" . DA B 5  ? 8.23324  3.89891  5.04684  0.82151  0.31242  0.49062  123 DA B "C1'" 
518 N N9    . DA B 5  ? 8.14594  3.80761  4.99192  0.82376  0.35762  0.51010  123 DA B N9    
519 C C8    . DA B 5  ? 8.09507  3.71518  4.89762  0.77379  0.43893  0.52431  123 DA B C8    
520 N N7    . DA B 5  ? 7.97733  3.64585  4.84877  0.78488  0.46023  0.53299  123 DA B N7    
521 C C5    . DA B 5  ? 7.95264  3.70071  4.91973  0.84497  0.38946  0.52421  123 DA B C5    
522 C C6    . DA B 5  ? 7.83277  3.66259  4.90493  0.88184  0.37155  0.52675  123 DA B C6    
523 N N6    . DA B 5  ? 7.70698  3.54615  4.80195  0.86387  0.42573  0.54000  123 DA B N6    
524 N N1    . DA B 5  ? 7.82638  3.73211  4.98125  0.93652  0.29453  0.51423  123 DA B N1    
525 C C2    . DA B 5  ? 7.93905  3.83888  5.07222  0.95454  0.23974  0.49970  123 DA B C2    
526 N N3    . DA B 5  ? 8.05545  3.87864  5.09119  0.92563  0.24825  0.49615  123 DA B N3    
527 C C4    . DA B 5  ? 8.05680  3.80504  5.01173  0.86980  0.32577  0.50944  123 DA B C4    
528 P P     . DC B 6  ? 7.20439  2.84645  3.90420  0.77277  0.07940  0.44969  124 DC B P     
529 O OP1   . DC B 6  ? 7.17523  2.89261  3.95870  0.83343  -0.01303 0.43573  124 DC B OP1   
530 O OP2   . DC B 6  ? 7.29014  2.89340  3.90492  0.72105  0.10249  0.43980  124 DC B OP2   
531 O "O5'" . DC B 6  ? 7.22023  2.77256  3.86613  0.73170  0.07264  0.47810  124 DC B "O5'" 
532 C "C5'" . DC B 6  ? 7.22894  2.77366  3.89413  0.74662  -0.02138 0.48516  124 DC B "C5'" 
533 C "C4'" . DC B 6  ? 7.13061  2.73492  3.89806  0.80944  -0.02685 0.49121  124 DC B "C4'" 
534 O "O4'" . DC B 6  ? 7.06787  2.65392  3.83883  0.80238  0.07107  0.50719  124 DC B "O4'" 
535 C "C3'" . DC B 6  ? 7.14111  2.72026  3.91965  0.81678  -0.10789 0.50555  124 DC B "C3'" 
536 O "O3'" . DC B 6  ? 7.13520  2.77915  3.97415  0.86407  -0.20188 0.48850  124 DC B "O3'" 
537 C "C2'" . DC B 6  ? 7.02107  2.65858  3.88432  0.83759  -0.05592 0.51549  124 DC B "C2'" 
538 C "C1'" . DC B 6  ? 6.97418  2.62123  3.83755  0.84022  0.05356  0.51338  124 DC B "C1'" 
539 N N1    . DC B 6  ? 6.90444  2.53402  3.76219  0.80677  0.13640  0.53038  124 DC B N1    
540 C C2    . DC B 6  ? 6.77273  2.47809  3.72955  0.83725  0.14681  0.53508  124 DC B C2    
541 O O2    . DC B 6  ? 6.74549  2.53237  3.79374  0.88925  0.08655  0.52533  124 DC B O2    
542 N N3    . DC B 6  ? 6.74468  2.43476  3.69578  0.80625  0.22011  0.54990  124 DC B N3    
543 C C4    . DC B 6  ? 6.84319  2.45299  3.69905  0.74779  0.28307  0.55861  124 DC B C4    
544 N N4    . DC B 6  ? 6.82558  2.43039  3.68364  0.71935  0.35346  0.57134  124 DC B N4    
545 C C5    . DC B 6  ? 6.96309  2.49835  3.71913  0.71441  0.27563  0.55375  124 DC B C5    
546 C C6    . DC B 6  ? 6.97456  2.52007  3.73380  0.74570  0.20175  0.54016  124 DC B C6    
547 P P     . DA B 7  ? 6.96946  2.57963  3.74880  0.83388  -0.29685 0.47960  125 DA B P     
548 O OP1   . DA B 7  ? 6.93091  2.62407  3.76283  0.87621  -0.33874 0.45186  125 DA B OP1   
549 O OP2   . DA B 7  ? 7.09296  2.60681  3.75690  0.75650  -0.25642 0.49032  125 DA B OP2   
550 O "O5'" . DA B 7  ? 6.93694  2.54097  3.74365  0.84315  -0.38055 0.49185  125 DA B "O5'" 
551 C "C5'" . DA B 7  ? 6.82023  2.49784  3.72514  0.87053  -0.36074 0.49809  125 DA B "C5'" 
552 C "C4'" . DA B 7  ? 6.85805  2.48012  3.72549  0.82272  -0.36889 0.51875  125 DA B "C4'" 
553 O "O4'" . DA B 7  ? 6.81034  2.44008  3.70251  0.81490  -0.27874 0.53238  125 DA B "O4'" 
554 C "C3'" . DA B 7  ? 7.01210  2.51271  3.74526  0.75189  -0.37392 0.52965  125 DA B "C3'" 
555 O "O3'" . DA B 7  ? 7.03740  2.52513  3.75043  0.74643  -0.47762 0.52358  125 DA B "O3'" 
556 C "C2'" . DA B 7  ? 7.03957  2.50062  3.75159  0.70862  -0.32443 0.55115  125 DA B "C2'" 
557 C "C1'" . DA B 7  ? 6.90162  2.44613  3.71534  0.75198  -0.25984 0.55190  125 DA B "C1'" 
558 N N9    . DA B 7  ? 6.92042  2.42957  3.69647  0.72225  -0.14964 0.56172  125 DA B N9    
559 C C8    . DA B 7  ? 6.99042  2.45228  3.69675  0.69940  -0.08786 0.55809  125 DA B C8    
560 N N7    . DA B 7  ? 6.98816  2.43483  3.68018  0.67375  0.00911  0.56787  125 DA B N7    
561 C C5    . DA B 7  ? 6.91348  2.39716  3.66825  0.68079  0.00947  0.57900  125 DA B C5    
562 C C6    . DA B 7  ? 6.87339  2.36625  3.64999  0.66377  0.08698  0.59180  125 DA B C6    
563 N N6    . DA B 7  ? 6.90267  2.37052  3.64046  0.63461  0.18402  0.59490  125 DA B N6    
564 N N1    . DA B 7  ? 6.80089  2.33361  3.64330  0.67767  0.06021  0.60048  125 DA B N1    
565 C C2    . DA B 7  ? 6.76801  2.33168  3.65298  0.70587  -0.03542 0.59644  125 DA B C2    
566 N N3    . DA B 7  ? 6.79779  2.36091  3.67078  0.72352  -0.11415 0.58397  125 DA B N3    
567 C C4    . DA B 7  ? 6.87201  2.39280  3.67782  0.71005  -0.08718 0.57576  125 DA B C4    
568 P P     . DG C 1  ? 6.09891  6.49710  4.34125  -1.11152 -2.06126 -0.31287 209 DG C P     
569 O OP1   . DG C 1  ? 6.03387  6.50103  4.33301  -1.09474 -2.07627 -0.36236 209 DG C OP1   
570 O OP2   . DG C 1  ? 6.13320  6.53415  4.35700  -1.12964 -2.05248 -0.30532 209 DG C OP2   
571 O "O5'" . DG C 1  ? 6.14648  6.47630  4.37602  -1.10807 -2.07704 -0.29016 209 DG C "O5'" 
572 C "C5'" . DG C 1  ? 6.18860  6.48178  4.40014  -1.11801 -2.08247 -0.27627 209 DG C "C5'" 
573 C "C4'" . DG C 1  ? 6.16224  6.47391  4.41644  -1.11007 -2.10887 -0.30722 209 DG C "C4'" 
574 O "O4'" . DG C 1  ? 6.12265  6.44692  4.40908  -1.09440 -2.12425 -0.32441 209 DG C "O4'" 
575 C "C3'" . DG C 1  ? 6.12383  6.51042  4.42061  -1.11134 -2.11432 -0.35099 209 DG C "C3'" 
576 O "O3'" . DG C 1  ? 6.16484  6.53447  4.44025  -1.12753 -2.11057 -0.33797 209 DG C "O3'" 
577 C "C2'" . DG C 1  ? 6.08808  6.49642  4.43504  -1.09679 -2.14225 -0.38501 209 DG C "C2'" 
578 C "C1'" . DG C 1  ? 6.08439  6.45850  4.42519  -1.08608 -2.14653 -0.36867 209 DG C "C1'" 
579 N N9    . DG C 1  ? 6.02197  6.45912  4.40805  -1.07175 -2.15266 -0.40676 209 DG C N9    
580 C C8    . DG C 1  ? 5.99966  6.45149  4.37789  -1.06762 -2.13817 -0.40276 209 DG C C8    
581 N N7    . DG C 1  ? 5.94453  6.45774  4.37288  -1.05280 -2.15063 -0.44571 209 DG C N7    
582 C C5    . DG C 1  ? 5.92936  6.47205  4.40297  -1.04701 -2.17466 -0.48097 209 DG C C5    
583 C C6    . DG C 1  ? 5.87678  6.49032  4.41767  -1.03147 -2.19728 -0.53755 209 DG C C6    
584 O O6    . DG C 1  ? 5.83237  6.49788  4.40673  -1.01865 -2.20118 -0.56939 209 DG C O6    
585 N N1    . DG C 1  ? 5.88094  6.50466  4.45217  -1.03175 -2.21757 -0.55870 209 DG C N1    
586 C C2    . DG C 1  ? 5.93067  6.50010  4.46937  -1.04477 -2.21651 -0.52796 209 DG C C2    
587 N N2    . DG C 1  ? 5.92910  6.51736  4.50462  -1.04328 -2.23825 -0.55453 209 DG C N2    
588 N N3    . DG C 1  ? 5.98006  6.48396  4.45621  -1.05842 -2.19620 -0.47678 209 DG C N3    
589 C C4    . DG C 1  ? 5.97627  6.47142  4.42369  -1.05888 -2.17591 -0.45623 209 DG C C4    
590 P P     . DG C 2  ? 6.75485  7.19324  5.05085  -1.13922 -2.10490 -0.36547 210 DG C P     
591 O OP1   . DG C 2  ? 6.81758  7.21190  5.06856  -1.16078 -2.09416 -0.32989 210 DG C OP1   
592 O OP2   . DG C 2  ? 6.69984  7.19795  5.01347  -1.13311 -2.09372 -0.38725 210 DG C OP2   
593 O "O5'" . DG C 2  ? 6.72934  7.21506  5.08245  -1.13046 -2.13063 -0.41156 210 DG C "O5'" 
594 C "C5'" . DG C 2  ? 6.75794  7.19698  5.11390  -1.12578 -2.15016 -0.40456 210 DG C "C5'" 
595 C "C4'" . DG C 2  ? 6.71701  7.21901  5.13591  -1.11675 -2.17339 -0.45619 210 DG C "C4'" 
596 O "O4'" . DG C 2  ? 6.67417  7.19656  5.13081  -1.09683 -2.18825 -0.48130 210 DG C "O4'" 
597 C "C3'" . DG C 2  ? 6.67767  7.26974  5.13288  -1.12067 -2.16967 -0.49802 210 DG C "C3'" 
598 O "O3'" . DG C 2  ? 6.71044  7.30052  5.15799  -1.13883 -2.17135 -0.49281 210 DG C "O3'" 
599 C "C2'" . DG C 2  ? 6.61598  7.27923  5.14188  -1.09991 -2.19181 -0.55694 210 DG C "C2'" 
600 C "C1'" . DG C 2  ? 6.61102  7.23106  5.12817  -1.08614 -2.19550 -0.54001 210 DG C "C1'" 
601 N N9    . DG C 2  ? 6.57839  7.22373  5.09237  -1.07849 -2.18117 -0.54379 210 DG C N9    
602 C C8    . DG C 2  ? 6.60314  7.20927  5.06349  -1.08838 -2.15636 -0.50209 210 DG C C8    
603 N N7    . DG C 2  ? 6.56561  7.20534  5.03599  -1.07818 -2.14896 -0.51572 210 DG C N7    
604 C C5    . DG C 2  ? 6.51933  7.22618  5.05550  -1.05939 -2.17108 -0.57206 210 DG C C5    
605 C C6    . DG C 2  ? 6.69612  7.46450  5.27323  -1.04094 -2.17675 -0.61279 210 DG C C6    
606 O O6    . DG C 2  ? 6.72335  7.49712  5.28450  -1.03748 -2.16263 -0.60523 210 DG C O6    
607 N N1    . DG C 2  ? 6.82634  7.65680  5.47107  -1.02570 -2.20265 -0.66902 210 DG C N1    
608 C C2    . DG C 2  ? 6.79293  7.62553  5.46209  -1.02872 -2.22006 -0.68267 210 DG C C2    
609 N N2    . DG C 2  ? 6.93311  7.83511  5.67121  -1.01402 -2.24356 -0.74034 210 DG C N2    
610 N N3    . DG C 2  ? 6.60833  7.38074  5.23831  -1.04549 -2.21539 -0.64354 210 DG C N3    
611 C C4    . DG C 2  ? 6.51960  7.23178  5.08410  -1.05979 -2.19083 -0.59009 210 DG C C4    
612 P P     . DC C 3  ? 6.62017  7.26369  5.06535  -1.15777 -2.15739 -0.50085 211 DC C P     
613 O OP1   . DC C 3  ? 6.68907  7.26244  5.07178  -1.18161 -2.14253 -0.44579 211 DC C OP1   
614 O OP2   . DC C 3  ? 6.57149  7.27541  5.03593  -1.14740 -2.14807 -0.52678 211 DC C OP2   
615 O "O5'" . DC C 3  ? 6.59850  7.30545  5.09850  -1.15943 -2.17835 -0.54717 211 DC C "O5'" 
616 C "C5'" . DC C 3  ? 6.54702  7.35387  5.10194  -1.15236 -2.18462 -0.60335 211 DC C "C5'" 
617 C "C4'" . DC C 3  ? 6.48815  7.34530  5.10874  -1.12326 -2.20709 -0.65859 211 DC C "C4'" 
618 O "O4'" . DC C 3  ? 6.46708  7.30705  5.07914  -1.10638 -2.20078 -0.65196 211 DC C "O4'" 
619 C "C3'" . DC C 3  ? 6.70548  7.67179  5.39602  -1.11170 -2.22162 -0.72912 211 DC C "C3'" 
620 O "O3'" . DC C 3  ? 6.60900  7.60141  5.33710  -1.11622 -2.24091 -0.75512 211 DC C "O3'" 
621 C "C2'" . DC C 3  ? 6.85667  7.86179  5.59293  -1.08084 -2.23313 -0.77115 211 DC C "C2'" 
622 C "C1'" . DC C 3  ? 6.69112  7.60498  5.37095  -1.08149 -2.21936 -0.71338 211 DC C "C1'" 
623 N N1    . DC C 3  ? 6.80787  7.73152  5.47871  -1.06968 -2.20737 -0.71337 211 DC C N1    
624 C C2    . DC C 3  ? 7.00129  7.98674  5.72902  -1.04398 -2.22238 -0.76604 211 DC C C2    
625 O O2    . DC C 3  ? 7.10421  8.14375  5.89378  -1.03131 -2.24539 -0.81640 211 DC C O2    
626 N N3    . DC C 3  ? 7.04115  8.02880  5.75586  -1.03472 -2.21120 -0.76151 211 DC C N3    
627 C C4    . DC C 3  ? 6.91891  7.85115  5.56821  -1.05026 -2.18568 -0.70728 211 DC C C4    
628 N N4    . DC C 3  ? 6.94135  7.87858  5.58075  -1.04095 -2.17568 -0.70480 211 DC C N4    
629 C C5    . DC C 3  ? 6.74598  7.61798  5.33902  -1.07678 -2.16988 -0.65462 211 DC C C5    
630 C C6    . DC C 3  ? 6.68845  7.55734  5.29413  -1.08525 -2.18186 -0.65960 211 DC C C6    
631 P P     . DT C 4  ? 6.88930  7.99348  5.69768  -1.10508 -2.26241 -0.83250 212 DT C P     
632 O OP1   . DT C 4  ? 6.90914  8.05302  5.78112  -1.07828 -2.28481 -0.88299 212 DT C OP1   
633 O OP2   . DT C 4  ? 6.73238  7.83701  5.53285  -1.13165 -2.26454 -0.82053 212 DT C OP2   
634 O "O5'" . DT C 4  ? 7.23727  8.39005  6.04721  -1.09960 -2.25293 -0.85132 212 DT C "O5'" 
635 C "C5'" . DT C 4  ? 7.50013  8.74417  6.37181  -1.08868 -2.27224 -0.91654 212 DT C "C5'" 
636 C "C4'" . DT C 4  ? 7.62491  8.93391  6.57987  -1.05047 -2.30048 -0.99154 212 DT C "C4'" 
637 O "O4'" . DT C 4  ? 7.54162  8.81322  6.48101  -1.03689 -2.29182 -0.97297 212 DT C "O4'" 
638 C "C3'" . DT C 4  ? 7.76450  9.15413  6.78022  -1.02564 -2.32337 -1.06229 212 DT C "C3'" 
639 O "O3'" . DT C 4  ? 7.78900  9.23880  6.87628  -1.01625 -2.35515 -1.12213 212 DT C "O3'" 
640 C "C2'" . DT C 4  ? 7.71981  9.13094  6.76643  -0.99253 -2.32836 -1.09471 212 DT C "C2'" 
641 C "C1'" . DT C 4  ? 7.63638  8.96320  6.61685  -1.00851 -2.30094 -1.02197 212 DT C "C1'" 
642 N N1    . DT C 4  ? 7.54495  8.81763  6.45908  -1.01592 -2.27508 -0.97013 212 DT C N1    
643 C C2    . DT C 4  ? 7.49085  8.79155  6.42598  -0.99174 -2.27820 -0.99805 212 DT C C2    
644 O O2    . DT C 4  ? 7.48526  8.85767  6.49276  -0.96409 -2.30147 -1.06623 212 DT C O2    
645 N N3    . DT C 4  ? 7.39939  8.64563  6.26942  -1.00229 -2.25273 -0.94468 212 DT C N3    
646 C C4    . DT C 4  ? 7.34861  8.52093  6.13918  -1.03390 -2.22470 -0.87010 212 DT C C4    
647 O O4    . DT C 4  ? 7.25675  8.38955  5.99662  -1.04144 -2.20288 -0.82890 212 DT C O4    
648 C C5    . DT C 4  ? 7.37952  8.52768  6.15378  -1.05769 -2.22367 -0.84618 212 DT C C5    
649 C C7    . DT C 4  ? 7.27672  8.35000  5.97123  -1.09255 -2.19640 -0.77038 212 DT C C7    
650 C C6    . DT C 4  ? 7.47496  8.67203  6.30982  -1.04770 -2.24864 -0.89561 212 DT C C6    
651 P P     . DG C 5  ? 5.92397  7.43992  5.09461  -0.98315 -2.39136 -1.20303 213 DG C P     
652 O OP1   . DG C 5  ? 5.87352  7.42089  5.10866  -0.94608 -2.38573 -1.24324 213 DG C OP1   
653 O OP2   . DG C 5  ? 5.80865  7.34427  5.00964  -0.99833 -2.41330 -1.22037 213 DG C OP2   
654 O "O5'" . DG C 5  ? 5.79973  7.29948  4.92233  -0.99174 -2.38906 -1.18434 213 DG C "O5'" 
655 C "C5'" . DG C 5  ? 5.65430  7.17020  4.81697  -0.97822 -2.41464 -1.22221 213 DG C "C5'" 
656 C "C4'" . DG C 5  ? 5.61654  7.13581  4.84555  -0.92721 -2.42166 -1.26752 213 DG C "C4'" 
657 O "O4'" . DG C 5  ? 5.58839  7.10590  4.78971  -0.91884 -2.38889 -1.24586 213 DG C "O4'" 
658 C "C3'" . DG C 5  ? 5.63316  7.13120  4.86648  -0.91837 -2.44698 -1.28226 213 DG C "C3'" 
659 O "O3'" . DG C 5  ? 5.62662  7.11002  4.94242  -0.87154 -2.47674 -1.33282 213 DG C "O3'" 
660 C "C2'" . DG C 5  ? 5.63297  7.12187  4.80305  -0.92256 -2.41569 -1.24811 213 DG C "C2'" 
661 C "C1'" . DG C 5  ? 5.59872  7.09557  4.76073  -0.91645 -2.38318 -1.23031 213 DG C "C1'" 
662 N N9    . DG C 5  ? 5.62383  7.09045  4.69282  -0.95226 -2.35921 -1.16731 213 DG C N9    
663 C C8    . DG C 5  ? 5.65687  7.09307  4.67579  -0.99077 -2.33454 -1.11128 213 DG C C8    
664 N N7    . DG C 5  ? 5.68753  7.07019  4.62680  -1.01818 -2.29518 -1.03884 213 DG C N7    
665 C C5    . DG C 5  ? 5.67104  7.05435  4.60623  -0.99777 -2.29253 -1.04789 213 DG C C5    
666 C C6    . DG C 5  ? 5.69147  7.02894  4.55869  -1.01178 -2.25888 -0.99069 213 DG C C6    
667 O O6    . DG C 5  ? 5.73054  7.01346  4.52680  -1.04472 -2.22560 -0.91975 213 DG C O6    
668 N N1    . DG C 5  ? 5.66423  7.02213  4.55499  -0.98197 -2.26990 -1.02498 213 DG C N1    
669 C C2    . DG C 5  ? 5.62494  7.03647  4.59537  -0.94218 -2.31118 -1.10557 213 DG C C2    
670 N N2    . DG C 5  ? 5.60545  7.02561  4.58735  -0.91727 -2.31851 -1.12823 213 DG C N2    
671 N N3    . DG C 5  ? 5.60949  7.05700  4.64624  -0.92753 -2.34193 -1.15774 213 DG C N3    
672 C C4    . DG C 5  ? 5.63157  7.06741  4.64544  -0.95720 -2.33276 -1.12757 213 DG C C4    
690 P P     . DC D 2  ? 6.85619  7.87124  7.54864  1.57000  1.96028  1.64331  201 DC D P     
691 O OP1   . DC D 2  ? 6.87942  7.84005  7.56547  1.56432  1.98074  1.65159  201 DC D OP1   
692 O OP2   . DC D 2  ? 6.64953  7.70746  7.36204  1.58949  1.91878  1.66968  201 DC D OP2   
693 O "O5'" . DC D 2  ? 6.86190  7.94078  7.56564  1.52955  1.95693  1.57819  201 DC D "O5'" 
694 C "C5'" . DC D 2  ? 7.01919  8.09483  7.70271  1.51650  1.98609  1.54931  201 DC D "C5'" 
695 C "C4'" . DC D 2  ? 6.87255  8.03288  7.57531  1.48724  1.96708  1.49538  201 DC D "C4'" 
696 O "O4'" . DC D 2  ? 6.85088  8.03789  7.55098  1.50218  1.95938  1.49858  201 DC D "O4'" 
697 C "C3'" . DC D 2  ? 6.62103  7.84420  7.35829  1.48098  1.92327  1.48519  201 DC D "C3'" 
698 O "O3'" . DC D 2  ? 6.56567  7.85526  7.31786  1.44569  1.91684  1.42614  201 DC D "O3'" 
699 C "C2'" . DC D 2  ? 6.47443  7.72438  7.22109  1.51004  1.89333  1.51382  201 DC D "C2'" 
700 C "C1'" . DC D 2  ? 6.60941  7.86478  7.33912  1.50777  1.91432  1.49577  201 DC D "C1'" 
701 N N1    . DC D 2  ? 6.57564  7.82754  7.29961  1.54112  1.90294  1.53333  201 DC D N1    
702 C C2    . DC D 2  ? 6.58636  7.88657  7.31266  1.53791  1.89667  1.50901  201 DC D C2    
703 O O2    . DC D 2  ? 6.62119  7.96672  7.35480  1.50724  1.90113  1.45617  201 DC D O2    
704 N N3    . DC D 2  ? 6.56287  7.86134  7.28317  1.56800  1.88624  1.54349  201 DC D N3    
705 C C4    . DC D 2  ? 6.53007  7.78404  7.24215  1.59938  1.88216  1.59913  201 DC D C4    
706 N N4    . DC D 2  ? 6.51614  7.77427  7.22145  1.62730  1.87210  1.63090  201 DC D N4    
707 C C5    . DC D 2  ? 6.51476  7.72118  7.22535  1.60292  1.88828  1.62386  201 DC D C5    
708 C C6    . DC D 2  ? 6.53616  7.74247  7.25318  1.57357  1.89821  1.58970  201 DC D C6    
709 P P     . DG D 3  ? 11.05427 12.36183 11.82017 1.41632  1.91368  1.39603  202 DG D P     
710 O OP1   . DG D 3  ? 11.35952 12.59158 12.09937 1.41012  1.95345  1.40825  202 DG D OP1   
711 O OP2   . DG D 3  ? 10.72014 12.06246 11.51423 1.42816  1.87094  1.41077  202 DG D OP2   
712 O "O5'" . DG D 3  ? 11.04742 12.42736 11.82141 1.37927  1.91663  1.32894  202 DG D "O5'" 
713 C "C5'" . DG D 3  ? 11.19995 12.60408 11.96563 1.37753  1.92565  1.31042  202 DG D "C5'" 
714 C "C4'" . DG D 3  ? 10.94611 12.44450 11.74174 1.36719  1.89155  1.26998  202 DG D "C4'" 
715 O "O4'" . DG D 3  ? 10.90647 12.41866 11.70902 1.39726  1.86783  1.29625  202 DG D "O4'" 
716 C "C3'" . DG D 3  ? 10.64817 12.19086 11.47330 1.36113  1.85794  1.25734  202 DG D "C3'" 
717 O "O3'" . DG D 3  ? 10.54947 12.17858 11.39556 1.33400  1.84529  1.19609  202 DG D "O3'" 
718 C "C2'" . DG D 3  ? 10.47980 12.01749 11.31799 1.39769  1.82246  1.30422  202 DG D "C2'" 
719 C "C1'" . DG D 3  ? 10.61998 12.16197 11.44863 1.41380  1.82557  1.31296  202 DG D "C1'" 
720 N N9    . DG D 3  ? 4.99493  6.49292  5.81458  1.44988  1.81730  1.37103  202 DG D N9    
721 C C8    . DG D 3  ? 4.95550  6.39395  5.76733  1.47009  1.81791  1.42132  202 DG D C8    
722 N N7    . DG D 3  ? 4.91285  6.32758  5.71671  1.50073  1.81048  1.46586  202 DG D N7    
723 C C5    . DG D 3  ? 4.92980  6.38818  5.73560  1.50094  1.80510  1.44431  202 DG D C5    
724 C C6    . DG D 3  ? 4.91128  6.37121  5.71044  1.52686  1.79645  1.47227  202 DG D C6    
725 O O6    . DG D 3  ? 4.87889  6.30191  5.66809  1.55537  1.79235  1.52326  202 DG D O6    
726 N N1    . DG D 3  ? 4.94463  6.45787  5.74949  1.51628  1.79344  1.43384  202 DG D N1    
727 C C2    . DG D 3  ? 4.99151  6.55280  5.80739  1.48469  1.79841  1.37546  202 DG D C2    
728 N N2    . DG D 3  ? 5.02654  6.63737  5.84722  1.47899  1.79495  1.34460  202 DG D N2    
729 N N3    . DG D 3  ? 5.01095  6.57445  5.83273  1.45965  1.80667  1.34814  202 DG D N3    
730 C C4    . DG D 3  ? 4.97716  6.48668  5.79320  1.46999  1.80920  1.38590  202 DG D C4    
731 P P     . DT D 4  ? 5.86291  7.56674  6.73383  1.34480  1.81023  1.17665  203 DT D P     
732 O OP1   . DT D 4  ? 5.54621  7.26648  6.44071  1.36392  1.76980  1.19733  203 DT D OP1   
733 O OP2   . DT D 4  ? 6.00862  7.69731  6.86299  1.35745  1.82398  1.18913  203 DT D OP2   
734 O "O5'" . DT D 4  ? 5.84650  7.63278  6.73456  1.30974  1.80983  1.10544  203 DT D "O5'" 
735 C "C5'" . DT D 4  ? 5.56506  7.42569  6.48739  1.31230  1.76969  1.07851  203 DT D "C5'" 
736 C "C4'" . DT D 4  ? 5.46822  7.36839  6.40444  1.33352  1.74325  1.07937  203 DT D "C4'" 
737 O "O4'" . DT D 4  ? 5.59279  7.43230  6.51076  1.36326  1.74547  1.13670  203 DT D "O4'" 
738 C "C3'" . DT D 4  ? 5.18794  7.14442  6.15703  1.34732  1.69673  1.06969  203 DT D "C3'" 
739 O "O3'" . DT D 4  ? 5.15217  7.17906  6.13975  1.34522  1.68117  1.02974  203 DT D "O3'" 
740 C "C2'" . DT D 4  ? 5.11391  7.02057  6.07713  1.38080  1.67835  1.13151  203 DT D "C2'" 
741 C "C1'" . DT D 4  ? 5.38406  7.24686  6.32127  1.38936  1.70495  1.15705  203 DT D "C1'" 
742 N N1    . DT D 4  ? 5.40448  7.19638  6.32439  1.41771  1.70497  1.22331  203 DT D N1    
743 C C2    . DT D 4  ? 5.52606  7.30962  6.43859  1.44063  1.69876  1.25091  203 DT D C2    
744 O O2    . DT D 4  ? 5.62883  7.45766  6.54782  1.43902  1.69359  1.22439  203 DT D O2    
745 N N3    . DT D 4  ? 5.51978  7.24121  6.41689  1.46541  1.69962  1.31068  203 DT D N3    
746 C C4    . DT D 4  ? 5.38827  7.05624  6.27799  1.46924  1.70578  1.34389  203 DT D C4    
747 O O4    . DT D 4  ? 5.39778  7.01523  6.27461  1.49193  1.70658  1.39589  203 DT D O4    
748 C C5    . DT D 4  ? 5.26751  6.94601  6.16595  1.44432  1.71164  1.31215  203 DT D C5    
749 C C7    . DT D 4  ? 5.11219  6.73709  6.00436  1.44553  1.71859  1.34263  203 DT D C7    
750 C C6    . DT D 4  ? 5.28842  7.02824  6.20102  1.42021  1.71068  1.25446  203 DT D C6    
751 P P     . DG D 5  ? 5.19712  7.29137  6.21990  1.35827  1.63385  1.00856  204 DG D P     
752 O OP1   . DG D 5  ? 5.20232  7.37438  6.24393  1.34459  1.62933  0.95043  204 DG D OP1   
753 O OP2   . DG D 5  ? 5.01016  7.09648  6.04177  1.35594  1.62184  1.01345  204 DG D OP2   
754 O "O5'" . DG D 5  ? 5.09733  7.16451  6.11723  1.39210  1.61026  1.05818  204 DG D "O5'" 
755 C "C5'" . DG D 5  ? 5.27308  7.34487  6.28525  1.40142  1.61504  1.06306  204 DG D "C5'" 
756 C "C4'" . DG D 5  ? 5.11826  7.19408  6.13874  1.43061  1.58105  1.09353  204 DG D "C4'" 
757 O "O4'" . DG D 5  ? 5.16990  7.17167  6.16728  1.44835  1.58959  1.15628  204 DG D "O4'" 
758 C "C3'" . DG D 5  ? 4.73890  6.85570  5.78670  1.43865  1.54109  1.08034  204 DG D "C3'" 
759 O "O3'" . DG D 5  ? 4.62972  6.77750  5.68905  1.45808  1.51252  1.08304  204 DG D "O3'" 
760 C "C2'" . DG D 5  ? 4.60112  6.65522  5.63638  1.44696  1.54185  1.12947  204 DG D "C2'" 
761 C "C1'" . DG D 5  ? 4.85658  6.85079  5.86435  1.46049  1.56231  1.17915  204 DG D "C1'" 
762 N N9    . DG D 5  ? 4.87917  6.80046  5.86572  1.46294  1.58283  1.22427  204 DG D N9    
763 C C8    . DG D 5  ? 4.93273  6.82089  5.90795  1.44512  1.61143  1.21975  204 DG D C8    
764 N N7    . DG D 5  ? 4.96472  6.78434  5.92123  1.45468  1.62520  1.26848  204 DG D N7    
765 C C5    . DG D 5  ? 4.95466  6.76413  5.90972  1.47948  1.60515  1.30728  204 DG D C5    
766 C C6    . DG D 5  ? 5.00189  6.75241  5.94109  1.49919  1.60766  1.36618  204 DG D C6    
767 O O6    . DG D 5  ? 5.05684  6.74711  5.98020  1.50075  1.62827  1.39830  204 DG D O6    
768 N N1    . DG D 5  ? 4.98514  6.75462  5.92905  1.51824  1.58279  1.38579  204 DG D N1    
769 C C2    . DG D 5  ? 4.93671  6.76965  5.89805  1.51927  1.55880  1.35347  204 DG D C2    
770 N N2    . DG D 5  ? 4.93576  6.77782  5.89837  1.53754  1.53797  1.37799  204 DG D N2    
771 N N3    . DG D 5  ? 4.89553  6.78118  5.87248  1.50316  1.55579  1.29965  204 DG D N3    
772 C C4    . DG D 5  ? 4.90410  6.77569  5.87687  1.48369  1.57960  1.27969  204 DG D C4    
773 P P     . DA D 6  ? 5.12149  7.32641  6.21184  1.46806  1.46875  1.05706  205 DA D P     
774 O OP1   . DA D 6  ? 5.13062  7.40481  6.24059  1.46478  1.45805  1.00673  205 DA D OP1   
775 O OP2   . DA D 6  ? 4.90708  7.10882  6.00645  1.46059  1.46191  1.05021  205 DA D OP2   
776 O "O5'" . DA D 6  ? 5.04203  7.21673  6.12503  1.49253  1.44927  1.10644  205 DA D "O5'" 
777 C "C5'" . DA D 6  ? 5.18764  7.29367  6.24233  1.49996  1.47084  1.16239  205 DA D "C5'" 
778 C "C4'" . DA D 6  ? 4.96808  7.04010  6.02060  1.51256  1.45404  1.20370  205 DA D "C4'" 
779 O "O4'" . DA D 6  ? 5.05837  7.06303  6.08851  1.50904  1.48095  1.24344  205 DA D "O4'" 
780 C "C3'" . DA D 6  ? 4.67947  6.78525  5.75627  1.50994  1.42573  1.17748  205 DA D "C3'" 
781 O "O3'" . DA D 6  ? 4.54112  6.63853  5.62140  1.52554  1.40094  1.20591  205 DA D "O3'" 
782 C "C2'" . DA D 6  ? 4.65111  6.71756  5.71857  1.49629  1.44673  1.18725  205 DA D "C2'" 
783 C "C1'" . DA D 6  ? 4.82681  6.82523  5.86663  1.50509  1.46820  1.24523  205 DA D "C1'" 
784 N N9    . DA D 6  ? 4.90589  6.84950  5.92856  1.49517  1.49705  1.26673  205 DA D N9    
785 C C8    . DA D 6  ? 4.97070  6.91650  5.99407  1.47525  1.51635  1.23764  205 DA D C8    
786 N N7    . DA D 6  ? 5.06277  6.94804  6.06774  1.47103  1.54108  1.26886  205 DA D N7    
787 C C5    . DA D 6  ? 5.04381  6.88638  6.03628  1.49065  1.53671  1.32211  205 DA D C5    
788 C C6    . DA D 6  ? 5.12980  6.90315  6.10231  1.49874  1.55405  1.37409  205 DA D C6    
789 N N6    . DA D 6  ? 5.22675  6.95534  6.18721  1.48803  1.58090  1.38191  205 DA D N6    
790 N N1    . DA D 6  ? 5.13170  6.88528  6.09730  1.51844  1.54326  1.41685  205 DA D N1    
791 C C2    . DA D 6  ? 5.04983  6.84789  6.02689  1.52781  1.51760  1.40761  205 DA D C2    
792 N N3    . DA D 6  ? 4.96658  6.82664  5.96231  1.52253  1.49942  1.36155  205 DA D N3    
793 C C4    . DA D 6  ? 4.96789  6.84767  5.97087  1.50434  1.51001  1.32040  205 DA D C4    
794 P P     . DT D 7  ? 3.55445  5.70726  4.65637  1.53814  1.36573  1.18125  206 DT D P     
795 O OP1   . DT D 7  ? 3.68764  5.88861  4.79882  1.53383  1.36821  1.13837  206 DT D OP1   
796 O OP2   . DT D 7  ? 3.33201  5.50210  4.45338  1.54081  1.33794  1.16814  206 DT D OP2   
797 O "O5'" . DT D 7  ? 3.63275  5.75379  4.71840  1.55325  1.36488  1.23079  206 DT D "O5'" 
798 C "C5'" . DT D 7  ? 3.80103  5.86475  4.85896  1.55444  1.39428  1.27691  206 DT D "C5'" 
799 C "C4'" . DT D 7  ? 3.72142  5.73984  4.76973  1.56066  1.39206  1.32462  206 DT D "C4'" 
800 O "O4'" . DT D 7  ? 3.71139  5.68258  4.74699  1.55106  1.41574  1.34248  206 DT D "O4'" 
801 C "C3'" . DT D 7  ? 3.54413  5.58680  4.61325  1.56320  1.36004  1.31399  206 DT D "C3'" 
802 O "O3'" . DT D 7  ? 3.59781  5.61034  4.65693  1.57266  1.35681  1.35984  206 DT D "O3'" 
803 C "C2'" . DT D 7  ? 3.41535  5.44204  4.48807  1.55065  1.36666  1.30463  206 DT D "C2'" 
804 C "C1'" . DT D 7  ? 3.56087  5.52568  4.60641  1.54923  1.39969  1.34928  206 DT D "C1'" 
805 N N1    . DT D 7  ? 3.49720  5.43191  4.53749  1.53617  1.41879  1.34877  206 DT D N1    
806 C C2    . DT D 7  ? 3.56879  5.44194  4.58855  1.53763  1.44092  1.39530  206 DT D C2    
807 O O2    . DT D 7  ? 3.68164  5.52603  4.68768  1.54990  1.44493  1.43718  206 DT D O2    
808 N N3    . DT D 7  ? 3.52527  5.37313  4.54156  1.52472  1.45838  1.39053  206 DT D N3    
809 C C4    . DT D 7  ? 3.44057  5.32049  4.47106  1.50980  1.45651  1.34460  206 DT D C4    
810 O O4    . DT D 7  ? 3.43518  5.28961  4.46075  1.49779  1.47405  1.34357  206 DT D O4    
811 C C5    . DT D 7  ? 3.37194  5.31914  4.42405  1.50982  1.43249  1.29707  206 DT D C5    
812 C C7    . DT D 7  ? 3.29179  5.28358  4.36181  1.49561  1.42783  1.24380  206 DT D C7    
813 C C6    . DT D 7  ? 3.39592  5.36560  4.45199  1.52329  1.41487  1.30146  206 DT D C6    
814 P P     . DG D 8  ? 3.65703  5.70296  4.73303  1.58234  1.32440  1.35537  207 DG D P     
815 O OP1   . DG D 8  ? 3.76461  5.85089  4.84597  1.58945  1.31603  1.33283  207 DG D OP1   
816 O OP2   . DG D 8  ? 3.49253  5.55527  4.58925  1.57720  1.30358  1.32975  207 DG D OP2   
817 O "O5'" . DG D 8  ? 3.62491  5.62818  4.68348  1.58946  1.33256  1.41333  207 DG D "O5'" 
818 C "C5'" . DG D 8  ? 3.80184  5.75332  4.83464  1.59035  1.36301  1.45480  207 DG D "C5'" 
819 C "C4'" . DG D 8  ? 3.74767  5.65839  4.77630  1.58420  1.37035  1.48046  207 DG D "C4'" 
820 O "O4'" . DG D 8  ? 3.67894  5.58029  4.70925  1.57220  1.38214  1.45730  207 DG D "O4'" 
821 C "C3'" . DG D 8  ? 3.59069  5.51955  4.63853  1.58249  1.34371  1.47467  207 DG D "C3'" 
822 O "O3'" . DG D 8  ? 3.65936  5.56027  4.69771  1.58765  1.34716  1.52042  207 DG D "O3'" 
823 C "C2'" . DG D 8  ? 3.43252  5.35241  4.48854  1.57047  1.34451  1.45551  207 DG D "C2'" 
824 C "C1'" . DG D 8  ? 3.53714  5.42279  4.57445  1.56567  1.37564  1.46423  207 DG D "C1'" 
825 N N9    . DG D 8  ? 3.41750  5.31339  4.46421  1.55342  1.37771  1.42810  207 DG D N9    
826 C C8    . DG D 8  ? 3.30766  5.25523  4.37514  1.54956  1.35883  1.37645  207 DG D C8    
827 N N7    . DG D 8  ? 3.22112  5.16965  4.29320  1.53805  1.36598  1.35267  207 DG D N7    
828 C C5    . DG D 8  ? 3.27449  5.16590  4.32755  1.53345  1.39140  1.39104  207 DG D C5    
829 C C6    . DG D 8  ? 3.23099  5.09733  4.27953  1.52076  1.40971  1.38718  207 DG D C6    
830 O O6    . DG D 8  ? 3.17013  5.06367  4.23080  1.51004  1.40701  1.34759  207 DG D O6    
831 N N1    . DG D 8  ? 3.33387  5.13893  4.36204  1.52179  1.43325  1.43457  207 DG D N1    
832 C C2    . DG D 8  ? 3.46501  5.24055  4.47945  1.53459  1.43759  1.47979  207 DG D C2    
833 N N2    . DG D 8  ? 3.56898  5.28727  4.56582  1.53626  1.46038  1.52129  207 DG D N2    
834 N N3    . DG D 8  ? 3.50276  5.30492  4.52111  1.54554  1.42068  1.48322  207 DG D N3    
835 C C4    . DG D 8  ? 3.40026  5.25852  4.43794  1.54383  1.39838  1.43778  207 DG D C4    
836 P P     . DT D 9  ? 4.13246  6.05932  5.18907  1.58983  1.31973  1.51987  208 DT D P     
837 O OP1   . DT D 9  ? 4.29355  6.24012  5.34634  1.60073  1.31513  1.53185  208 DT D OP1   
838 O OP2   . DT D 9  ? 3.96316  5.92336  5.04397  1.58405  1.29650  1.47328  208 DT D OP2   
839 O "O5'" . DT D 9  ? 4.10520  5.98949  5.15361  1.58663  1.33003  1.56363  208 DT D "O5'" 
840 C "C5'" . DT D 9  ? 3.93885  5.80645  4.99464  1.57620  1.32896  1.55698  208 DT D "C5'" 
841 C "C4'" . DT D 9  ? 3.99174  5.80621  5.02708  1.57318  1.35789  1.59010  208 DT D "C4'" 
842 O "O4'" . DT D 9  ? 3.91295  5.72269  4.94172  1.56974  1.37210  1.56750  208 DT D "O4'" 
843 C "C3'" . DT D 9  ? 3.91921  5.70859  4.95942  1.56364  1.35877  1.59960  208 DT D "C3'" 
844 O "O3'" . DT D 9  ? 4.06151  5.83798  5.10094  1.56616  1.35687  1.63531  208 DT D "O3'" 
845 C "C2'" . DT D 9  ? 3.87531  5.62039  4.89706  1.56099  1.38763  1.61478  208 DT D "C2'" 
846 C "C1'" . DT D 9  ? 3.89852  5.66762  4.91965  1.56164  1.39013  1.57959  208 DT D "C1'" 
847 N N1    . DT D 9  ? 3.74038  5.53269  4.77636  1.55093  1.38090  1.53495  208 DT D N1    
848 C C2    . DT D 9  ? 3.70185  5.46443  4.73402  1.54093  1.39573  1.53557  208 DT D C2    
849 O O2    . DT D 9  ? 3.79413  5.50837  4.81133  1.54074  1.41668  1.57187  208 DT D O2    
850 N N3    . DT D 9  ? 3.56303  5.35632  4.61048  1.53195  1.38487  1.49066  208 DT D N3    
851 C C4    . DT D 9  ? 3.47285  5.32150  4.53904  1.53373  1.36080  1.44644  208 DT D C4    
852 O O4    . DT D 9  ? 3.36583  5.24160  4.44551  1.52707  1.35207  1.40730  208 DT D O4    
853 C C5    . DT D 9  ? 3.52667  5.40049  4.59616  1.54484  1.34650  1.44858  208 DT D C5    
854 C C7    . DT D 9  ? 3.45758  5.38957  4.54814  1.54912  1.31975  1.40191  208 DT D C7    
855 C C6    . DT D 9  ? 3.65178  5.49707  4.70594  1.55204  1.35736  1.49213  208 DT D C6    
# 
loop_
_pdbx_poly_seq_scheme.asym_id 
_pdbx_poly_seq_scheme.entity_id 
_pdbx_poly_seq_scheme.seq_id 
_pdbx_poly_seq_scheme.mon_id 
_pdbx_poly_seq_scheme.ndb_seq_num 
_pdbx_poly_seq_scheme.pdb_seq_num 
_pdbx_poly_seq_scheme.auth_seq_num 
_pdbx_poly_seq_scheme.pdb_mon_id 
_pdbx_poly_seq_scheme.auth_mon_id 
_pdbx_poly_seq_scheme.pdb_strand_id 
_pdbx_poly_seq_scheme.pdb_ins_code 
_pdbx_poly_seq_scheme.hetero 
A 1 1  DC 1  101 101 DC DC A . n 
A 1 2  DA 2  102 102 DA DA A . n 
A 1 3  DG 3  103 103 DG DG A . n 
A 1 4  DC 4  104 104 DC DC A . n 
A 1 5  DA 5  105 105 DA DA A . n 
A 1 6  DG 6  106 106 DG DG A . n 
A 1 7  DC 7  107 107 DC DC A . n 
A 1 8  DC 8  108 108 DC DC A . n 
A 1 9  DT 9  109 109 DT DT A . n 
A 1 10 DG 10 110 110 DG DG A . n 
A 1 11 DT 11 111 111 DT DT A . n 
A 1 12 DA 12 112 112 DA DA A . n 
A 1 13 DC 13 113 113 DC DC A . n 
A 1 14 DG 14 114 114 DG DG A . n 
A 1 15 DG 15 115 115 DG DG A . n 
A 1 16 DA 16 116 116 DA DA A . n 
A 1 17 DC 17 117 117 DC DC A . n 
A 1 18 DA 18 118 118 DA DA A . n 
A 1 19 DT 19 119 119 DT DT A . n 
A 1 20 DC 20 120 120 DC DC A . n 
A 1 21 DA 21 121 121 DA DA A . n 
B 2 1  DC 1  119 119 DC DC B . n 
B 2 2  DC 2  120 120 DC DC B . n 
B 2 3  DG 3  121 121 DG DG B . n 
B 2 4  DT 4  122 122 DT DT B . n 
B 2 5  DA 5  123 123 DA DA B . n 
B 2 6  DC 6  124 124 DC DC B . n 
B 2 7  DA 7  125 125 DA DA B . n 
C 3 1  DG 1  209 209 DG DG C . n 
C 3 2  DG 2  210 210 DG DG C . n 
C 3 3  DC 3  211 211 DC DC C . n 
C 3 4  DT 4  212 212 DT DT C . n 
C 3 5  DG 5  213 213 DG DG C . n 
D 4 1  DT 1  200 200 DT DT D . n 
D 4 2  DC 2  201 201 DC DC D . n 
D 4 3  DG 3  202 202 DG DG D . n 
D 4 4  DT 4  203 203 DT DT D . n 
D 4 5  DG 5  204 204 DG DG D . n 
D 4 6  DA 6  205 205 DA DA D . n 
D 4 7  DT 7  206 206 DT DT D . n 
D 4 8  DG 8  207 207 DG DG D . n 
D 4 9  DT 9  208 208 DT DT D . n 
# 
_pdbx_contact_author.id                 2 
_pdbx_contact_author.email              ruojie.sha@nyu.edu 
_pdbx_contact_author.name_first         Ruojie 
_pdbx_contact_author.name_last          Sha 
_pdbx_contact_author.name_mi            ? 
_pdbx_contact_author.role               'principal investigator/group leader' 
_pdbx_contact_author.identifier_ORCID   0000-0002-0807-734X 
# 
_pdbx_struct_assembly.id                   1 
_pdbx_struct_assembly.details              author_defined_assembly 
_pdbx_struct_assembly.method_details       ? 
_pdbx_struct_assembly.oligomeric_details   dodecameric 
_pdbx_struct_assembly.oligomeric_count     12 
# 
_pdbx_struct_assembly_gen.assembly_id       1 
_pdbx_struct_assembly_gen.oper_expression   1,2,3 
_pdbx_struct_assembly_gen.asym_id_list      A,B,C,D 
# 
loop_
_pdbx_struct_oper_list.id 
_pdbx_struct_oper_list.type 
_pdbx_struct_oper_list.name 
_pdbx_struct_oper_list.symmetry_operation 
_pdbx_struct_oper_list.matrix[1][1] 
_pdbx_struct_oper_list.matrix[1][2] 
_pdbx_struct_oper_list.matrix[1][3] 
_pdbx_struct_oper_list.vector[1] 
_pdbx_struct_oper_list.matrix[2][1] 
_pdbx_struct_oper_list.matrix[2][2] 
_pdbx_struct_oper_list.matrix[2][3] 
_pdbx_struct_oper_list.vector[2] 
_pdbx_struct_oper_list.matrix[3][1] 
_pdbx_struct_oper_list.matrix[3][2] 
_pdbx_struct_oper_list.matrix[3][3] 
_pdbx_struct_oper_list.vector[3] 
1 'identity operation'         1_555 x,y,z       1.0000000000 0.0000000000 0.0000000000  0.0000000000   0.0000000000 1.0000000000  0.0000000000  0.0000000000  0.0000000000  0.0000000000  1.0000000000  0.0000000000  
2 'crystal symmetry operation' 2_565 -y,x-y+1,z  0.6592028123 0.6309651025 0.4090656325  -12.7106856096 0.6260777993 -0.1592147551 -0.7633329883 23.4344969679 -0.4165071927 0.7592981635  -0.4999880571 -1.3917697482 
3 'crystal symmetry operation' 3_455 -x+y-1,-x,z 0.6592028123 0.6260777993 -0.4165071927 -6.8725807003  0.6309651025 -0.1592147551 0.7592981635  12.8078849601 0.4090656325  -0.7633329883 -0.4999880571 22.3919609951 
# 
loop_
_pdbx_audit_revision_history.ordinal 
_pdbx_audit_revision_history.data_content_type 
_pdbx_audit_revision_history.major_revision 
_pdbx_audit_revision_history.minor_revision 
_pdbx_audit_revision_history.revision_date 
1 'Structure model' 1 0 2023-01-11 
2 'Structure model' 1 1 2023-01-18 
3 'Structure model' 1 2 2023-02-08 
4 'Structure model' 1 3 2023-08-16 
5 'Structure model' 1 4 2023-10-25 
# 
_pdbx_audit_revision_details.ordinal             1 
_pdbx_audit_revision_details.revision_ordinal    1 
_pdbx_audit_revision_details.data_content_type   'Structure model' 
_pdbx_audit_revision_details.provider            repository 
_pdbx_audit_revision_details.type                'Initial release' 
_pdbx_audit_revision_details.description         ? 
_pdbx_audit_revision_details.details             ? 
# 
loop_
_pdbx_audit_revision_group.ordinal 
_pdbx_audit_revision_group.revision_ordinal 
_pdbx_audit_revision_group.data_content_type 
_pdbx_audit_revision_group.group 
1 2 'Structure model' 'Database references'    
2 3 'Structure model' 'Database references'    
3 4 'Structure model' 'Data collection'        
4 4 'Structure model' Other                    
5 5 'Structure model' 'Refinement description' 
# 
loop_
_pdbx_audit_revision_category.ordinal 
_pdbx_audit_revision_category.revision_ordinal 
_pdbx_audit_revision_category.data_content_type 
_pdbx_audit_revision_category.category 
1 2 'Structure model' citation                      
2 2 'Structure model' citation_author               
3 3 'Structure model' citation                      
4 4 'Structure model' chem_comp_atom                
5 4 'Structure model' chem_comp_bond                
6 4 'Structure model' pdbx_database_status          
7 5 'Structure model' pdbx_initial_refinement_model 
# 
loop_
_pdbx_audit_revision_item.ordinal 
_pdbx_audit_revision_item.revision_ordinal 
_pdbx_audit_revision_item.data_content_type 
_pdbx_audit_revision_item.item 
1 2 'Structure model' '_citation.page_first'                        
2 2 'Structure model' '_citation.page_last'                         
3 2 'Structure model' '_citation_author.identifier_ORCID'           
4 3 'Structure model' '_citation.journal_volume'                    
5 3 'Structure model' '_citation.year'                              
6 4 'Structure model' '_pdbx_database_status.pdb_format_compatible' 
# 
loop_
_space_group_symop.id 
_space_group_symop.operation_xyz 
1 x,y,z        
2 x-y,x,z+1/2  
3 y,-x+y,z+1/2 
4 -y,x-y,z     
5 -x+y,-x,z    
6 -x,-y,z+1/2  
# 
loop_
_pdbx_refine_tls.pdbx_refine_id 
_pdbx_refine_tls.id 
_pdbx_refine_tls.details 
_pdbx_refine_tls.method 
_pdbx_refine_tls.origin_x 
_pdbx_refine_tls.origin_y 
_pdbx_refine_tls.origin_z 
_pdbx_refine_tls.T[1][1] 
_pdbx_refine_tls.T[2][2] 
_pdbx_refine_tls.T[3][3] 
_pdbx_refine_tls.T[1][2] 
_pdbx_refine_tls.T[1][3] 
_pdbx_refine_tls.T[2][3] 
_pdbx_refine_tls.L[1][1] 
_pdbx_refine_tls.L[2][2] 
_pdbx_refine_tls.L[3][3] 
_pdbx_refine_tls.L[1][2] 
_pdbx_refine_tls.L[1][3] 
_pdbx_refine_tls.L[2][3] 
_pdbx_refine_tls.S[1][1] 
_pdbx_refine_tls.S[2][2] 
_pdbx_refine_tls.S[3][3] 
_pdbx_refine_tls.S[1][2] 
_pdbx_refine_tls.S[1][3] 
_pdbx_refine_tls.S[2][3] 
_pdbx_refine_tls.S[2][1] 
_pdbx_refine_tls.S[3][1] 
_pdbx_refine_tls.S[3][2] 
'X-RAY DIFFRACTION' 1 ? refined 1.0580  2.4927   -3.4023  5.07812373601 1.47625964620 2.9588125032  -1.729331933577 1.118657403759 -0.21121500601 6.38641226400   2.1090617089   4.01193924053  -0.702295005365 -1.25726290372  -0.24881764660 2.17637781809   3.24645459131  3.36900640777   2.29788208200  -2.444748182851 0.141096314547  0.695072999823  0.608415393695  -1.79903085554  
'X-RAY DIFFRACTION' 2 ? refined -0.7067 1.7965   -0.2885  5.92595965734 1.80255865290 3.07928095896 1.019250288825  0.500983848228 0.51106804528  -0.057648688203 0.064131918370 0.075603468012 0.062238285119  0.093795542476  0.054343582451 -0.395109975663 1.23113482159  1.588809044765  1.271816601451 0.493014387950  -0.203211199216 -1.221688625908 -0.11695092368  -0.61270244993  
'X-RAY DIFFRACTION' 3 ? refined 7.4110  13.6554  -15.2873 4.81528714198 6.23113286827 1.99961419864 -2.32723619251  -4.25700348999 -1.07932433515 4.38920094239   1.66036109851  2.50801122170  0.515482283766  2.7331900940    0.56522483488  -1.15098653865  0.497895533630 -1.131265093230 1.30206953005  -1.192788878719 -1.833043475885 -0.236931899218 -0.376144758990 1.36227124356   
'X-RAY DIFFRACTION' 4 ? refined -6.8108 -13.5994 16.9480  1.44225734373 5.4503185079  3.87923722418 2.543555477498  3.11334647063  1.762239981520 0.84242230259   0.429998330378 3.87821002385  0.31671188912   -0.533177515377 0.742548250982 0.398418534573  0.12150509284  1.987987182160  0.41886525748  0.213338950888  -0.203673499928 0.742611833930  1.016732845544  -0.915640751191 
# 
loop_
_pdbx_refine_tls_group.pdbx_refine_id 
_pdbx_refine_tls_group.id 
_pdbx_refine_tls_group.refine_tls_id 
_pdbx_refine_tls_group.beg_auth_asym_id 
_pdbx_refine_tls_group.beg_auth_seq_id 
_pdbx_refine_tls_group.end_auth_asym_id 
_pdbx_refine_tls_group.end_auth_seq_id 
_pdbx_refine_tls_group.selection_details 
_pdbx_refine_tls_group.beg_label_asym_id 
_pdbx_refine_tls_group.beg_label_seq_id 
_pdbx_refine_tls_group.end_label_asym_id 
_pdbx_refine_tls_group.end_label_seq_id 
_pdbx_refine_tls_group.selection 
'X-RAY DIFFRACTION' 1 1 A 101 A 121 '( CHAIN A AND RESID 101:121 )' ? ? ? ? ? 
'X-RAY DIFFRACTION' 2 2 B 119 B 125 '( CHAIN B AND RESID 119:125 )' ? ? ? ? ? 
'X-RAY DIFFRACTION' 3 3 C 209 C 213 '( CHAIN C AND RESID 209:213 )' ? ? ? ? ? 
'X-RAY DIFFRACTION' 4 4 D 201 D 208 '( CHAIN D AND RESID 201:208 )' ? ? ? ? ? 
# 
loop_
_software.citation_id 
_software.classification 
_software.compiler_name 
_software.compiler_version 
_software.contact_author 
_software.contact_author_email 
_software.date 
_software.description 
_software.dependencies 
_software.hardware 
_software.language 
_software.location 
_software.mods 
_software.name 
_software.os 
_software.os_version 
_software.type 
_software.version 
_software.pdbx_ordinal 
? refinement       ? ? ? ? ? ? ? ? ? ? ? PHENIX    ? ? ? 1.19.2_4158 1 
? 'data reduction' ? ? ? ? ? ? ? ? ? ? ? autoPROC  ? ? ? .           2 
? 'data scaling'   ? ? ? ? ? ? ? ? ? ? ? STARANISO ? ? ? .           3 
? phasing          ? ? ? ? ? ? ? ? ? ? ? PHASER    ? ? ? .           4 
# 
_pdbx_validate_rmsd_bond.id                        1 
_pdbx_validate_rmsd_bond.PDB_model_num             1 
_pdbx_validate_rmsd_bond.auth_atom_id_1            N3 
_pdbx_validate_rmsd_bond.auth_asym_id_1            D 
_pdbx_validate_rmsd_bond.auth_comp_id_1            DT 
_pdbx_validate_rmsd_bond.auth_seq_id_1             200 
_pdbx_validate_rmsd_bond.PDB_ins_code_1            ? 
_pdbx_validate_rmsd_bond.label_alt_id_1            ? 
_pdbx_validate_rmsd_bond.auth_atom_id_2            C4 
_pdbx_validate_rmsd_bond.auth_asym_id_2            D 
_pdbx_validate_rmsd_bond.auth_comp_id_2            DT 
_pdbx_validate_rmsd_bond.auth_seq_id_2             200 
_pdbx_validate_rmsd_bond.PDB_ins_code_2            ? 
_pdbx_validate_rmsd_bond.label_alt_id_2            ? 
_pdbx_validate_rmsd_bond.bond_value                1.430 
_pdbx_validate_rmsd_bond.bond_target_value         1.382 
_pdbx_validate_rmsd_bond.bond_deviation            0.048 
_pdbx_validate_rmsd_bond.bond_standard_deviation   0.008 
_pdbx_validate_rmsd_bond.linker_flag               N 
# 
loop_
_pdbx_validate_rmsd_angle.id 
_pdbx_validate_rmsd_angle.PDB_model_num 
_pdbx_validate_rmsd_angle.auth_atom_id_1 
_pdbx_validate_rmsd_angle.auth_asym_id_1 
_pdbx_validate_rmsd_angle.auth_comp_id_1 
_pdbx_validate_rmsd_angle.auth_seq_id_1 
_pdbx_validate_rmsd_angle.PDB_ins_code_1 
_pdbx_validate_rmsd_angle.label_alt_id_1 
_pdbx_validate_rmsd_angle.auth_atom_id_2 
_pdbx_validate_rmsd_angle.auth_asym_id_2 
_pdbx_validate_rmsd_angle.auth_comp_id_2 
_pdbx_validate_rmsd_angle.auth_seq_id_2 
_pdbx_validate_rmsd_angle.PDB_ins_code_2 
_pdbx_validate_rmsd_angle.label_alt_id_2 
_pdbx_validate_rmsd_angle.auth_atom_id_3 
_pdbx_validate_rmsd_angle.auth_asym_id_3 
_pdbx_validate_rmsd_angle.auth_comp_id_3 
_pdbx_validate_rmsd_angle.auth_seq_id_3 
_pdbx_validate_rmsd_angle.PDB_ins_code_3 
_pdbx_validate_rmsd_angle.label_alt_id_3 
_pdbx_validate_rmsd_angle.angle_value 
_pdbx_validate_rmsd_angle.angle_target_value 
_pdbx_validate_rmsd_angle.angle_deviation 
_pdbx_validate_rmsd_angle.angle_standard_deviation 
_pdbx_validate_rmsd_angle.linker_flag 
1 1 "O4'" A DC 120 ? ? "C1'" A DC 120 ? ? N1    A DC 120 ? ? 111.11 108.30 2.81  0.30 N 
2 1 "O4'" D DA 205 ? ? "C1'" D DA 205 ? ? N9    D DA 205 ? ? 110.26 108.30 1.96  0.30 N 
3 1 "C3'" D DT 206 ? ? "C2'" D DT 206 ? ? "C1'" D DT 206 ? ? 96.94  102.40 -5.46 0.80 N 
# 
loop_
_chem_comp_atom.comp_id 
_chem_comp_atom.atom_id 
_chem_comp_atom.type_symbol 
_chem_comp_atom.pdbx_aromatic_flag 
_chem_comp_atom.pdbx_stereo_config 
_chem_comp_atom.pdbx_ordinal 
DA OP3    O N N 1   
DA P      P N N 2   
DA OP1    O N N 3   
DA OP2    O N N 4   
DA "O5'"  O N N 5   
DA "C5'"  C N N 6   
DA "C4'"  C N R 7   
DA "O4'"  O N N 8   
DA "C3'"  C N S 9   
DA "O3'"  O N N 10  
DA "C2'"  C N N 11  
DA "C1'"  C N R 12  
DA N9     N Y N 13  
DA C8     C Y N 14  
DA N7     N Y N 15  
DA C5     C Y N 16  
DA C6     C Y N 17  
DA N6     N N N 18  
DA N1     N Y N 19  
DA C2     C Y N 20  
DA N3     N Y N 21  
DA C4     C Y N 22  
DA HOP3   H N N 23  
DA HOP2   H N N 24  
DA "H5'"  H N N 25  
DA "H5''" H N N 26  
DA "H4'"  H N N 27  
DA "H3'"  H N N 28  
DA "HO3'" H N N 29  
DA "H2'"  H N N 30  
DA "H2''" H N N 31  
DA "H1'"  H N N 32  
DA H8     H N N 33  
DA H61    H N N 34  
DA H62    H N N 35  
DA H2     H N N 36  
DC OP3    O N N 37  
DC P      P N N 38  
DC OP1    O N N 39  
DC OP2    O N N 40  
DC "O5'"  O N N 41  
DC "C5'"  C N N 42  
DC "C4'"  C N R 43  
DC "O4'"  O N N 44  
DC "C3'"  C N S 45  
DC "O3'"  O N N 46  
DC "C2'"  C N N 47  
DC "C1'"  C N R 48  
DC N1     N N N 49  
DC C2     C N N 50  
DC O2     O N N 51  
DC N3     N N N 52  
DC C4     C N N 53  
DC N4     N N N 54  
DC C5     C N N 55  
DC C6     C N N 56  
DC HOP3   H N N 57  
DC HOP2   H N N 58  
DC "H5'"  H N N 59  
DC "H5''" H N N 60  
DC "H4'"  H N N 61  
DC "H3'"  H N N 62  
DC "HO3'" H N N 63  
DC "H2'"  H N N 64  
DC "H2''" H N N 65  
DC "H1'"  H N N 66  
DC H41    H N N 67  
DC H42    H N N 68  
DC H5     H N N 69  
DC H6     H N N 70  
DG OP3    O N N 71  
DG P      P N N 72  
DG OP1    O N N 73  
DG OP2    O N N 74  
DG "O5'"  O N N 75  
DG "C5'"  C N N 76  
DG "C4'"  C N R 77  
DG "O4'"  O N N 78  
DG "C3'"  C N S 79  
DG "O3'"  O N N 80  
DG "C2'"  C N N 81  
DG "C1'"  C N R 82  
DG N9     N Y N 83  
DG C8     C Y N 84  
DG N7     N Y N 85  
DG C5     C Y N 86  
DG C6     C N N 87  
DG O6     O N N 88  
DG N1     N N N 89  
DG C2     C N N 90  
DG N2     N N N 91  
DG N3     N N N 92  
DG C4     C Y N 93  
DG HOP3   H N N 94  
DG HOP2   H N N 95  
DG "H5'"  H N N 96  
DG "H5''" H N N 97  
DG "H4'"  H N N 98  
DG "H3'"  H N N 99  
DG "HO3'" H N N 100 
DG "H2'"  H N N 101 
DG "H2''" H N N 102 
DG "H1'"  H N N 103 
DG H8     H N N 104 
DG H1     H N N 105 
DG H21    H N N 106 
DG H22    H N N 107 
DT OP3    O N N 108 
DT P      P N N 109 
DT OP1    O N N 110 
DT OP2    O N N 111 
DT "O5'"  O N N 112 
DT "C5'"  C N N 113 
DT "C4'"  C N R 114 
DT "O4'"  O N N 115 
DT "C3'"  C N S 116 
DT "O3'"  O N N 117 
DT "C2'"  C N N 118 
DT "C1'"  C N R 119 
DT N1     N N N 120 
DT C2     C N N 121 
DT O2     O N N 122 
DT N3     N N N 123 
DT C4     C N N 124 
DT O4     O N N 125 
DT C5     C N N 126 
DT C7     C N N 127 
DT C6     C N N 128 
DT HOP3   H N N 129 
DT HOP2   H N N 130 
DT "H5'"  H N N 131 
DT "H5''" H N N 132 
DT "H4'"  H N N 133 
DT "H3'"  H N N 134 
DT "HO3'" H N N 135 
DT "H2'"  H N N 136 
DT "H2''" H N N 137 
DT "H1'"  H N N 138 
DT H3     H N N 139 
DT H71    H N N 140 
DT H72    H N N 141 
DT H73    H N N 142 
DT H6     H N N 143 
# 
loop_
_chem_comp_bond.comp_id 
_chem_comp_bond.atom_id_1 
_chem_comp_bond.atom_id_2 
_chem_comp_bond.value_order 
_chem_comp_bond.pdbx_aromatic_flag 
_chem_comp_bond.pdbx_stereo_config 
_chem_comp_bond.pdbx_ordinal 
DA OP3   P      sing N N 1   
DA OP3   HOP3   sing N N 2   
DA P     OP1    doub N N 3   
DA P     OP2    sing N N 4   
DA P     "O5'"  sing N N 5   
DA OP2   HOP2   sing N N 6   
DA "O5'" "C5'"  sing N N 7   
DA "C5'" "C4'"  sing N N 8   
DA "C5'" "H5'"  sing N N 9   
DA "C5'" "H5''" sing N N 10  
DA "C4'" "O4'"  sing N N 11  
DA "C4'" "C3'"  sing N N 12  
DA "C4'" "H4'"  sing N N 13  
DA "O4'" "C1'"  sing N N 14  
DA "C3'" "O3'"  sing N N 15  
DA "C3'" "C2'"  sing N N 16  
DA "C3'" "H3'"  sing N N 17  
DA "O3'" "HO3'" sing N N 18  
DA "C2'" "C1'"  sing N N 19  
DA "C2'" "H2'"  sing N N 20  
DA "C2'" "H2''" sing N N 21  
DA "C1'" N9     sing N N 22  
DA "C1'" "H1'"  sing N N 23  
DA N9    C8     sing Y N 24  
DA N9    C4     sing Y N 25  
DA C8    N7     doub Y N 26  
DA C8    H8     sing N N 27  
DA N7    C5     sing Y N 28  
DA C5    C6     sing Y N 29  
DA C5    C4     doub Y N 30  
DA C6    N6     sing N N 31  
DA C6    N1     doub Y N 32  
DA N6    H61    sing N N 33  
DA N6    H62    sing N N 34  
DA N1    C2     sing Y N 35  
DA C2    N3     doub Y N 36  
DA C2    H2     sing N N 37  
DA N3    C4     sing Y N 38  
DC OP3   P      sing N N 39  
DC OP3   HOP3   sing N N 40  
DC P     OP1    doub N N 41  
DC P     OP2    sing N N 42  
DC P     "O5'"  sing N N 43  
DC OP2   HOP2   sing N N 44  
DC "O5'" "C5'"  sing N N 45  
DC "C5'" "C4'"  sing N N 46  
DC "C5'" "H5'"  sing N N 47  
DC "C5'" "H5''" sing N N 48  
DC "C4'" "O4'"  sing N N 49  
DC "C4'" "C3'"  sing N N 50  
DC "C4'" "H4'"  sing N N 51  
DC "O4'" "C1'"  sing N N 52  
DC "C3'" "O3'"  sing N N 53  
DC "C3'" "C2'"  sing N N 54  
DC "C3'" "H3'"  sing N N 55  
DC "O3'" "HO3'" sing N N 56  
DC "C2'" "C1'"  sing N N 57  
DC "C2'" "H2'"  sing N N 58  
DC "C2'" "H2''" sing N N 59  
DC "C1'" N1     sing N N 60  
DC "C1'" "H1'"  sing N N 61  
DC N1    C2     sing N N 62  
DC N1    C6     sing N N 63  
DC C2    O2     doub N N 64  
DC C2    N3     sing N N 65  
DC N3    C4     doub N N 66  
DC C4    N4     sing N N 67  
DC C4    C5     sing N N 68  
DC N4    H41    sing N N 69  
DC N4    H42    sing N N 70  
DC C5    C6     doub N N 71  
DC C5    H5     sing N N 72  
DC C6    H6     sing N N 73  
DG OP3   P      sing N N 74  
DG OP3   HOP3   sing N N 75  
DG P     OP1    doub N N 76  
DG P     OP2    sing N N 77  
DG P     "O5'"  sing N N 78  
DG OP2   HOP2   sing N N 79  
DG "O5'" "C5'"  sing N N 80  
DG "C5'" "C4'"  sing N N 81  
DG "C5'" "H5'"  sing N N 82  
DG "C5'" "H5''" sing N N 83  
DG "C4'" "O4'"  sing N N 84  
DG "C4'" "C3'"  sing N N 85  
DG "C4'" "H4'"  sing N N 86  
DG "O4'" "C1'"  sing N N 87  
DG "C3'" "O3'"  sing N N 88  
DG "C3'" "C2'"  sing N N 89  
DG "C3'" "H3'"  sing N N 90  
DG "O3'" "HO3'" sing N N 91  
DG "C2'" "C1'"  sing N N 92  
DG "C2'" "H2'"  sing N N 93  
DG "C2'" "H2''" sing N N 94  
DG "C1'" N9     sing N N 95  
DG "C1'" "H1'"  sing N N 96  
DG N9    C8     sing Y N 97  
DG N9    C4     sing Y N 98  
DG C8    N7     doub Y N 99  
DG C8    H8     sing N N 100 
DG N7    C5     sing Y N 101 
DG C5    C6     sing N N 102 
DG C5    C4     doub Y N 103 
DG C6    O6     doub N N 104 
DG C6    N1     sing N N 105 
DG N1    C2     sing N N 106 
DG N1    H1     sing N N 107 
DG C2    N2     sing N N 108 
DG C2    N3     doub N N 109 
DG N2    H21    sing N N 110 
DG N2    H22    sing N N 111 
DG N3    C4     sing N N 112 
DT OP3   P      sing N N 113 
DT OP3   HOP3   sing N N 114 
DT P     OP1    doub N N 115 
DT P     OP2    sing N N 116 
DT P     "O5'"  sing N N 117 
DT OP2   HOP2   sing N N 118 
DT "O5'" "C5'"  sing N N 119 
DT "C5'" "C4'"  sing N N 120 
DT "C5'" "H5'"  sing N N 121 
DT "C5'" "H5''" sing N N 122 
DT "C4'" "O4'"  sing N N 123 
DT "C4'" "C3'"  sing N N 124 
DT "C4'" "H4'"  sing N N 125 
DT "O4'" "C1'"  sing N N 126 
DT "C3'" "O3'"  sing N N 127 
DT "C3'" "C2'"  sing N N 128 
DT "C3'" "H3'"  sing N N 129 
DT "O3'" "HO3'" sing N N 130 
DT "C2'" "C1'"  sing N N 131 
DT "C2'" "H2'"  sing N N 132 
DT "C2'" "H2''" sing N N 133 
DT "C1'" N1     sing N N 134 
DT "C1'" "H1'"  sing N N 135 
DT N1    C2     sing N N 136 
DT N1    C6     sing N N 137 
DT C2    O2     doub N N 138 
DT C2    N3     sing N N 139 
DT N3    C4     sing N N 140 
DT N3    H3     sing N N 141 
DT C4    O4     doub N N 142 
DT C4    C5     sing N N 143 
DT C5    C7     sing N N 144 
DT C5    C6     doub N N 145 
DT C7    H71    sing N N 146 
DT C7    H72    sing N N 147 
DT C7    H73    sing N N 148 
DT C6    H6     sing N N 149 
# 
loop_
_ndb_struct_conf_na.entry_id 
_ndb_struct_conf_na.feature 
8CS3 'double helix'        
8CS3 'b-form double helix' 
# 
loop_
_ndb_struct_na_base_pair.model_number 
_ndb_struct_na_base_pair.i_label_asym_id 
_ndb_struct_na_base_pair.i_label_comp_id 
_ndb_struct_na_base_pair.i_label_seq_id 
_ndb_struct_na_base_pair.i_symmetry 
_ndb_struct_na_base_pair.j_label_asym_id 
_ndb_struct_na_base_pair.j_label_comp_id 
_ndb_struct_na_base_pair.j_label_seq_id 
_ndb_struct_na_base_pair.j_symmetry 
_ndb_struct_na_base_pair.shear 
_ndb_struct_na_base_pair.stretch 
_ndb_struct_na_base_pair.stagger 
_ndb_struct_na_base_pair.buckle 
_ndb_struct_na_base_pair.propeller 
_ndb_struct_na_base_pair.opening 
_ndb_struct_na_base_pair.pair_number 
_ndb_struct_na_base_pair.pair_name 
_ndb_struct_na_base_pair.i_auth_asym_id 
_ndb_struct_na_base_pair.i_auth_seq_id 
_ndb_struct_na_base_pair.i_PDB_ins_code 
_ndb_struct_na_base_pair.j_auth_asym_id 
_ndb_struct_na_base_pair.j_auth_seq_id 
_ndb_struct_na_base_pair.j_PDB_ins_code 
_ndb_struct_na_base_pair.hbond_type_28 
_ndb_struct_na_base_pair.hbond_type_12 
1 A DC 4  1_555 C DG 5 1_555 0.186  -0.197 -0.058 7.453   1.779   -3.538 1  A_DC104:DG213_C A 104 ? C 213 ? 19 1 
1 A DA 5  1_555 C DT 4 1_555 0.246  -0.145 0.798  -6.859  -8.239  -9.368 2  A_DA105:DT212_C A 105 ? C 212 ? 20 1 
1 A DG 6  1_555 C DC 3 1_555 -0.034 -0.216 0.785  -10.648 -8.771  -6.334 3  A_DG106:DC211_C A 106 ? C 211 ? 19 1 
1 A DC 8  1_555 C DG 1 1_555 -3.301 0.571  0.058  -10.051 -21.495 11.655 4  A_DC108:DG209_C A 108 ? C 209 ? ?  ? 
1 A DT 9  1_555 B DA 7 1_555 -0.054 -0.243 0.535  0.443   4.380   7.000  5  A_DT109:DA125_B A 109 ? B 125 ? 20 1 
1 A DG 10 1_555 B DC 6 1_555 -0.184 -0.278 -1.241 -10.786 -7.900  5.815  6  A_DG110:DC124_B A 110 ? B 124 ? 19 1 
1 A DT 11 1_555 B DA 5 1_555 -0.335 -0.250 -0.889 -3.598  -6.921  -0.188 7  A_DT111:DA123_B A 111 ? B 123 ? 20 1 
1 A DA 12 1_555 B DT 4 1_555 -0.066 -0.314 -0.424 -3.109  -6.823  0.046  8  A_DA112:DT122_B A 112 ? B 122 ? 20 1 
1 A DC 13 1_555 B DG 3 1_555 0.061  -0.210 0.463  -1.193  -9.440  -2.733 9  A_DC113:DG121_B A 113 ? B 121 ? 19 1 
1 A DG 14 1_555 B DC 2 1_555 -0.353 -0.241 -0.343 -2.880  -6.721  -5.706 10 A_DG114:DC120_B A 114 ? B 120 ? 19 1 
1 A DG 15 1_555 B DC 1 1_555 -0.003 -0.175 0.634  22.131  -13.778 -1.973 11 A_DG115:DC119_B A 115 ? B 119 ? 19 1 
1 A DA 16 1_555 D DT 9 1_555 0.178  -0.192 0.792  9.248   -12.472 -6.517 12 A_DA116:DT208_D A 116 ? D 208 ? 20 1 
1 A DC 17 1_555 D DG 8 1_555 0.309  0.062  0.404  0.544   -4.834  8.095  13 A_DC117:DG207_D A 117 ? D 207 ? 19 1 
1 A DA 18 1_555 D DT 7 1_555 -0.027 -0.295 0.561  -9.844  -15.330 2.160  14 A_DA118:DT206_D A 118 ? D 206 ? 20 1 
1 A DT 19 1_555 D DA 6 1_555 -0.163 -0.293 0.794  -4.777  2.668   16.311 15 A_DT119:DA205_D A 119 ? D 205 ? 20 1 
1 A DC 20 1_555 D DG 5 1_555 0.333  -0.301 0.804  4.182   6.883   12.682 16 A_DC120:DG204_D A 120 ? D 204 ? 19 1 
1 A DA 21 1_555 D DT 4 1_555 0.286  -0.423 -1.593 -9.061  -9.127  -2.859 17 A_DA121:DT203_D A 121 ? D 203 ? 20 1 
# 
loop_
_ndb_struct_na_base_pair_step.model_number 
_ndb_struct_na_base_pair_step.i_label_asym_id_1 
_ndb_struct_na_base_pair_step.i_label_comp_id_1 
_ndb_struct_na_base_pair_step.i_label_seq_id_1 
_ndb_struct_na_base_pair_step.i_symmetry_1 
_ndb_struct_na_base_pair_step.j_label_asym_id_1 
_ndb_struct_na_base_pair_step.j_label_comp_id_1 
_ndb_struct_na_base_pair_step.j_label_seq_id_1 
_ndb_struct_na_base_pair_step.j_symmetry_1 
_ndb_struct_na_base_pair_step.i_label_asym_id_2 
_ndb_struct_na_base_pair_step.i_label_comp_id_2 
_ndb_struct_na_base_pair_step.i_label_seq_id_2 
_ndb_struct_na_base_pair_step.i_symmetry_2 
_ndb_struct_na_base_pair_step.j_label_asym_id_2 
_ndb_struct_na_base_pair_step.j_label_comp_id_2 
_ndb_struct_na_base_pair_step.j_label_seq_id_2 
_ndb_struct_na_base_pair_step.j_symmetry_2 
_ndb_struct_na_base_pair_step.shift 
_ndb_struct_na_base_pair_step.slide 
_ndb_struct_na_base_pair_step.rise 
_ndb_struct_na_base_pair_step.tilt 
_ndb_struct_na_base_pair_step.roll 
_ndb_struct_na_base_pair_step.twist 
_ndb_struct_na_base_pair_step.x_displacement 
_ndb_struct_na_base_pair_step.y_displacement 
_ndb_struct_na_base_pair_step.helical_rise 
_ndb_struct_na_base_pair_step.inclination 
_ndb_struct_na_base_pair_step.tip 
_ndb_struct_na_base_pair_step.helical_twist 
_ndb_struct_na_base_pair_step.step_number 
_ndb_struct_na_base_pair_step.step_name 
_ndb_struct_na_base_pair_step.i_auth_asym_id_1 
_ndb_struct_na_base_pair_step.i_auth_seq_id_1 
_ndb_struct_na_base_pair_step.i_PDB_ins_code_1 
_ndb_struct_na_base_pair_step.j_auth_asym_id_1 
_ndb_struct_na_base_pair_step.j_auth_seq_id_1 
_ndb_struct_na_base_pair_step.j_PDB_ins_code_1 
_ndb_struct_na_base_pair_step.i_auth_asym_id_2 
_ndb_struct_na_base_pair_step.i_auth_seq_id_2 
_ndb_struct_na_base_pair_step.i_PDB_ins_code_2 
_ndb_struct_na_base_pair_step.j_auth_asym_id_2 
_ndb_struct_na_base_pair_step.j_auth_seq_id_2 
_ndb_struct_na_base_pair_step.j_PDB_ins_code_2 
1 A DC 4  1_555 C DG 5 1_555 A DA 5  1_555 C DT 4 1_555 -0.331 0.114  3.944 -8.189  3.275   40.830 -0.260 -0.585 3.933 4.629   
11.575  41.732 1  AA_DC104DA105:DT212DG213_CC A 104 ? C 213 ? A 105 ? C 212 ? 
1 A DA 5  1_555 C DT 4 1_555 A DG 6  1_555 C DC 3 1_555 0.697  -0.633 3.338 -1.975  2.969   35.564 -1.463 -1.424 3.234 4.846   
3.224   35.736 2  AA_DA105DG106:DC211DT212_CC A 105 ? C 212 ? A 106 ? C 211 ? 
1 A DG 6  1_555 C DC 3 1_555 A DC 8  1_555 C DG 1 1_555 0.186  -2.246 5.310 -7.882  -4.871  60.857 -1.820 -0.791 5.400 -4.779  
7.733   61.492 3  AA_DG106DC108:DG209DC211_CC A 106 ? C 211 ? A 108 ? C 209 ? 
1 A DC 8  1_555 C DG 1 1_555 A DT 9  1_555 B DA 7 1_555 -0.459 -1.532 3.443 -9.031  -13.711 34.869 -0.345 -0.609 3.769 -21.472 
14.142  38.432 4  AA_DC108DT109:DA125DG209_BC A 108 ? C 209 ? A 109 ? B 125 ? 
1 A DT 9  1_555 B DA 7 1_555 A DG 10 1_555 B DC 6 1_555 0.033  0.012  3.809 9.076   27.702  32.653 -3.173 1.000  2.904 40.642  
-13.316 43.506 5  AA_DT109DG110:DC124DA125_BB A 109 ? B 125 ? A 110 ? B 124 ? 
1 A DG 10 1_555 B DC 6 1_555 A DT 11 1_555 B DA 5 1_555 -1.482 -0.818 3.054 -0.666  -0.546  29.663 -1.490 2.762  3.100 -1.066  
1.301   29.675 6  AA_DG110DT111:DA123DC124_BB A 110 ? B 124 ? A 111 ? B 123 ? 
1 A DT 11 1_555 B DA 5 1_555 A DA 12 1_555 B DT 4 1_555 0.072  1.546  3.458 0.929   1.132   42.985 1.990  -0.001 3.496 1.544   
-1.268  43.008 7  AA_DT111DA112:DT122DA123_BB A 111 ? B 123 ? A 112 ? B 122 ? 
1 A DA 12 1_555 B DT 4 1_555 A DC 13 1_555 B DG 3 1_555 -0.681 -0.018 3.159 -7.557  1.885   32.171 -0.347 -0.068 3.225 3.341   
13.394  33.077 8  AA_DA112DC113:DG121DT122_BB A 112 ? B 122 ? A 113 ? B 121 ? 
1 A DC 13 1_555 B DG 3 1_555 A DG 14 1_555 B DC 2 1_555 -0.295 2.503  3.120 3.368   -1.479  39.407 3.860  0.806  2.993 -2.188  
-4.981  39.571 9  AA_DC113DG114:DC120DG121_BB A 113 ? B 121 ? A 114 ? B 120 ? 
1 A DG 14 1_555 B DC 2 1_555 A DG 15 1_555 B DC 1 1_555 0.683  0.917  3.037 -6.401  -2.735  33.479 1.950  -2.073 2.782 -4.685  
10.965  34.175 10 AA_DG114DG115:DC119DC120_BB A 114 ? B 120 ? A 115 ? B 119 ? 
1 A DG 15 1_555 B DC 1 1_555 A DA 16 1_555 D DT 9 1_555 -2.354 -0.950 3.297 -17.453 -1.283  32.040 -1.306 0.855  4.045 -2.138  
29.071  36.397 11 AA_DG115DA116:DT208DC119_DB A 115 ? B 119 ? A 116 ? D 208 ? 
1 A DA 16 1_555 D DT 9 1_555 A DC 17 1_555 D DG 8 1_555 1.169  -0.578 3.597 4.386   0.502   27.999 -1.310 -1.248 3.722 1.030   
-8.994  28.338 12 AA_DA116DC117:DG207DT208_DD A 116 ? D 208 ? A 117 ? D 207 ? 
1 A DC 17 1_555 D DG 8 1_555 A DA 18 1_555 D DT 7 1_555 -1.221 0.583  3.248 -5.009  -7.361  40.535 1.609  1.190  3.221 -10.472 
7.126   41.461 13 AA_DC117DA118:DT206DG207_DD A 117 ? D 207 ? A 118 ? D 206 ? 
1 A DA 18 1_555 D DT 7 1_555 A DT 19 1_555 D DA 6 1_555 0.928  -0.549 3.115 -3.201  -8.878  34.324 0.346  -1.968 3.062 -14.702 
5.300   35.560 14 AA_DA118DT119:DA205DT206_DD A 118 ? D 206 ? A 119 ? D 205 ? 
1 A DT 19 1_555 D DA 6 1_555 A DC 20 1_555 D DG 5 1_555 -0.561 -0.544 2.843 -0.670  2.903   27.371 -1.756 1.036  2.784 6.111   
1.412   27.530 15 AA_DT119DC120:DG204DA205_DD A 119 ? D 205 ? A 120 ? D 204 ? 
1 A DC 20 1_555 D DG 5 1_555 A DA 21 1_555 D DT 4 1_555 -1.365 -0.588 3.209 18.507  19.737  37.709 -2.217 3.118  1.877 26.748  
-25.081 46.123 16 AA_DC120DA121:DT203DG204_DD A 120 ? D 204 ? A 121 ? D 203 ? 
# 
loop_
_pdbx_audit_support.funding_organization 
_pdbx_audit_support.country 
_pdbx_audit_support.grant_number 
_pdbx_audit_support.ordinal 
'National Science Foundation (NSF, United States)' 'United States' CTS1120890    1 
'National Science Foundation (NSF, United States)' 'United States' CCF-1117210   2 
'National Science Foundation (NSF, United States)' 'United States' EFRI-1332411  3 
'National Science Foundation (NSF, United States)' 'United States' CHE-1708776   4 
'Office of Naval Research (ONR)'                   'United States' N000141110729 5 
'Office of Naval Research (ONR)'                   'United States' N000140911118 6 
'Department of Energy (DOE, United States)'        'United States' DESC0007991   7 
# 
_pdbx_initial_refinement_model.id               1 
_pdbx_initial_refinement_model.entity_id_list   ? 
_pdbx_initial_refinement_model.type             'experimental model' 
_pdbx_initial_refinement_model.source_name      PDB 
_pdbx_initial_refinement_model.accession_code   7R96 
_pdbx_initial_refinement_model.details          ? 
# 
_pdbx_struct_assembly_auth_evidence.id                     1 
_pdbx_struct_assembly_auth_evidence.assembly_id            1 
_pdbx_struct_assembly_auth_evidence.experimental_support   'native gel electrophoresis' 
_pdbx_struct_assembly_auth_evidence.details                ? 
# 
_space_group.name_H-M_alt     'P 63' 
_space_group.name_Hall        'P 6c' 
_space_group.IT_number        173 
_space_group.crystal_system   hexagonal 
_space_group.id               1 
# 
